data_6C92
#
_entry.id   6C92
#
_cell.length_a   85.859
_cell.length_b   108.780
_cell.length_c   195.519
_cell.angle_alpha   90.00
_cell.angle_beta   90.00
_cell.angle_gamma   90.00
#
_symmetry.space_group_name_H-M   'P 21 21 21'
#
loop_
_entity.id
_entity.type
_entity.pdbx_description
1 polymer 'PLP-Dependent L-Arginine Hydroxylase MppP'
2 polymer 'PLP-Dependent L-Arginine Hydroxylase MppP'
3 non-polymer (E)-N~2~-({3-hydroxy-2-methyl-5-[(phosphonooxy)methyl]pyridin-4-yl}methylidene)-L-arginine
4 non-polymer '(4S)-5-carbamimidamido-4-hydroxy-2-oxopentanoic acid'
5 water water
#
loop_
_entity_poly.entity_id
_entity_poly.type
_entity_poly.pdbx_seq_one_letter_code
_entity_poly.pdbx_strand_id
1 'polypeptide(L)'
;MTTQPQLKENLTQWEYLALNSELNIADGHARQALSPGQQKIVNELPVLWAESEQRPVQQIESEAHQAYFTLLGQHGYPAE
PGRVLSCYSSSVSMEILARSLSASVDRVALVHPTFDNIADLLRGNGLDLVPVEEDALHGADLSAELLSSVGCVFVTTPNN
PTGRVLAEERLRRLAEQCAEHGTVLALDTSFRGFDAAAHYDHYAVLQEAGCRWVVIEDTGKLWPTLDLKAGLLVFSEDIG
LPVEKIYSDILLGVSPLILALIREFSRDAADGGLADLHAFILHNRSVVRRALAGVEGVSFPDPESRSSVERVAFAGRTGT
EVWEELQRHHVFALPCRQFHWAEPSDGDHMVRIALSRSTEPLEKSVQVLRTVLETR
;
A
2 'polypeptide(L)'
;MTTQPQLKENLTQWEYLALNSELNIADGHARQALSPGQQKIVNELPVLWAESEQRPVQQIESEAHQAYFTLLGQHGYPAE
PGRVLSCYSSSVSMEILARSLSASVDRVALVHPTFDNIADLLRGNGLDLVPVEEDALHGADLSAELLSSVGCVFVTTPNN
PTGRVLAEERLRRLAEQCAEHGTVLALDTSFRGFDAAAHYDHYAVLQEAGCRWVVIEDTG(LLP)LWPTLDLKAGLLVFS
EDIGLPVEKIYSDILLGVSPLILALIREFSRDAADGGLADLHAFILHNRSVVRRALAGVEGVSFPDPESRSSVERVAFAG
RTGTEVWEELQRHHVFALPCRQFHWAEPSDGDHMVRIALSRSTEPLEKSVQVLRTVLETR
;
B,C,D
#
# COMPACT_ATOMS: atom_id res chain seq x y z
N GLU A 9 30.37 8.24 9.91
CA GLU A 9 31.22 7.79 8.82
C GLU A 9 30.44 6.78 7.95
N ASN A 10 30.64 6.92 6.65
CA ASN A 10 30.06 6.03 5.67
C ASN A 10 30.95 6.12 4.43
N LEU A 11 30.60 5.37 3.38
CA LEU A 11 31.42 5.39 2.17
C LEU A 11 31.40 6.77 1.53
N THR A 12 30.24 7.45 1.58
CA THR A 12 30.17 8.78 0.97
C THR A 12 31.19 9.72 1.59
N GLN A 13 31.45 9.60 2.89
CA GLN A 13 32.42 10.49 3.51
C GLN A 13 33.84 10.17 3.04
N TRP A 14 34.16 8.90 2.77
CA TRP A 14 35.42 8.59 2.08
C TRP A 14 35.44 9.23 0.69
N GLU A 15 34.29 9.25 0.01
CA GLU A 15 34.23 9.76 -1.36
C GLU A 15 34.42 11.28 -1.39
N TYR A 16 34.00 12.00 -0.34
CA TYR A 16 34.24 13.45 -0.31
C TYR A 16 35.71 13.79 -0.40
N LEU A 17 36.59 12.95 0.18
CA LEU A 17 38.02 13.27 0.16
C LEU A 17 38.60 13.27 -1.24
N ALA A 18 37.98 12.55 -2.18
CA ALA A 18 38.48 12.40 -3.54
C ALA A 18 37.92 13.41 -4.52
N LEU A 19 36.92 14.19 -4.13
CA LEU A 19 36.03 14.83 -5.09
C LEU A 19 36.73 15.91 -5.92
N ASN A 20 37.75 16.56 -5.37
CA ASN A 20 38.45 17.63 -6.09
C ASN A 20 39.84 17.19 -6.54
N SER A 21 40.08 15.87 -6.66
CA SER A 21 41.39 15.33 -6.97
C SER A 21 41.41 14.72 -8.38
N GLU A 22 42.57 14.81 -9.02
CA GLU A 22 42.74 14.26 -10.37
C GLU A 22 42.65 12.74 -10.37
N LEU A 23 43.21 12.09 -9.35
CA LEU A 23 43.27 10.63 -9.31
C LEU A 23 42.19 10.07 -8.38
N ASN A 24 40.97 10.56 -8.60
CA ASN A 24 39.77 10.02 -7.97
C ASN A 24 39.36 8.75 -8.70
N ILE A 25 39.54 7.59 -8.07
CA ILE A 25 38.93 6.35 -8.55
C ILE A 25 38.06 5.79 -7.42
N ALA A 26 37.43 6.68 -6.67
CA ALA A 26 36.60 6.31 -5.53
C ALA A 26 35.12 6.19 -5.90
N ASP A 27 34.41 7.30 -6.03
CA ASP A 27 32.97 7.22 -6.26
C ASP A 27 32.66 6.64 -7.63
N GLY A 28 31.51 6.00 -7.73
CA GLY A 28 31.14 5.26 -8.91
C GLY A 28 30.51 6.08 -9.99
N HIS A 29 30.34 7.38 -9.79
CA HIS A 29 29.71 8.22 -10.81
C HIS A 29 30.56 8.24 -12.07
N ALA A 30 29.90 8.50 -13.19
CA ALA A 30 30.55 8.49 -14.50
C ALA A 30 31.28 9.81 -14.72
N ARG A 31 32.59 9.73 -14.88
CA ARG A 31 33.41 10.92 -15.07
C ARG A 31 34.32 10.83 -16.29
N GLN A 32 34.13 9.84 -17.15
CA GLN A 32 34.90 9.80 -18.39
C GLN A 32 34.43 10.91 -19.32
N ALA A 33 35.18 11.14 -20.40
CA ALA A 33 34.81 12.14 -21.38
C ALA A 33 33.55 11.72 -22.13
N LEU A 34 32.80 12.72 -22.60
CA LEU A 34 31.65 12.48 -23.46
C LEU A 34 32.12 11.82 -24.76
N SER A 35 31.29 10.94 -25.31
CA SER A 35 31.51 10.47 -26.67
C SER A 35 31.14 11.60 -27.64
N PRO A 36 31.50 11.47 -28.92
CA PRO A 36 31.06 12.52 -29.86
C PRO A 36 29.56 12.64 -29.97
N GLY A 37 28.82 11.53 -29.93
CA GLY A 37 27.37 11.63 -29.99
C GLY A 37 26.81 12.34 -28.77
N GLN A 38 27.41 12.10 -27.60
CA GLN A 38 26.98 12.75 -26.38
C GLN A 38 27.36 14.22 -26.38
N GLN A 39 28.54 14.55 -26.91
CA GLN A 39 28.91 15.97 -27.01
C GLN A 39 27.96 16.73 -27.94
N LYS A 40 27.44 16.07 -28.98
CA LYS A 40 26.43 16.71 -29.83
C LYS A 40 25.18 17.07 -29.05
N ILE A 41 24.75 16.19 -28.13
CA ILE A 41 23.59 16.51 -27.30
C ILE A 41 23.88 17.74 -26.45
N VAL A 42 25.05 17.77 -25.82
CA VAL A 42 25.43 18.90 -24.98
C VAL A 42 25.48 20.19 -25.80
N ASN A 43 26.03 20.12 -27.01
CA ASN A 43 26.05 21.30 -27.87
C ASN A 43 24.67 21.84 -28.17
N GLU A 44 23.64 20.99 -28.16
CA GLU A 44 22.26 21.41 -28.42
C GLU A 44 21.48 21.68 -27.15
N LEU A 45 22.16 21.85 -26.01
CA LEU A 45 21.44 22.13 -24.79
C LEU A 45 20.53 23.35 -24.89
N PRO A 46 20.90 24.43 -25.58
CA PRO A 46 19.94 25.56 -25.73
C PRO A 46 18.68 25.16 -26.46
N VAL A 47 18.76 24.21 -27.39
CA VAL A 47 17.55 23.70 -28.05
C VAL A 47 16.72 22.86 -27.09
N LEU A 48 17.38 21.99 -26.33
CA LEU A 48 16.64 21.22 -25.33
C LEU A 48 15.98 22.12 -24.29
N TRP A 49 16.66 23.22 -23.94
CA TRP A 49 16.06 24.20 -23.06
C TRP A 49 14.77 24.76 -23.65
N ALA A 50 14.82 25.18 -24.92
CA ALA A 50 13.61 25.70 -25.57
C ALA A 50 12.50 24.66 -25.59
N GLU A 51 12.86 23.42 -25.89
CA GLU A 51 11.85 22.36 -25.86
C GLU A 51 11.23 22.25 -24.47
N SER A 52 12.06 22.32 -23.43
CA SER A 52 11.56 22.17 -22.07
C SER A 52 10.69 23.34 -21.63
N GLU A 53 10.92 24.54 -22.17
CA GLU A 53 10.03 25.65 -21.88
C GLU A 53 8.70 25.50 -22.57
N GLN A 54 8.70 24.90 -23.76
CA GLN A 54 7.53 24.93 -24.64
C GLN A 54 6.61 23.73 -24.49
N ARG A 55 7.13 22.56 -24.17
CA ARG A 55 6.31 21.36 -24.20
C ARG A 55 5.82 20.98 -22.80
N PRO A 56 4.67 20.31 -22.69
CA PRO A 56 4.25 19.80 -21.38
C PRO A 56 5.25 18.80 -20.83
N VAL A 57 5.62 18.98 -19.56
CA VAL A 57 6.62 18.11 -18.96
C VAL A 57 6.18 16.65 -19.00
N GLN A 58 4.88 16.39 -18.92
CA GLN A 58 4.43 14.99 -18.96
C GLN A 58 4.83 14.30 -20.25
N GLN A 59 4.82 15.03 -21.37
CA GLN A 59 5.22 14.44 -22.64
C GLN A 59 6.71 14.15 -22.64
N ILE A 60 7.53 15.08 -22.14
CA ILE A 60 8.97 14.84 -22.11
C ILE A 60 9.27 13.69 -21.17
N GLU A 61 8.61 13.68 -20.02
CA GLU A 61 8.84 12.62 -19.06
C GLU A 61 8.47 11.25 -19.61
N SER A 62 7.30 11.14 -20.23
CA SER A 62 6.92 9.86 -20.84
C SER A 62 7.94 9.43 -21.87
N GLU A 63 8.44 10.37 -22.67
CA GLU A 63 9.40 9.99 -23.69
C GLU A 63 10.72 9.54 -23.08
N ALA A 64 11.14 10.21 -22.01
CA ALA A 64 12.38 9.82 -21.35
C ALA A 64 12.25 8.44 -20.74
N HIS A 65 11.15 8.16 -20.06
CA HIS A 65 10.95 6.84 -19.48
C HIS A 65 10.89 5.79 -20.57
N GLN A 66 10.11 6.04 -21.61
CA GLN A 66 10.03 5.06 -22.69
C GLN A 66 11.42 4.75 -23.26
N ALA A 67 12.21 5.79 -23.53
CA ALA A 67 13.52 5.59 -24.10
C ALA A 67 14.42 4.76 -23.17
N TYR A 68 14.42 5.10 -21.87
CA TYR A 68 15.32 4.45 -20.93
C TYR A 68 14.90 3.01 -20.63
N PHE A 69 13.61 2.78 -20.36
CA PHE A 69 13.16 1.43 -20.07
C PHE A 69 13.28 0.53 -21.30
N THR A 70 12.95 1.03 -22.48
CA THR A 70 13.03 0.16 -23.65
C THR A 70 14.49 -0.16 -24.01
N LEU A 71 15.38 0.83 -23.87
CA LEU A 71 16.81 0.61 -24.07
C LEU A 71 17.30 -0.60 -23.30
N LEU A 72 16.86 -0.74 -22.06
CA LEU A 72 17.38 -1.78 -21.19
C LEU A 72 16.45 -2.97 -21.08
N GLY A 73 15.55 -3.17 -22.04
CA GLY A 73 14.76 -4.39 -22.09
C GLY A 73 13.53 -4.42 -21.22
N GLN A 74 13.17 -3.32 -20.57
CA GLN A 74 12.14 -3.34 -19.54
C GLN A 74 10.78 -2.94 -20.13
N HIS A 75 10.36 -3.72 -21.12
CA HIS A 75 9.21 -3.33 -21.95
C HIS A 75 7.89 -3.32 -21.20
N GLY A 76 7.78 -4.13 -20.14
CA GLY A 76 6.56 -4.20 -19.35
C GLY A 76 6.41 -3.15 -18.27
N TYR A 77 7.29 -2.13 -18.24
CA TYR A 77 7.19 -1.14 -17.18
C TYR A 77 5.81 -0.47 -17.24
N PRO A 78 5.26 -0.04 -16.09
CA PRO A 78 3.95 0.63 -16.10
C PRO A 78 4.04 2.03 -16.67
N ALA A 79 3.48 2.23 -17.86
CA ALA A 79 3.66 3.47 -18.61
C ALA A 79 2.55 4.48 -18.37
N GLU A 80 1.55 4.15 -17.58
CA GLU A 80 0.53 5.15 -17.26
C GLU A 80 1.15 6.27 -16.41
N PRO A 81 0.82 7.52 -16.70
CA PRO A 81 1.39 8.62 -15.89
C PRO A 81 1.18 8.41 -14.40
N GLY A 82 2.25 8.63 -13.63
CA GLY A 82 2.22 8.52 -12.18
C GLY A 82 2.68 7.20 -11.61
N ARG A 83 2.89 6.18 -12.43
CA ARG A 83 3.38 4.91 -11.95
C ARG A 83 4.90 4.88 -11.83
N VAL A 84 5.57 5.75 -12.58
CA VAL A 84 7.02 5.94 -12.50
C VAL A 84 7.23 7.33 -11.97
N LEU A 85 7.81 7.43 -10.76
CA LEU A 85 8.03 8.70 -10.09
C LEU A 85 9.48 9.13 -10.30
N SER A 86 9.67 10.25 -10.98
CA SER A 86 11.01 10.75 -11.29
C SER A 86 11.51 11.56 -10.11
N CYS A 87 12.64 11.16 -9.56
CA CYS A 87 13.25 11.76 -8.38
C CYS A 87 14.60 12.38 -8.74
N TYR A 88 15.07 13.30 -7.89
CA TYR A 88 16.34 13.96 -8.15
C TYR A 88 17.48 12.96 -8.25
N SER A 89 17.41 11.87 -7.49
CA SER A 89 18.44 10.86 -7.47
C SER A 89 17.82 9.57 -6.98
N SER A 90 18.55 8.47 -7.17
CA SER A 90 18.17 7.18 -6.62
C SER A 90 18.19 7.19 -5.10
N SER A 91 19.10 7.96 -4.49
CA SER A 91 19.10 8.05 -3.03
C SER A 91 17.86 8.77 -2.53
N VAL A 92 17.35 9.75 -3.29
CA VAL A 92 16.09 10.39 -2.90
C VAL A 92 14.97 9.37 -3.01
N SER A 93 14.95 8.58 -4.10
CA SER A 93 14.00 7.48 -4.20
C SER A 93 14.09 6.56 -2.97
N MET A 94 15.32 6.27 -2.54
CA MET A 94 15.53 5.33 -1.42
C MET A 94 15.07 5.94 -0.10
N GLU A 95 15.26 7.25 0.07
CA GLU A 95 14.75 7.92 1.26
C GLU A 95 13.23 7.83 1.29
N ILE A 96 12.58 8.07 0.16
CA ILE A 96 11.13 7.94 0.08
C ILE A 96 10.71 6.52 0.43
N LEU A 97 11.37 5.53 -0.15
CA LEU A 97 11.03 4.14 0.13
C LEU A 97 11.25 3.78 1.61
N ALA A 98 12.42 4.16 2.16
CA ALA A 98 12.70 3.86 3.56
C ALA A 98 11.64 4.48 4.47
N ARG A 99 11.33 5.76 4.24
CA ARG A 99 10.33 6.41 5.06
C ARG A 99 8.98 5.75 4.90
N SER A 100 8.67 5.33 3.67
CA SER A 100 7.37 4.74 3.41
C SER A 100 7.25 3.38 4.07
N LEU A 101 8.37 2.64 4.15
CA LEU A 101 8.38 1.36 4.85
C LEU A 101 8.20 1.51 6.36
N SER A 102 8.71 2.59 6.93
CA SER A 102 8.93 2.60 8.37
C SER A 102 7.64 2.53 9.20
N ALA A 103 6.47 2.93 8.70
CA ALA A 103 5.28 2.82 9.56
C ALA A 103 4.84 1.37 9.77
N SER A 104 4.98 0.54 8.74
CA SER A 104 4.40 -0.80 8.77
C SER A 104 5.41 -1.93 8.83
N VAL A 105 6.68 -1.64 8.66
CA VAL A 105 7.71 -2.68 8.56
C VAL A 105 8.74 -2.42 9.64
N ASP A 106 9.06 -3.44 10.40
CA ASP A 106 10.12 -3.34 11.38
C ASP A 106 11.45 -3.85 10.89
N ARG A 107 11.46 -4.90 10.05
CA ARG A 107 12.67 -5.58 9.61
C ARG A 107 12.70 -5.72 8.11
N VAL A 108 13.88 -5.52 7.53
CA VAL A 108 14.13 -5.63 6.10
C VAL A 108 15.27 -6.61 5.91
N ALA A 109 15.05 -7.60 5.05
CA ALA A 109 16.13 -8.46 4.61
C ALA A 109 16.85 -7.77 3.47
N LEU A 110 18.17 -7.59 3.60
CA LEU A 110 18.95 -6.79 2.66
C LEU A 110 20.15 -7.58 2.19
N VAL A 111 20.40 -7.57 0.89
CA VAL A 111 21.57 -8.27 0.36
C VAL A 111 22.85 -7.70 0.96
N HIS A 112 23.79 -8.60 1.23
CA HIS A 112 25.01 -8.27 1.93
C HIS A 112 26.18 -8.93 1.19
N PRO A 113 27.19 -8.15 0.77
CA PRO A 113 27.34 -6.69 0.89
C PRO A 113 26.47 -5.93 -0.09
N THR A 114 26.35 -4.61 0.10
CA THR A 114 25.77 -3.75 -0.92
C THR A 114 26.21 -2.32 -0.60
N PHE A 115 25.82 -1.38 -1.46
CA PHE A 115 26.24 0.00 -1.19
C PHE A 115 25.67 0.47 0.14
N ASP A 116 26.51 1.13 0.95
CA ASP A 116 26.18 1.28 2.36
C ASP A 116 25.07 2.31 2.60
N ASN A 117 24.83 3.27 1.70
CA ASN A 117 23.75 4.20 2.02
C ASN A 117 22.38 3.55 1.91
N ILE A 118 22.25 2.40 1.25
CA ILE A 118 20.99 1.66 1.31
C ILE A 118 20.72 1.22 2.74
N ALA A 119 21.72 0.60 3.38
CA ALA A 119 21.60 0.26 4.79
C ALA A 119 21.43 1.49 5.67
N ASP A 120 22.21 2.54 5.40
CA ASP A 120 22.15 3.70 6.31
C ASP A 120 20.84 4.47 6.18
N LEU A 121 20.27 4.54 4.98
CA LEU A 121 18.96 5.19 4.84
C LEU A 121 17.87 4.34 5.48
N LEU A 122 17.96 3.02 5.37
CA LEU A 122 16.96 2.20 6.03
C LEU A 122 17.08 2.29 7.55
N ARG A 123 18.31 2.13 8.08
CA ARG A 123 18.49 2.21 9.52
C ARG A 123 18.14 3.58 10.05
N GLY A 124 18.50 4.62 9.30
CA GLY A 124 18.22 5.98 9.72
C GLY A 124 16.73 6.26 9.85
N ASN A 125 15.90 5.53 9.14
CA ASN A 125 14.45 5.65 9.20
C ASN A 125 13.82 4.60 10.10
N GLY A 126 14.60 3.92 10.92
CA GLY A 126 14.04 3.08 11.97
C GLY A 126 13.92 1.62 11.63
N LEU A 127 14.38 1.18 10.48
CA LEU A 127 14.25 -0.22 10.12
C LEU A 127 15.45 -1.03 10.64
N ASP A 128 15.16 -2.22 11.12
CA ASP A 128 16.20 -3.17 11.47
C ASP A 128 16.50 -4.03 10.25
N LEU A 129 17.78 -4.35 10.08
CA LEU A 129 18.26 -5.05 8.89
C LEU A 129 18.67 -6.47 9.21
N VAL A 130 18.40 -7.37 8.28
CA VAL A 130 18.79 -8.77 8.36
C VAL A 130 19.62 -9.06 7.11
N PRO A 131 20.91 -9.38 7.23
CA PRO A 131 21.70 -9.59 6.02
C PRO A 131 21.38 -10.92 5.35
N VAL A 132 21.39 -10.91 4.03
CA VAL A 132 21.32 -12.13 3.22
C VAL A 132 22.57 -12.19 2.36
N GLU A 133 23.39 -13.22 2.57
CA GLU A 133 24.60 -13.34 1.77
C GLU A 133 24.26 -13.68 0.33
N GLU A 134 25.17 -13.31 -0.59
CA GLU A 134 24.86 -13.46 -2.00
C GLU A 134 24.67 -14.92 -2.41
N ASP A 135 25.48 -15.83 -1.88
CA ASP A 135 25.34 -17.21 -2.33
C ASP A 135 23.98 -17.78 -1.91
N ALA A 136 23.50 -17.38 -0.74
CA ALA A 136 22.17 -17.80 -0.27
C ALA A 136 21.07 -17.17 -1.12
N LEU A 137 21.19 -15.88 -1.46
CA LEU A 137 20.13 -15.21 -2.19
C LEU A 137 19.93 -15.81 -3.58
N HIS A 138 21.04 -16.09 -4.26
CA HIS A 138 21.01 -16.53 -5.65
C HIS A 138 20.83 -18.04 -5.77
N GLY A 139 21.35 -18.79 -4.79
CA GLY A 139 21.52 -20.22 -4.92
C GLY A 139 20.36 -21.05 -4.44
N ALA A 140 19.47 -20.48 -3.62
CA ALA A 140 18.39 -21.27 -3.04
C ALA A 140 17.24 -20.35 -2.67
N ASP A 141 16.06 -20.95 -2.52
CA ASP A 141 14.93 -20.23 -1.96
C ASP A 141 15.28 -19.65 -0.58
N LEU A 142 14.64 -18.54 -0.24
CA LEU A 142 14.75 -18.01 1.11
C LEU A 142 13.89 -18.85 2.05
N SER A 143 14.34 -18.95 3.29
CA SER A 143 13.64 -19.75 4.28
C SER A 143 12.31 -19.09 4.67
N ALA A 144 11.33 -19.96 4.99
CA ALA A 144 10.07 -19.47 5.53
C ALA A 144 10.30 -18.66 6.81
N GLU A 145 11.26 -19.09 7.65
CA GLU A 145 11.53 -18.38 8.89
C GLU A 145 11.95 -16.95 8.62
N LEU A 146 12.85 -16.75 7.66
CA LEU A 146 13.28 -15.40 7.31
C LEU A 146 12.13 -14.60 6.75
N LEU A 147 11.44 -15.13 5.75
CA LEU A 147 10.44 -14.35 5.03
C LEU A 147 9.26 -13.99 5.91
N SER A 148 8.89 -14.86 6.86
CA SER A 148 7.78 -14.56 7.75
C SER A 148 8.16 -13.55 8.82
N SER A 149 9.46 -13.23 8.97
CA SER A 149 9.95 -12.34 10.00
C SER A 149 10.32 -10.95 9.46
N VAL A 150 10.15 -10.71 8.18
CA VAL A 150 10.62 -9.49 7.55
C VAL A 150 9.47 -8.95 6.69
N GLY A 151 9.35 -7.61 6.60
CA GLY A 151 8.29 -6.98 5.84
C GLY A 151 8.68 -6.57 4.43
N CYS A 152 9.97 -6.64 4.16
CA CYS A 152 10.54 -6.27 2.89
C CYS A 152 11.84 -7.06 2.70
N VAL A 153 12.04 -7.52 1.47
CA VAL A 153 13.29 -8.07 0.98
C VAL A 153 13.84 -7.09 -0.04
N PHE A 154 15.10 -6.66 0.12
CA PHE A 154 15.71 -5.65 -0.73
C PHE A 154 16.96 -6.21 -1.40
N VAL A 155 16.97 -6.22 -2.73
CA VAL A 155 18.09 -6.73 -3.53
C VAL A 155 18.57 -5.67 -4.50
N THR A 156 19.88 -5.41 -4.48
CA THR A 156 20.53 -4.56 -5.45
C THR A 156 21.00 -5.46 -6.60
N THR A 157 20.52 -5.21 -7.81
CA THR A 157 20.94 -6.07 -8.93
C THR A 157 20.99 -5.29 -10.23
N PRO A 158 22.15 -5.30 -10.92
CA PRO A 158 23.46 -5.85 -10.55
C PRO A 158 23.91 -5.28 -9.21
N ASN A 159 24.50 -6.09 -8.35
CA ASN A 159 24.88 -5.58 -7.06
C ASN A 159 26.10 -4.66 -7.17
N ASN A 160 26.17 -3.71 -6.27
CA ASN A 160 27.34 -2.87 -6.06
C ASN A 160 27.79 -3.24 -4.66
N PRO A 161 29.00 -3.79 -4.49
CA PRO A 161 30.18 -3.72 -5.37
C PRO A 161 30.51 -4.96 -6.20
N THR A 162 29.69 -6.01 -6.18
CA THR A 162 30.10 -7.31 -6.72
C THR A 162 29.74 -7.52 -8.18
N GLY A 163 28.82 -6.73 -8.72
CA GLY A 163 28.34 -6.96 -10.08
C GLY A 163 27.42 -8.14 -10.23
N ARG A 164 27.11 -8.86 -9.16
CA ARG A 164 26.31 -10.08 -9.29
C ARG A 164 24.89 -9.73 -9.73
N VAL A 165 24.37 -10.49 -10.71
CA VAL A 165 23.07 -10.23 -11.32
C VAL A 165 22.07 -11.30 -10.87
N LEU A 166 20.93 -10.86 -10.35
CA LEU A 166 19.82 -11.76 -10.04
C LEU A 166 19.20 -12.29 -11.34
N ALA A 167 19.31 -13.59 -11.54
CA ALA A 167 18.86 -14.20 -12.78
C ALA A 167 17.34 -14.29 -12.79
N GLU A 168 16.79 -14.42 -13.99
CA GLU A 168 15.34 -14.31 -14.16
C GLU A 168 14.60 -15.37 -13.34
N GLU A 169 15.09 -16.61 -13.37
CA GLU A 169 14.42 -17.65 -12.61
C GLU A 169 14.47 -17.38 -11.10
N ARG A 170 15.55 -16.80 -10.61
CA ARG A 170 15.61 -16.56 -9.18
C ARG A 170 14.76 -15.35 -8.80
N LEU A 171 14.74 -14.32 -9.64
CA LEU A 171 13.82 -13.21 -9.38
C LEU A 171 12.37 -13.69 -9.35
N ARG A 172 12.00 -14.55 -10.29
CA ARG A 172 10.65 -15.07 -10.33
C ARG A 172 10.32 -15.78 -9.02
N ARG A 173 11.24 -16.63 -8.56
CA ARG A 173 10.99 -17.39 -7.34
C ARG A 173 10.94 -16.48 -6.13
N LEU A 174 11.84 -15.51 -6.08
CA LEU A 174 11.84 -14.58 -4.95
C LEU A 174 10.55 -13.77 -4.90
N ALA A 175 10.09 -13.28 -6.05
CA ALA A 175 8.84 -12.55 -6.10
C ALA A 175 7.65 -13.42 -5.70
N GLU A 176 7.66 -14.68 -6.13
CA GLU A 176 6.62 -15.62 -5.71
C GLU A 176 6.66 -15.84 -4.22
N GLN A 177 7.86 -16.00 -3.65
CA GLN A 177 7.97 -16.20 -2.21
C GLN A 177 7.51 -14.97 -1.44
N CYS A 178 7.89 -13.78 -1.90
CA CYS A 178 7.42 -12.57 -1.25
C CYS A 178 5.90 -12.45 -1.33
N ALA A 179 5.31 -12.82 -2.47
CA ALA A 179 3.86 -12.80 -2.59
C ALA A 179 3.22 -13.74 -1.56
N GLU A 180 3.75 -14.94 -1.44
CA GLU A 180 3.07 -15.90 -0.55
C GLU A 180 3.27 -15.55 0.92
N HIS A 181 4.26 -14.72 1.29
CA HIS A 181 4.46 -14.28 2.66
C HIS A 181 3.98 -12.87 2.93
N GLY A 182 3.39 -12.21 1.95
CA GLY A 182 2.93 -10.84 2.16
C GLY A 182 4.05 -9.82 2.35
N THR A 183 5.22 -10.09 1.78
CA THR A 183 6.42 -9.30 1.95
C THR A 183 6.64 -8.42 0.71
N VAL A 184 7.07 -7.18 0.92
CA VAL A 184 7.38 -6.30 -0.22
C VAL A 184 8.72 -6.75 -0.81
N LEU A 185 8.78 -6.86 -2.12
CA LEU A 185 10.05 -7.06 -2.81
C LEU A 185 10.50 -5.74 -3.41
N ALA A 186 11.70 -5.29 -3.03
CA ALA A 186 12.26 -4.04 -3.50
C ALA A 186 13.57 -4.31 -4.22
N LEU A 187 13.71 -3.73 -5.40
CA LEU A 187 14.93 -3.87 -6.19
C LEU A 187 15.57 -2.50 -6.45
N ASP A 188 16.89 -2.46 -6.30
CA ASP A 188 17.71 -1.32 -6.75
C ASP A 188 18.47 -1.78 -8.00
N THR A 189 18.12 -1.21 -9.16
CA THR A 189 18.63 -1.62 -10.47
C THR A 189 19.44 -0.51 -11.12
N SER A 190 20.05 0.29 -10.27
CA SER A 190 20.92 1.39 -10.67
C SER A 190 22.02 1.00 -11.66
N PHE A 191 22.61 -0.20 -11.53
CA PHE A 191 23.64 -0.64 -12.45
C PHE A 191 23.11 -1.46 -13.64
N ARG A 192 21.80 -1.44 -13.88
CA ARG A 192 21.22 -2.28 -14.93
C ARG A 192 21.89 -2.09 -16.29
N GLY A 193 22.15 -0.84 -16.69
CA GLY A 193 22.61 -0.58 -18.04
C GLY A 193 23.93 -1.24 -18.40
N PHE A 194 24.73 -1.61 -17.40
CA PHE A 194 26.07 -2.12 -17.63
C PHE A 194 26.10 -3.59 -18.02
N ASP A 195 25.09 -4.38 -17.65
CA ASP A 195 25.17 -5.84 -17.78
C ASP A 195 23.93 -6.35 -18.49
N ALA A 196 24.11 -6.87 -19.71
CA ALA A 196 22.98 -7.38 -20.50
C ALA A 196 22.28 -8.52 -19.80
N ALA A 197 22.92 -9.18 -18.84
CA ALA A 197 22.24 -10.21 -18.10
C ALA A 197 21.10 -9.63 -17.26
N ALA A 198 21.12 -8.32 -16.98
CA ALA A 198 20.03 -7.67 -16.27
C ALA A 198 19.01 -7.02 -17.20
N HIS A 199 19.01 -7.35 -18.49
CA HIS A 199 18.09 -6.73 -19.44
C HIS A 199 16.89 -7.61 -19.81
N TYR A 200 16.75 -8.77 -19.19
CA TYR A 200 15.45 -9.42 -19.27
C TYR A 200 14.41 -8.57 -18.54
N ASP A 201 13.15 -8.72 -18.92
CA ASP A 201 12.09 -7.80 -18.47
C ASP A 201 11.74 -8.12 -17.02
N HIS A 202 12.24 -7.29 -16.08
CA HIS A 202 11.94 -7.50 -14.66
C HIS A 202 10.49 -7.21 -14.31
N TYR A 203 9.89 -6.23 -14.99
CA TYR A 203 8.52 -5.84 -14.69
C TYR A 203 7.54 -6.94 -15.07
N ALA A 204 7.76 -7.59 -16.21
CA ALA A 204 6.96 -8.76 -16.55
C ALA A 204 6.95 -9.78 -15.41
N VAL A 205 8.13 -10.10 -14.88
CA VAL A 205 8.24 -11.10 -13.82
C VAL A 205 7.51 -10.65 -12.55
N LEU A 206 7.73 -9.41 -12.15
CA LEU A 206 7.10 -8.89 -10.94
C LEU A 206 5.58 -8.89 -11.05
N GLN A 207 5.08 -8.43 -12.19
CA GLN A 207 3.63 -8.34 -12.38
C GLN A 207 3.00 -9.73 -12.45
N GLU A 208 3.72 -10.69 -13.02
CA GLU A 208 3.24 -12.05 -13.12
C GLU A 208 3.22 -12.74 -11.77
N ALA A 209 4.22 -12.46 -10.92
CA ALA A 209 4.23 -13.05 -9.59
C ALA A 209 3.19 -12.42 -8.68
N GLY A 210 2.89 -11.14 -8.88
CA GLY A 210 1.84 -10.47 -8.13
C GLY A 210 2.17 -10.19 -6.68
N CYS A 211 3.46 -10.16 -6.32
CA CYS A 211 3.86 -9.61 -5.04
C CYS A 211 3.71 -8.08 -5.06
N ARG A 212 3.67 -7.51 -3.86
CA ARG A 212 3.86 -6.06 -3.73
C ARG A 212 5.32 -5.74 -4.01
N TRP A 213 5.59 -4.79 -4.92
CA TRP A 213 6.96 -4.54 -5.33
C TRP A 213 7.25 -3.07 -5.57
N VAL A 214 8.54 -2.76 -5.48
CA VAL A 214 9.09 -1.44 -5.77
C VAL A 214 10.40 -1.66 -6.49
N VAL A 215 10.65 -0.91 -7.57
CA VAL A 215 11.95 -0.91 -8.23
C VAL A 215 12.47 0.52 -8.24
N ILE A 216 13.72 0.71 -7.87
CA ILE A 216 14.39 1.99 -8.02
C ILE A 216 15.38 1.88 -9.18
N GLU A 217 15.06 2.50 -10.30
CA GLU A 217 15.98 2.63 -11.42
C GLU A 217 16.79 3.91 -11.22
N ASP A 218 17.88 4.02 -11.98
CA ASP A 218 18.77 5.17 -11.83
C ASP A 218 19.41 5.41 -13.17
N THR A 219 19.37 6.65 -13.66
CA THR A 219 20.12 6.96 -14.88
C THR A 219 21.54 7.41 -14.58
N GLY A 220 21.88 7.66 -13.32
CA GLY A 220 23.03 8.48 -13.01
C GLY A 220 24.37 7.83 -13.34
N LYS A 221 24.47 6.51 -13.19
CA LYS A 221 25.78 5.88 -13.26
C LYS A 221 26.27 5.61 -14.68
N LEU A 222 25.37 5.61 -15.67
CA LEU A 222 25.72 5.18 -17.01
C LEU A 222 26.52 6.21 -17.79
N TRP A 223 26.16 7.48 -17.66
CA TRP A 223 26.69 8.46 -18.60
C TRP A 223 27.30 9.64 -17.86
N PRO A 224 28.31 10.26 -18.43
CA PRO A 224 28.96 11.38 -17.75
C PRO A 224 28.22 12.70 -17.95
N THR A 225 27.14 12.87 -17.18
CA THR A 225 26.22 13.99 -17.32
C THR A 225 26.37 15.02 -16.21
N LEU A 226 27.53 15.08 -15.56
CA LEU A 226 27.75 16.08 -14.50
C LEU A 226 26.70 15.93 -13.40
N ASP A 227 26.34 14.69 -13.13
CA ASP A 227 25.37 14.37 -12.09
C ASP A 227 23.96 14.85 -12.39
N LEU A 228 23.66 15.14 -13.65
CA LEU A 228 22.30 15.41 -14.07
C LEU A 228 21.64 14.08 -14.38
N LYS A 229 20.61 13.73 -13.61
CA LYS A 229 20.15 12.36 -13.56
C LYS A 229 18.78 12.31 -12.92
N ALA A 230 18.17 11.13 -12.96
CA ALA A 230 16.98 10.89 -12.16
C ALA A 230 17.04 9.50 -11.58
N GLY A 231 16.51 9.37 -10.37
CA GLY A 231 16.08 8.08 -9.88
C GLY A 231 14.62 7.90 -10.26
N LEU A 232 14.26 6.67 -10.62
CA LEU A 232 12.92 6.36 -11.06
C LEU A 232 12.33 5.35 -10.08
N LEU A 233 11.35 5.78 -9.30
CA LEU A 233 10.72 4.94 -8.30
C LEU A 233 9.46 4.38 -8.93
N VAL A 234 9.43 3.07 -9.12
CA VAL A 234 8.33 2.37 -9.77
C VAL A 234 7.72 1.43 -8.75
N PHE A 235 6.39 1.33 -8.73
CA PHE A 235 5.75 0.54 -7.67
C PHE A 235 4.52 -0.16 -8.20
N SER A 236 4.22 -1.31 -7.61
CA SER A 236 3.02 -2.06 -7.95
C SER A 236 1.79 -1.30 -7.49
N GLU A 237 0.67 -1.53 -8.19
CA GLU A 237 -0.55 -0.79 -7.86
C GLU A 237 -1.03 -1.08 -6.45
N ASP A 238 -0.72 -2.26 -5.92
CA ASP A 238 -1.12 -2.67 -4.57
C ASP A 238 0.00 -2.53 -3.54
N ILE A 239 1.01 -1.69 -3.79
CA ILE A 239 2.17 -1.62 -2.92
C ILE A 239 1.76 -1.41 -1.45
N GLY A 240 0.73 -0.62 -1.19
CA GLY A 240 0.25 -0.47 0.17
C GLY A 240 1.13 0.35 1.08
N LEU A 241 2.05 1.14 0.51
CA LEU A 241 2.98 2.02 1.21
C LEU A 241 2.76 3.43 0.70
N PRO A 242 3.03 4.44 1.53
CA PRO A 242 2.78 5.84 1.13
C PRO A 242 3.85 6.43 0.21
N VAL A 243 4.28 5.69 -0.80
CA VAL A 243 5.38 6.17 -1.64
C VAL A 243 4.95 7.41 -2.44
N GLU A 244 3.71 7.42 -2.97
CA GLU A 244 3.23 8.56 -3.73
C GLU A 244 3.08 9.80 -2.85
N LYS A 245 2.54 9.62 -1.65
CA LYS A 245 2.36 10.74 -0.73
C LYS A 245 3.71 11.34 -0.31
N ILE A 246 4.65 10.49 0.11
CA ILE A 246 5.91 11.03 0.58
C ILE A 246 6.70 11.60 -0.57
N TYR A 247 6.62 11.01 -1.77
CA TYR A 247 7.21 11.63 -2.94
C TYR A 247 6.69 13.06 -3.12
N SER A 248 5.38 13.24 -3.02
CA SER A 248 4.79 14.57 -3.22
C SER A 248 5.13 15.53 -2.08
N ASP A 249 5.44 15.02 -0.89
CA ASP A 249 5.97 15.91 0.15
C ASP A 249 7.37 16.43 -0.22
N ILE A 250 8.12 15.65 -0.98
CA ILE A 250 9.48 16.05 -1.29
C ILE A 250 9.55 16.85 -2.58
N LEU A 251 8.83 16.49 -3.64
CA LEU A 251 9.04 17.21 -4.89
C LEU A 251 7.83 17.18 -5.81
N LEU A 252 7.75 18.23 -6.64
CA LEU A 252 6.76 18.37 -7.69
C LEU A 252 7.15 17.52 -8.90
N GLY A 253 8.44 17.29 -9.06
CA GLY A 253 8.96 16.60 -10.22
C GLY A 253 10.39 17.04 -10.48
N VAL A 254 10.99 16.45 -11.49
CA VAL A 254 12.36 16.80 -11.83
C VAL A 254 12.33 17.79 -13.01
N SER A 255 13.47 18.40 -13.26
CA SER A 255 13.59 19.38 -14.35
C SER A 255 13.26 18.75 -15.68
N PRO A 256 12.41 19.38 -16.50
CA PRO A 256 12.20 18.85 -17.85
C PRO A 256 13.48 18.80 -18.68
N LEU A 257 14.44 19.68 -18.42
CA LEU A 257 15.70 19.63 -19.16
C LEU A 257 16.46 18.35 -18.84
N ILE A 258 16.45 17.93 -17.58
CA ILE A 258 17.11 16.68 -17.24
C ILE A 258 16.38 15.51 -17.89
N LEU A 259 15.05 15.55 -17.89
CA LEU A 259 14.31 14.47 -18.55
C LEU A 259 14.63 14.43 -20.04
N ALA A 260 14.67 15.60 -20.68
CA ALA A 260 15.01 15.64 -22.10
C ALA A 260 16.42 15.11 -22.32
N LEU A 261 17.36 15.46 -21.44
CA LEU A 261 18.71 14.93 -21.53
C LEU A 261 18.76 13.41 -21.41
N ILE A 262 18.01 12.85 -20.47
CA ILE A 262 17.91 11.39 -20.33
C ILE A 262 17.37 10.78 -21.61
N ARG A 263 16.33 11.39 -22.18
CA ARG A 263 15.76 10.88 -23.41
C ARG A 263 16.82 10.84 -24.51
N GLU A 264 17.57 11.93 -24.66
CA GLU A 264 18.58 12.01 -25.71
C GLU A 264 19.76 11.07 -25.47
N PHE A 265 20.24 11.00 -24.23
CA PHE A 265 21.31 10.06 -23.95
C PHE A 265 20.85 8.61 -24.14
N SER A 266 19.58 8.32 -23.79
CA SER A 266 19.06 6.97 -24.01
C SER A 266 18.96 6.67 -25.50
N ARG A 267 18.59 7.67 -26.29
CA ARG A 267 18.48 7.44 -27.74
C ARG A 267 19.85 7.21 -28.36
N ASP A 268 20.83 8.01 -27.96
CA ASP A 268 22.21 7.78 -28.38
C ASP A 268 22.67 6.40 -27.98
N ALA A 269 22.32 5.96 -26.77
CA ALA A 269 22.73 4.63 -26.31
C ALA A 269 22.10 3.55 -27.16
N ALA A 270 20.84 3.73 -27.54
CA ALA A 270 20.15 2.74 -28.35
C ALA A 270 20.72 2.67 -29.76
N ASP A 271 21.34 3.75 -30.23
CA ASP A 271 21.96 3.86 -31.55
C ASP A 271 23.36 3.25 -31.61
N GLY A 272 23.83 2.63 -30.54
CA GLY A 272 25.19 2.09 -30.47
C GLY A 272 26.01 2.59 -29.30
N GLY A 273 25.56 3.65 -28.64
CA GLY A 273 26.29 4.15 -27.48
C GLY A 273 26.40 3.13 -26.37
N LEU A 274 25.34 2.33 -26.15
CA LEU A 274 25.39 1.33 -25.08
C LEU A 274 26.42 0.24 -25.35
N ALA A 275 26.48 -0.24 -26.60
CA ALA A 275 27.55 -1.17 -26.99
C ALA A 275 28.92 -0.56 -26.78
N ASP A 276 29.09 0.72 -27.15
CA ASP A 276 30.36 1.39 -26.95
C ASP A 276 30.68 1.49 -25.46
N LEU A 277 29.67 1.77 -24.65
CA LEU A 277 29.87 1.84 -23.20
C LEU A 277 30.34 0.50 -22.65
N HIS A 278 29.65 -0.59 -23.00
CA HIS A 278 30.10 -1.90 -22.54
C HIS A 278 31.53 -2.19 -22.95
N ALA A 279 31.90 -1.83 -24.19
CA ALA A 279 33.27 -2.07 -24.63
C ALA A 279 34.26 -1.19 -23.86
N PHE A 280 33.85 0.04 -23.54
CA PHE A 280 34.71 0.94 -22.76
C PHE A 280 34.93 0.42 -21.34
N ILE A 281 33.87 0.02 -20.65
CA ILE A 281 34.03 -0.52 -19.30
C ILE A 281 34.87 -1.79 -19.33
N LEU A 282 34.62 -2.67 -20.29
CA LEU A 282 35.42 -3.87 -20.43
C LEU A 282 36.90 -3.54 -20.62
N HIS A 283 37.19 -2.49 -21.39
CA HIS A 283 38.57 -2.08 -21.59
C HIS A 283 39.21 -1.61 -20.29
N ASN A 284 38.52 -0.75 -19.53
CA ASN A 284 39.08 -0.29 -18.26
C ASN A 284 39.20 -1.41 -17.24
N ARG A 285 38.23 -2.33 -17.18
CA ARG A 285 38.41 -3.51 -16.33
C ARG A 285 39.67 -4.28 -16.72
N SER A 286 39.89 -4.47 -18.03
CA SER A 286 41.07 -5.19 -18.50
C SER A 286 42.36 -4.46 -18.12
N VAL A 287 42.33 -3.13 -18.18
CA VAL A 287 43.48 -2.34 -17.77
C VAL A 287 43.83 -2.61 -16.32
N VAL A 288 42.82 -2.65 -15.44
CA VAL A 288 43.09 -2.85 -14.03
C VAL A 288 43.65 -4.24 -13.81
N ARG A 289 43.05 -5.23 -14.47
CA ARG A 289 43.41 -6.60 -14.18
C ARG A 289 44.74 -6.96 -14.80
N ARG A 290 45.01 -6.46 -16.01
CA ARG A 290 46.31 -6.64 -16.63
C ARG A 290 47.39 -5.98 -15.80
N ALA A 291 47.09 -4.80 -15.25
CA ALA A 291 48.07 -4.08 -14.48
C ALA A 291 48.39 -4.79 -13.17
N LEU A 292 47.42 -5.47 -12.57
CA LEU A 292 47.62 -6.10 -11.28
C LEU A 292 47.75 -7.61 -11.38
N ALA A 293 47.67 -8.17 -12.59
CA ALA A 293 47.69 -9.61 -12.83
C ALA A 293 48.66 -10.34 -11.92
N GLY A 294 49.96 -10.13 -12.12
CA GLY A 294 50.95 -10.97 -11.50
C GLY A 294 51.42 -10.55 -10.13
N VAL A 295 50.80 -9.54 -9.51
CA VAL A 295 51.25 -9.10 -8.19
C VAL A 295 50.91 -10.16 -7.15
N GLU A 296 51.84 -10.39 -6.23
CA GLU A 296 51.68 -11.45 -5.24
C GLU A 296 50.56 -11.11 -4.27
N GLY A 297 49.62 -12.03 -4.11
CA GLY A 297 48.59 -11.89 -3.12
C GLY A 297 47.33 -11.18 -3.58
N VAL A 298 47.27 -10.70 -4.83
CA VAL A 298 46.10 -9.99 -5.34
C VAL A 298 45.22 -10.94 -6.12
N SER A 299 43.91 -10.81 -5.94
CA SER A 299 42.93 -11.57 -6.69
C SER A 299 41.74 -10.68 -7.03
N PHE A 300 40.95 -11.14 -7.99
CA PHE A 300 39.74 -10.43 -8.38
C PHE A 300 38.52 -11.27 -8.04
N PRO A 301 37.78 -10.91 -6.99
CA PRO A 301 36.71 -11.79 -6.50
C PRO A 301 35.52 -11.93 -7.42
N ASP A 302 35.32 -11.02 -8.37
CA ASP A 302 34.13 -11.00 -9.22
C ASP A 302 34.53 -11.08 -10.68
N PRO A 303 35.01 -12.25 -11.12
CA PRO A 303 35.62 -12.32 -12.46
C PRO A 303 34.64 -12.04 -13.59
N GLU A 304 33.35 -12.28 -13.40
CA GLU A 304 32.35 -12.08 -14.44
C GLU A 304 31.62 -10.75 -14.34
N SER A 305 31.96 -9.90 -13.38
CA SER A 305 31.29 -8.62 -13.25
C SER A 305 31.45 -7.79 -14.52
N ARG A 306 30.37 -7.15 -14.93
CA ARG A 306 30.41 -6.14 -15.98
C ARG A 306 30.10 -4.76 -15.42
N SER A 307 30.12 -4.61 -14.10
CA SER A 307 29.80 -3.34 -13.46
C SER A 307 30.89 -2.32 -13.71
N SER A 308 30.57 -1.06 -13.47
CA SER A 308 31.52 0.03 -13.59
C SER A 308 32.38 0.23 -12.33
N VAL A 309 32.29 -0.67 -11.36
CA VAL A 309 33.21 -0.67 -10.23
C VAL A 309 33.83 -2.06 -10.14
N GLU A 310 35.02 -2.12 -9.59
CA GLU A 310 35.82 -3.35 -9.58
C GLU A 310 36.41 -3.56 -8.19
N ARG A 311 36.18 -4.75 -7.63
CA ARG A 311 36.77 -5.13 -6.36
C ARG A 311 38.12 -5.78 -6.62
N VAL A 312 39.09 -5.45 -5.76
CA VAL A 312 40.43 -6.05 -5.78
C VAL A 312 40.71 -6.55 -4.38
N ALA A 313 41.06 -7.83 -4.28
CA ALA A 313 41.33 -8.48 -3.00
C ALA A 313 42.83 -8.74 -2.90
N PHE A 314 43.37 -8.55 -1.71
CA PHE A 314 44.78 -8.83 -1.50
C PHE A 314 44.96 -9.44 -0.13
N ALA A 315 45.80 -10.46 -0.05
CA ALA A 315 46.11 -11.07 1.23
C ALA A 315 47.24 -10.31 1.91
N GLY A 316 47.29 -10.45 3.23
CA GLY A 316 48.35 -9.84 4.00
C GLY A 316 48.37 -8.34 4.04
N ARG A 317 47.29 -7.68 3.60
CA ARG A 317 47.14 -6.24 3.73
C ARG A 317 45.66 -5.93 3.88
N THR A 318 45.35 -4.93 4.71
CA THR A 318 43.96 -4.47 4.85
C THR A 318 43.67 -3.41 3.81
N GLY A 319 42.44 -3.40 3.28
CA GLY A 319 42.06 -2.35 2.34
C GLY A 319 42.24 -0.98 2.93
N THR A 320 42.16 -0.86 4.26
CA THR A 320 42.40 0.43 4.89
C THR A 320 43.87 0.84 4.79
N GLU A 321 44.79 -0.11 5.00
CA GLU A 321 46.21 0.19 4.85
C GLU A 321 46.53 0.56 3.41
N VAL A 322 45.97 -0.19 2.46
CA VAL A 322 46.18 0.11 1.04
C VAL A 322 45.62 1.49 0.69
N TRP A 323 44.42 1.82 1.19
CA TRP A 323 43.86 3.14 0.96
C TRP A 323 44.78 4.23 1.50
N GLU A 324 45.30 4.04 2.71
CA GLU A 324 46.18 5.02 3.32
C GLU A 324 47.41 5.25 2.46
N GLU A 325 48.00 4.17 1.94
CA GLU A 325 49.22 4.32 1.15
C GLU A 325 48.93 5.01 -0.16
N LEU A 326 47.82 4.66 -0.82
CA LEU A 326 47.45 5.34 -2.06
C LEU A 326 47.25 6.82 -1.82
N GLN A 327 46.62 7.17 -0.69
CA GLN A 327 46.32 8.57 -0.43
C GLN A 327 47.59 9.40 -0.38
N ARG A 328 48.67 8.85 0.19
CA ARG A 328 49.94 9.58 0.22
C ARG A 328 50.46 9.87 -1.19
N HIS A 329 50.17 8.99 -2.15
CA HIS A 329 50.47 9.24 -3.55
C HIS A 329 49.31 9.91 -4.28
N HIS A 330 48.37 10.50 -3.55
CA HIS A 330 47.29 11.33 -4.09
C HIS A 330 46.30 10.53 -4.92
N VAL A 331 46.21 9.23 -4.69
CA VAL A 331 45.23 8.36 -5.35
C VAL A 331 44.15 7.98 -4.34
N PHE A 332 42.88 8.14 -4.73
CA PHE A 332 41.76 7.90 -3.83
C PHE A 332 40.88 6.77 -4.38
N ALA A 333 40.96 5.61 -3.74
CA ALA A 333 40.06 4.50 -3.96
C ALA A 333 39.09 4.40 -2.76
N LEU A 334 38.58 3.20 -2.49
CA LEU A 334 37.61 3.02 -1.41
C LEU A 334 37.93 1.72 -0.68
N PRO A 335 38.08 1.76 0.63
CA PRO A 335 38.13 0.51 1.39
C PRO A 335 36.75 -0.12 1.40
N CYS A 336 36.72 -1.45 1.38
CA CYS A 336 35.50 -2.20 1.18
C CYS A 336 34.73 -2.52 2.48
N ARG A 337 35.32 -2.25 3.64
CA ARG A 337 34.67 -2.60 4.90
C ARG A 337 33.21 -2.20 4.92
N GLN A 338 32.92 -0.97 4.54
CA GLN A 338 31.59 -0.44 4.82
C GLN A 338 30.51 -0.96 3.86
N PHE A 339 30.89 -1.61 2.75
CA PHE A 339 29.90 -2.33 1.95
C PHE A 339 29.36 -3.54 2.70
N HIS A 340 30.16 -4.09 3.61
CA HIS A 340 29.73 -5.22 4.42
C HIS A 340 29.10 -4.66 5.69
N TRP A 341 27.90 -4.11 5.47
CA TRP A 341 27.24 -3.24 6.42
C TRP A 341 26.81 -3.98 7.68
N ALA A 342 26.80 -5.32 7.63
CA ALA A 342 26.45 -6.14 8.78
C ALA A 342 27.67 -6.70 9.47
N GLU A 343 28.80 -6.78 8.78
CA GLU A 343 30.00 -7.43 9.30
C GLU A 343 31.20 -6.82 8.59
N PRO A 344 31.60 -5.61 8.97
CA PRO A 344 32.57 -4.87 8.16
C PRO A 344 33.90 -5.58 7.98
N SER A 345 34.28 -6.42 8.92
CA SER A 345 35.54 -7.15 8.77
C SER A 345 35.52 -8.07 7.56
N ASP A 346 34.34 -8.47 7.09
CA ASP A 346 34.23 -9.24 5.85
C ASP A 346 34.91 -8.54 4.67
N GLY A 347 35.04 -7.21 4.72
CA GLY A 347 35.66 -6.47 3.63
C GLY A 347 37.01 -5.89 3.99
N ASP A 348 37.66 -6.47 5.00
CA ASP A 348 38.90 -5.91 5.50
C ASP A 348 40.02 -5.97 4.47
N HIS A 349 39.96 -6.94 3.55
CA HIS A 349 41.08 -7.22 2.65
C HIS A 349 40.76 -6.88 1.19
N MET A 350 39.89 -5.90 0.96
CA MET A 350 39.60 -5.47 -0.40
C MET A 350 39.46 -3.96 -0.46
N VAL A 351 39.70 -3.44 -1.66
CA VAL A 351 39.35 -2.08 -2.03
C VAL A 351 38.48 -2.13 -3.28
N ARG A 352 37.77 -1.04 -3.52
CA ARG A 352 36.97 -0.91 -4.71
C ARG A 352 37.56 0.20 -5.57
N ILE A 353 37.54 -0.02 -6.90
CA ILE A 353 38.09 0.88 -7.90
C ILE A 353 36.99 1.28 -8.86
N ALA A 354 36.92 2.56 -9.17
CA ALA A 354 35.90 3.07 -10.08
C ALA A 354 36.42 3.00 -11.52
N LEU A 355 35.60 2.45 -12.42
CA LEU A 355 35.99 2.27 -13.81
C LEU A 355 35.41 3.32 -14.75
N SER A 356 34.38 4.06 -14.33
CA SER A 356 33.79 5.09 -15.18
C SER A 356 34.67 6.34 -15.12
N ARG A 357 35.79 6.25 -15.82
CA ARG A 357 36.86 7.23 -15.77
C ARG A 357 37.54 7.22 -17.13
N SER A 358 38.09 8.36 -17.53
CA SER A 358 38.98 8.33 -18.69
C SER A 358 40.11 7.33 -18.46
N THR A 359 40.46 6.58 -19.51
CA THR A 359 41.43 5.50 -19.32
C THR A 359 42.77 6.04 -18.81
N GLU A 360 43.16 7.25 -19.21
CA GLU A 360 44.47 7.76 -18.82
C GLU A 360 44.61 7.96 -17.32
N PRO A 361 43.74 8.71 -16.63
CA PRO A 361 43.87 8.79 -15.17
C PRO A 361 43.64 7.46 -14.47
N LEU A 362 42.84 6.57 -15.03
CA LEU A 362 42.68 5.25 -14.42
C LEU A 362 43.98 4.47 -14.46
N GLU A 363 44.65 4.47 -15.62
CA GLU A 363 45.94 3.77 -15.75
C GLU A 363 46.98 4.36 -14.79
N LYS A 364 47.09 5.68 -14.78
CA LYS A 364 47.96 6.33 -13.81
C LYS A 364 47.65 5.86 -12.39
N SER A 365 46.35 5.78 -12.03
CA SER A 365 46.00 5.38 -10.68
C SER A 365 46.37 3.92 -10.41
N VAL A 366 46.11 3.04 -11.37
CA VAL A 366 46.37 1.62 -11.16
C VAL A 366 47.86 1.35 -11.11
N GLN A 367 48.66 2.22 -11.76
CA GLN A 367 50.10 2.05 -11.72
C GLN A 367 50.65 2.36 -10.33
N VAL A 368 50.11 3.39 -9.67
CA VAL A 368 50.49 3.64 -8.30
C VAL A 368 50.15 2.43 -7.44
N LEU A 369 48.95 1.88 -7.62
CA LEU A 369 48.53 0.76 -6.78
C LEU A 369 49.43 -0.45 -6.99
N ARG A 370 49.76 -0.76 -8.25
CA ARG A 370 50.67 -1.86 -8.52
C ARG A 370 51.99 -1.67 -7.78
N THR A 371 52.59 -0.49 -7.90
CA THR A 371 53.90 -0.30 -7.25
C THR A 371 53.76 -0.31 -5.73
N VAL A 372 52.69 0.29 -5.19
CA VAL A 372 52.45 0.24 -3.76
C VAL A 372 52.32 -1.20 -3.29
N LEU A 373 51.63 -2.04 -4.05
CA LEU A 373 51.44 -3.42 -3.65
C LEU A 373 52.71 -4.24 -3.82
N GLU A 374 53.53 -3.92 -4.82
CA GLU A 374 54.74 -4.71 -5.05
C GLU A 374 55.80 -4.44 -3.99
N THR A 375 55.95 -3.18 -3.58
CA THR A 375 56.90 -2.84 -2.53
C THR A 375 56.38 -3.29 -1.16
N LEU B 7 -9.35 14.28 -2.13
CA LEU B 7 -8.48 13.28 -2.76
C LEU B 7 -7.09 13.86 -3.02
N LYS B 8 -6.97 15.18 -3.02
CA LYS B 8 -5.67 15.85 -3.13
C LYS B 8 -5.12 16.02 -1.72
N GLU B 9 -4.13 15.19 -1.37
CA GLU B 9 -3.69 15.06 0.01
C GLU B 9 -2.84 16.25 0.47
N ASN B 10 -2.33 17.05 -0.45
CA ASN B 10 -1.50 18.19 -0.08
C ASN B 10 -1.47 19.16 -1.25
N LEU B 11 -0.84 20.32 -1.04
CA LEU B 11 -0.85 21.35 -2.08
C LEU B 11 -0.13 20.87 -3.35
N THR B 12 0.94 20.10 -3.18
CA THR B 12 1.68 19.60 -4.35
C THR B 12 0.77 18.78 -5.26
N GLN B 13 -0.11 17.97 -4.68
CA GLN B 13 -1.03 17.16 -5.49
C GLN B 13 -2.04 18.03 -6.23
N TRP B 14 -2.43 19.17 -5.67
CA TRP B 14 -3.17 20.15 -6.47
C TRP B 14 -2.29 20.70 -7.59
N GLU B 15 -1.01 20.90 -7.32
CA GLU B 15 -0.14 21.46 -8.33
C GLU B 15 0.10 20.48 -9.49
N TYR B 16 0.11 19.16 -9.22
CA TYR B 16 0.28 18.20 -10.31
C TYR B 16 -0.75 18.44 -11.40
N LEU B 17 -1.98 18.76 -11.00
CA LEU B 17 -3.07 18.91 -11.96
C LEU B 17 -2.83 20.02 -12.97
N ALA B 18 -1.97 20.99 -12.62
CA ALA B 18 -1.75 22.18 -13.46
C ALA B 18 -0.56 22.05 -14.40
N LEU B 19 0.34 21.10 -14.13
CA LEU B 19 1.68 21.12 -14.71
C LEU B 19 1.70 21.12 -16.22
N ASN B 20 0.66 20.59 -16.85
CA ASN B 20 0.66 20.44 -18.30
C ASN B 20 -0.35 21.34 -18.99
N SER B 21 -0.80 22.40 -18.33
CA SER B 21 -1.79 23.32 -18.88
C SER B 21 -1.15 24.66 -19.20
N GLU B 22 -1.67 25.33 -20.23
CA GLU B 22 -1.14 26.64 -20.57
C GLU B 22 -1.51 27.69 -19.53
N LEU B 23 -2.63 27.49 -18.83
CA LEU B 23 -3.04 28.45 -17.81
C LEU B 23 -2.83 27.88 -16.42
N ASN B 24 -1.61 27.39 -16.18
CA ASN B 24 -1.16 27.00 -14.85
C ASN B 24 -0.79 28.26 -14.08
N ILE B 25 -1.55 28.57 -13.03
CA ILE B 25 -1.22 29.66 -12.11
C ILE B 25 -1.22 29.09 -10.70
N ALA B 26 -0.80 27.81 -10.59
CA ALA B 26 -0.85 27.06 -9.35
C ALA B 26 0.53 27.02 -8.70
N ASP B 27 1.48 26.22 -9.20
CA ASP B 27 2.73 26.09 -8.47
C ASP B 27 3.54 27.39 -8.53
N GLY B 28 4.34 27.61 -7.50
CA GLY B 28 5.05 28.86 -7.37
C GLY B 28 6.33 28.96 -8.14
N HIS B 29 6.70 27.91 -8.89
CA HIS B 29 7.96 27.94 -9.62
C HIS B 29 7.91 29.04 -10.70
N ALA B 30 9.08 29.48 -11.12
CA ALA B 30 9.18 30.58 -12.09
C ALA B 30 9.09 30.00 -13.48
N ARG B 31 8.07 30.43 -14.22
CA ARG B 31 7.82 29.96 -15.56
C ARG B 31 7.68 31.10 -16.55
N GLN B 32 8.01 32.34 -16.17
CA GLN B 32 8.00 33.42 -17.15
C GLN B 32 9.15 33.27 -18.13
N ALA B 33 9.09 34.05 -19.20
CA ALA B 33 10.14 34.01 -20.20
C ALA B 33 11.47 34.47 -19.63
N LEU B 34 12.54 33.92 -20.17
CA LEU B 34 13.88 34.38 -19.81
C LEU B 34 14.07 35.82 -20.26
N SER B 35 14.80 36.58 -19.47
CA SER B 35 15.25 37.89 -19.95
C SER B 35 16.34 37.70 -20.99
N PRO B 36 16.65 38.75 -21.75
CA PRO B 36 17.77 38.65 -22.71
C PRO B 36 19.09 38.26 -22.06
N GLY B 37 19.42 38.83 -20.91
CA GLY B 37 20.64 38.45 -20.23
C GLY B 37 20.63 37.00 -19.78
N GLN B 38 19.46 36.51 -19.35
CA GLN B 38 19.37 35.12 -18.93
C GLN B 38 19.45 34.18 -20.14
N GLN B 39 18.87 34.58 -21.27
CA GLN B 39 18.99 33.74 -22.46
C GLN B 39 20.44 33.62 -22.91
N LYS B 40 21.25 34.67 -22.71
CA LYS B 40 22.67 34.57 -23.04
C LYS B 40 23.36 33.50 -22.20
N ILE B 41 22.92 33.32 -20.96
CA ILE B 41 23.48 32.25 -20.13
C ILE B 41 23.11 30.90 -20.72
N VAL B 42 21.85 30.73 -21.08
CA VAL B 42 21.40 29.46 -21.65
C VAL B 42 22.18 29.16 -22.92
N ASN B 43 22.43 30.18 -23.75
CA ASN B 43 23.16 29.97 -24.99
C ASN B 43 24.59 29.50 -24.76
N GLU B 44 25.15 29.80 -23.59
CA GLU B 44 26.51 29.41 -23.23
C GLU B 44 26.56 28.11 -22.43
N LEU B 45 25.44 27.41 -22.32
CA LEU B 45 25.45 26.16 -21.58
C LEU B 45 26.54 25.18 -22.01
N PRO B 46 26.84 24.98 -23.30
CA PRO B 46 27.95 24.08 -23.65
C PRO B 46 29.28 24.55 -23.10
N VAL B 47 29.49 25.86 -23.00
CA VAL B 47 30.70 26.40 -22.40
C VAL B 47 30.71 26.15 -20.89
N LEU B 48 29.57 26.35 -20.22
CA LEU B 48 29.49 26.07 -18.79
C LEU B 48 29.69 24.58 -18.51
N TRP B 49 29.20 23.72 -19.40
CA TRP B 49 29.42 22.29 -19.27
C TRP B 49 30.91 21.97 -19.27
N ALA B 50 31.64 22.46 -20.28
CA ALA B 50 33.08 22.26 -20.35
C ALA B 50 33.77 22.78 -19.10
N GLU B 51 33.41 23.99 -18.63
CA GLU B 51 33.95 24.50 -17.37
C GLU B 51 33.69 23.52 -16.22
N SER B 52 32.46 23.00 -16.15
CA SER B 52 32.09 22.07 -15.09
C SER B 52 32.86 20.76 -15.18
N GLU B 53 33.23 20.32 -16.39
CA GLU B 53 34.08 19.14 -16.56
C GLU B 53 35.52 19.39 -16.09
N GLN B 54 36.00 20.62 -16.18
CA GLN B 54 37.42 20.89 -16.06
C GLN B 54 37.85 21.51 -14.74
N ARG B 55 36.95 22.15 -13.99
CA ARG B 55 37.34 22.77 -12.74
C ARG B 55 36.91 21.92 -11.56
N PRO B 56 37.60 22.06 -10.43
CA PRO B 56 37.14 21.39 -9.19
C PRO B 56 35.80 21.95 -8.77
N VAL B 57 34.87 21.05 -8.43
CA VAL B 57 33.52 21.45 -8.06
C VAL B 57 33.53 22.42 -6.87
N GLN B 58 34.48 22.26 -5.93
CA GLN B 58 34.49 23.12 -4.76
C GLN B 58 34.64 24.58 -5.15
N GLN B 59 35.41 24.85 -6.21
CA GLN B 59 35.60 26.22 -6.65
C GLN B 59 34.33 26.78 -7.26
N ILE B 60 33.67 26.00 -8.11
CA ILE B 60 32.42 26.44 -8.70
C ILE B 60 31.37 26.64 -7.61
N GLU B 61 31.30 25.70 -6.66
CA GLU B 61 30.36 25.81 -5.56
C GLU B 61 30.62 27.08 -4.74
N SER B 62 31.89 27.32 -4.41
N SER B 62 31.89 27.33 -4.42
CA SER B 62 32.22 28.52 -3.64
CA SER B 62 32.22 28.52 -3.64
C SER B 62 31.78 29.77 -4.36
C SER B 62 31.80 29.78 -4.35
N GLU B 63 31.99 29.83 -5.68
CA GLU B 63 31.61 31.02 -6.45
C GLU B 63 30.09 31.18 -6.52
N ALA B 64 29.37 30.07 -6.69
CA ALA B 64 27.92 30.13 -6.71
C ALA B 64 27.38 30.64 -5.38
N HIS B 65 27.89 30.12 -4.27
CA HIS B 65 27.44 30.59 -2.96
C HIS B 65 27.79 32.07 -2.76
N GLN B 66 29.04 32.44 -3.06
CA GLN B 66 29.41 33.85 -2.92
C GLN B 66 28.46 34.74 -3.72
N ALA B 67 28.20 34.38 -4.98
CA ALA B 67 27.35 35.19 -5.83
C ALA B 67 25.95 35.33 -5.25
N TYR B 68 25.37 34.21 -4.79
CA TYR B 68 23.96 34.21 -4.37
C TYR B 68 23.79 34.93 -3.02
N PHE B 69 24.63 34.61 -2.04
CA PHE B 69 24.48 35.22 -0.72
C PHE B 69 24.73 36.73 -0.78
N THR B 70 25.76 37.15 -1.52
CA THR B 70 26.08 38.58 -1.60
C THR B 70 24.99 39.32 -2.37
N LEU B 71 24.45 38.69 -3.43
CA LEU B 71 23.32 39.28 -4.14
C LEU B 71 22.23 39.72 -3.19
N LEU B 72 21.94 38.92 -2.19
CA LEU B 72 20.78 39.16 -1.35
C LEU B 72 21.17 39.68 0.03
N GLY B 73 22.35 40.27 0.16
CA GLY B 73 22.72 40.98 1.38
C GLY B 73 23.25 40.12 2.50
N GLN B 74 23.47 38.83 2.25
CA GLN B 74 23.79 37.88 3.32
C GLN B 74 25.31 37.73 3.46
N HIS B 75 25.95 38.88 3.71
CA HIS B 75 27.41 38.95 3.65
C HIS B 75 28.08 38.12 4.73
N GLY B 76 27.41 37.90 5.87
CA GLY B 76 27.98 37.16 6.95
C GLY B 76 27.84 35.66 6.87
N TYR B 77 27.38 35.12 5.74
CA TYR B 77 27.23 33.68 5.65
C TYR B 77 28.58 32.98 5.90
N PRO B 78 28.57 31.78 6.42
CA PRO B 78 29.82 31.05 6.68
C PRO B 78 30.36 30.48 5.38
N ALA B 79 31.49 31.01 4.93
CA ALA B 79 32.07 30.69 3.63
C ALA B 79 33.09 29.56 3.71
N GLU B 80 33.39 29.06 4.89
CA GLU B 80 34.26 27.92 5.01
C GLU B 80 33.63 26.72 4.30
N PRO B 81 34.38 25.97 3.50
CA PRO B 81 33.81 24.76 2.88
C PRO B 81 33.17 23.83 3.89
N GLY B 82 31.98 23.31 3.55
CA GLY B 82 31.25 22.40 4.38
C GLY B 82 30.21 23.03 5.30
N ARG B 83 30.21 24.35 5.43
CA ARG B 83 29.20 25.02 6.26
C ARG B 83 27.92 25.31 5.50
N VAL B 84 27.98 25.32 4.17
CA VAL B 84 26.80 25.46 3.33
C VAL B 84 26.70 24.17 2.53
N LEU B 85 25.68 23.37 2.81
CA LEU B 85 25.48 22.10 2.13
C LEU B 85 24.52 22.29 0.96
N SER B 86 25.01 22.03 -0.26
CA SER B 86 24.20 22.23 -1.47
C SER B 86 23.38 20.96 -1.71
N CYS B 87 22.06 21.12 -1.73
CA CYS B 87 21.13 20.00 -1.89
C CYS B 87 20.36 20.15 -3.20
N TYR B 88 19.82 19.03 -3.68
CA TYR B 88 19.03 19.05 -4.92
C TYR B 88 17.89 20.06 -4.87
N SER B 89 17.32 20.30 -3.69
CA SER B 89 16.21 21.25 -3.56
C SER B 89 16.12 21.64 -2.11
N SER B 90 15.39 22.72 -1.86
CA SER B 90 15.11 23.12 -0.47
C SER B 90 14.27 22.08 0.27
N SER B 91 13.40 21.34 -0.41
CA SER B 91 12.68 20.27 0.27
C SER B 91 13.58 19.10 0.66
N VAL B 92 14.60 18.79 -0.14
CA VAL B 92 15.59 17.80 0.29
C VAL B 92 16.35 18.32 1.53
N SER B 93 16.73 19.60 1.53
CA SER B 93 17.30 20.19 2.74
C SER B 93 16.36 20.01 3.92
N MET B 94 15.06 20.24 3.67
CA MET B 94 14.08 20.16 4.75
C MET B 94 13.93 18.73 5.26
N GLU B 95 13.97 17.74 4.36
CA GLU B 95 13.96 16.34 4.79
C GLU B 95 15.17 16.04 5.66
N ILE B 96 16.35 16.51 5.25
CA ILE B 96 17.55 16.29 6.05
C ILE B 96 17.39 16.93 7.43
N LEU B 97 16.91 18.17 7.45
CA LEU B 97 16.73 18.88 8.71
C LEU B 97 15.71 18.16 9.58
N ALA B 98 14.60 17.74 8.99
CA ALA B 98 13.54 17.11 9.76
C ALA B 98 14.05 15.82 10.38
N ARG B 99 14.65 14.95 9.57
CA ARG B 99 15.15 13.71 10.11
C ARG B 99 16.23 13.97 11.15
N SER B 100 17.06 15.01 10.95
CA SER B 100 18.07 15.36 11.93
C SER B 100 17.45 15.85 13.25
N LEU B 101 16.44 16.71 13.17
CA LEU B 101 15.72 17.16 14.36
C LEU B 101 15.18 16.00 15.16
N SER B 102 14.65 14.98 14.48
CA SER B 102 13.98 13.91 15.18
C SER B 102 14.94 13.09 16.04
N ALA B 103 16.26 13.26 15.86
CA ALA B 103 17.25 12.58 16.72
C ALA B 103 17.20 13.08 18.16
N SER B 104 16.82 14.35 18.40
CA SER B 104 16.93 14.92 19.74
C SER B 104 15.80 15.87 20.11
N VAL B 105 14.86 16.14 19.21
CA VAL B 105 13.76 17.07 19.45
C VAL B 105 12.44 16.32 19.35
N ASP B 106 11.50 16.65 20.21
CA ASP B 106 10.16 16.07 20.16
C ASP B 106 9.13 17.00 19.51
N ARG B 107 9.23 18.30 19.74
CA ARG B 107 8.23 19.25 19.30
C ARG B 107 8.86 20.46 18.62
N VAL B 108 8.19 20.96 17.57
CA VAL B 108 8.65 22.12 16.80
C VAL B 108 7.52 23.14 16.77
N ALA B 109 7.84 24.39 17.10
CA ALA B 109 6.91 25.49 16.87
C ALA B 109 7.10 25.97 15.43
N LEU B 110 5.99 26.05 14.68
CA LEU B 110 6.05 26.30 13.24
C LEU B 110 5.05 27.40 12.87
N VAL B 111 5.49 28.37 12.06
CA VAL B 111 4.61 29.44 11.63
C VAL B 111 3.44 28.86 10.86
N HIS B 112 2.25 29.45 11.06
CA HIS B 112 1.00 29.00 10.50
C HIS B 112 0.24 30.21 9.98
N PRO B 113 -0.20 30.20 8.72
CA PRO B 113 0.02 29.18 7.67
C PRO B 113 1.45 29.20 7.16
N THR B 114 1.84 28.14 6.44
CA THR B 114 3.07 28.17 5.67
C THR B 114 2.96 27.09 4.61
N PHE B 115 4.00 26.97 3.79
CA PHE B 115 3.91 25.98 2.73
C PHE B 115 3.85 24.59 3.36
N ASP B 116 2.91 23.76 2.89
CA ASP B 116 2.49 22.61 3.69
C ASP B 116 3.52 21.50 3.71
N ASN B 117 4.46 21.45 2.77
CA ASN B 117 5.41 20.33 2.86
C ASN B 117 6.40 20.54 4.01
N ILE B 118 6.57 21.77 4.52
CA ILE B 118 7.36 21.92 5.76
C ILE B 118 6.72 21.15 6.90
N ALA B 119 5.41 21.35 7.09
CA ALA B 119 4.68 20.64 8.11
C ALA B 119 4.71 19.15 7.86
N ASP B 120 4.51 18.75 6.60
CA ASP B 120 4.37 17.33 6.30
C ASP B 120 5.69 16.57 6.42
N LEU B 121 6.81 17.20 6.06
CA LEU B 121 8.11 16.58 6.28
C LEU B 121 8.46 16.49 7.75
N LEU B 122 8.13 17.52 8.51
CA LEU B 122 8.36 17.46 9.95
C LEU B 122 7.48 16.38 10.61
N ARG B 123 6.18 16.41 10.34
CA ARG B 123 5.30 15.42 10.93
C ARG B 123 5.68 14.02 10.49
N GLY B 124 6.02 13.87 9.21
CA GLY B 124 6.41 12.57 8.68
C GLY B 124 7.65 11.99 9.33
N ASN B 125 8.50 12.83 9.88
CA ASN B 125 9.67 12.37 10.61
C ASN B 125 9.45 12.31 12.12
N GLY B 126 8.20 12.40 12.57
CA GLY B 126 7.88 12.16 13.95
C GLY B 126 7.92 13.37 14.84
N LEU B 127 7.93 14.56 14.27
CA LEU B 127 7.93 15.77 15.09
C LEU B 127 6.51 16.25 15.34
N ASP B 128 6.21 16.54 16.61
CA ASP B 128 4.94 17.17 16.98
C ASP B 128 5.03 18.67 16.69
N LEU B 129 3.99 19.22 16.09
CA LEU B 129 4.01 20.61 15.64
C LEU B 129 3.10 21.45 16.52
N VAL B 130 3.59 22.63 16.87
CA VAL B 130 2.82 23.63 17.59
C VAL B 130 2.69 24.84 16.67
N PRO B 131 1.48 25.20 16.25
CA PRO B 131 1.34 26.34 15.33
C PRO B 131 1.57 27.66 16.03
N VAL B 132 2.28 28.55 15.37
CA VAL B 132 2.42 29.93 15.81
C VAL B 132 1.83 30.83 14.72
N GLU B 133 0.72 31.49 15.04
CA GLU B 133 0.09 32.40 14.07
C GLU B 133 1.01 33.58 13.80
N GLU B 134 0.84 34.19 12.62
CA GLU B 134 1.75 35.24 12.22
C GLU B 134 1.70 36.42 13.18
N ASP B 135 0.52 36.76 13.69
CA ASP B 135 0.44 37.93 14.58
C ASP B 135 1.25 37.70 15.85
N ALA B 136 1.19 36.48 16.37
CA ALA B 136 1.97 36.17 17.56
C ALA B 136 3.45 36.18 17.26
N LEU B 137 3.83 35.65 16.09
CA LEU B 137 5.24 35.49 15.77
C LEU B 137 5.91 36.83 15.59
N HIS B 138 5.25 37.72 14.86
CA HIS B 138 5.80 39.02 14.54
C HIS B 138 5.59 40.03 15.66
N GLY B 139 4.50 39.93 16.42
CA GLY B 139 4.09 41.02 17.29
C GLY B 139 4.56 40.92 18.73
N ALA B 140 4.94 39.72 19.18
CA ALA B 140 5.29 39.58 20.60
C ALA B 140 6.37 38.53 20.76
N ASP B 141 7.11 38.62 21.86
CA ASP B 141 7.98 37.54 22.25
C ASP B 141 7.20 36.25 22.32
N LEU B 142 7.86 35.15 22.02
CA LEU B 142 7.28 33.84 22.31
C LEU B 142 7.30 33.60 23.80
N SER B 143 6.31 32.86 24.28
CA SER B 143 6.19 32.63 25.72
C SER B 143 7.27 31.66 26.19
N ALA B 144 7.67 31.82 27.46
CA ALA B 144 8.65 30.90 28.03
C ALA B 144 8.07 29.50 28.09
N GLU B 145 6.76 29.40 28.32
CA GLU B 145 6.09 28.11 28.30
C GLU B 145 6.24 27.42 26.95
N LEU B 146 6.04 28.18 25.86
CA LEU B 146 6.21 27.56 24.55
C LEU B 146 7.66 27.16 24.33
N LEU B 147 8.60 28.07 24.61
CA LEU B 147 9.98 27.81 24.26
C LEU B 147 10.54 26.63 25.05
N SER B 148 10.06 26.43 26.27
CA SER B 148 10.52 25.30 27.07
C SER B 148 9.88 23.99 26.62
N SER B 149 8.81 24.04 25.84
CA SER B 149 8.16 22.84 25.34
C SER B 149 8.60 22.44 23.93
N VAL B 150 9.39 23.23 23.22
CA VAL B 150 9.80 22.87 21.88
C VAL B 150 11.32 22.86 21.80
N GLY B 151 11.83 22.08 20.87
CA GLY B 151 13.27 22.04 20.63
C GLY B 151 13.71 22.86 19.43
N CYS B 152 12.74 23.41 18.70
CA CYS B 152 13.04 24.17 17.49
C CYS B 152 11.87 25.09 17.22
N VAL B 153 12.20 26.33 16.82
CA VAL B 153 11.24 27.28 16.25
C VAL B 153 11.58 27.43 14.78
N PHE B 154 10.59 27.23 13.90
CA PHE B 154 10.78 27.22 12.45
C PHE B 154 9.95 28.34 11.81
N VAL B 155 10.63 29.27 11.14
CA VAL B 155 10.01 30.44 10.52
C VAL B 155 10.36 30.46 9.04
N THR B 156 9.33 30.55 8.21
CA THR B 156 9.46 30.82 6.77
C THR B 156 9.39 32.32 6.57
N THR B 157 10.43 32.90 6.01
CA THR B 157 10.46 34.35 5.82
C THR B 157 11.28 34.72 4.58
N PRO B 158 10.66 35.45 3.62
CA PRO B 158 9.25 35.86 3.56
C PRO B 158 8.36 34.65 3.58
N ASN B 159 7.21 34.71 4.23
CA ASN B 159 6.38 33.52 4.30
C ASN B 159 5.70 33.23 2.98
N ASN B 160 5.41 31.97 2.76
CA ASN B 160 4.59 31.47 1.67
C ASN B 160 3.40 30.86 2.38
N PRO B 161 2.19 31.40 2.18
CA PRO B 161 1.71 32.21 1.05
C PRO B 161 1.54 33.71 1.28
N THR B 162 1.88 34.23 2.46
CA THR B 162 1.47 35.58 2.85
C THR B 162 2.45 36.67 2.45
N GLY B 163 3.69 36.33 2.14
CA GLY B 163 4.72 37.31 1.91
C GLY B 163 5.25 38.03 3.14
N ARG B 164 4.75 37.71 4.33
CA ARG B 164 5.17 38.43 5.52
C ARG B 164 6.65 38.20 5.80
N VAL B 165 7.36 39.28 6.10
CA VAL B 165 8.80 39.26 6.32
C VAL B 165 9.08 39.45 7.80
N LEU B 166 9.86 38.55 8.36
CA LEU B 166 10.31 38.71 9.75
C LEU B 166 11.34 39.84 9.80
N ALA B 167 10.98 40.94 10.45
CA ALA B 167 11.84 42.11 10.49
C ALA B 167 13.05 41.84 11.38
N GLU B 168 14.13 42.60 11.13
CA GLU B 168 15.40 42.39 11.81
C GLU B 168 15.25 42.41 13.32
N GLU B 169 14.47 43.35 13.84
CA GLU B 169 14.39 43.47 15.30
C GLU B 169 13.75 42.22 15.90
N ARG B 170 12.76 41.66 15.20
CA ARG B 170 12.08 40.47 15.69
C ARG B 170 12.94 39.23 15.52
N LEU B 171 13.66 39.11 14.39
CA LEU B 171 14.60 38.01 14.24
C LEU B 171 15.62 38.05 15.35
N ARG B 172 16.11 39.24 15.67
CA ARG B 172 17.08 39.36 16.76
C ARG B 172 16.48 38.90 18.07
N ARG B 173 15.28 39.38 18.40
CA ARG B 173 14.67 38.97 19.66
C ARG B 173 14.40 37.47 19.68
N LEU B 174 13.93 36.92 18.57
CA LEU B 174 13.67 35.48 18.51
C LEU B 174 14.96 34.68 18.69
N ALA B 175 16.03 35.10 18.00
CA ALA B 175 17.31 34.41 18.16
C ALA B 175 17.82 34.51 19.59
N GLU B 176 17.65 35.68 20.22
CA GLU B 176 18.02 35.82 21.63
C GLU B 176 17.22 34.87 22.52
N GLN B 177 15.90 34.77 22.29
CA GLN B 177 15.05 33.87 23.06
C GLN B 177 15.48 32.42 22.90
N CYS B 178 15.74 32.00 21.65
CA CYS B 178 16.19 30.65 21.40
C CYS B 178 17.52 30.38 22.11
N ALA B 179 18.46 31.32 22.04
CA ALA B 179 19.72 31.15 22.73
C ALA B 179 19.49 30.98 24.22
N GLU B 180 18.60 31.81 24.77
CA GLU B 180 18.33 31.78 26.21
C GLU B 180 17.78 30.44 26.64
N HIS B 181 17.01 29.76 25.77
CA HIS B 181 16.40 28.47 26.07
C HIS B 181 17.10 27.25 25.48
N GLY B 182 18.15 27.42 24.69
CA GLY B 182 18.79 26.27 24.08
C GLY B 182 18.07 25.69 22.87
N THR B 183 17.15 26.43 22.27
CA THR B 183 16.35 25.87 21.19
C THR B 183 16.92 26.29 19.83
N VAL B 184 16.72 25.43 18.85
CA VAL B 184 17.18 25.68 17.48
C VAL B 184 16.23 26.66 16.80
N LEU B 185 16.78 27.73 16.21
CA LEU B 185 16.02 28.62 15.34
C LEU B 185 16.29 28.21 13.91
N ALA B 186 15.26 27.81 13.18
CA ALA B 186 15.36 27.37 11.80
C ALA B 186 14.58 28.31 10.93
N LEU B 187 15.20 28.76 9.84
CA LEU B 187 14.58 29.66 8.89
C LEU B 187 14.54 29.06 7.49
N ASP B 188 13.42 29.24 6.80
CA ASP B 188 13.30 28.88 5.39
C ASP B 188 13.17 30.19 4.62
N THR B 189 14.16 30.51 3.82
CA THR B 189 14.25 31.83 3.18
C THR B 189 14.19 31.71 1.66
N SER B 190 13.38 30.76 1.21
CA SER B 190 13.21 30.52 -0.22
C SER B 190 12.79 31.76 -0.99
N PHE B 191 11.91 32.57 -0.42
CA PHE B 191 11.38 33.75 -1.08
C PHE B 191 12.22 35.01 -0.84
N ARG B 192 13.42 34.86 -0.26
CA ARG B 192 14.24 36.00 0.11
C ARG B 192 14.43 36.97 -1.05
N GLY B 193 14.75 36.43 -2.23
CA GLY B 193 15.11 37.31 -3.33
C GLY B 193 14.03 38.29 -3.76
N PHE B 194 12.76 38.02 -3.43
CA PHE B 194 11.66 38.85 -3.92
C PHE B 194 11.46 40.13 -3.12
N ASP B 195 11.93 40.21 -1.88
CA ASP B 195 11.57 41.33 -1.00
C ASP B 195 12.82 41.88 -0.33
N ALA B 196 13.17 43.13 -0.68
CA ALA B 196 14.36 43.77 -0.12
C ALA B 196 14.30 43.90 1.40
N ALA B 197 13.10 43.88 1.98
CA ALA B 197 12.95 43.86 3.43
C ALA B 197 13.59 42.63 4.06
N ALA B 198 13.81 41.57 3.28
CA ALA B 198 14.47 40.37 3.74
C ALA B 198 15.96 40.35 3.39
N HIS B 199 16.52 41.47 2.93
CA HIS B 199 17.92 41.51 2.51
C HIS B 199 18.86 42.11 3.55
N TYR B 200 18.38 42.48 4.73
CA TYR B 200 19.30 42.68 5.84
C TYR B 200 20.00 41.36 6.15
N ASP B 201 21.19 41.45 6.74
CA ASP B 201 22.06 40.28 6.90
C ASP B 201 21.55 39.41 8.04
N HIS B 202 20.96 38.27 7.69
CA HIS B 202 20.37 37.40 8.70
C HIS B 202 21.45 36.65 9.47
N TYR B 203 22.56 36.31 8.80
CA TYR B 203 23.61 35.54 9.46
C TYR B 203 24.29 36.37 10.54
N ALA B 204 24.40 37.69 10.31
CA ALA B 204 24.97 38.57 11.32
C ALA B 204 24.11 38.58 12.57
N VAL B 205 22.78 38.68 12.39
CA VAL B 205 21.86 38.62 13.54
C VAL B 205 22.02 37.29 14.28
N LEU B 206 21.91 36.18 13.55
CA LEU B 206 21.99 34.86 14.18
C LEU B 206 23.31 34.66 14.91
N GLN B 207 24.42 35.02 14.28
CA GLN B 207 25.72 34.82 14.93
C GLN B 207 25.87 35.73 16.14
N GLU B 208 25.37 36.96 16.07
CA GLU B 208 25.48 37.85 17.21
C GLU B 208 24.65 37.35 18.40
N ALA B 209 23.49 36.74 18.12
CA ALA B 209 22.65 36.21 19.20
C ALA B 209 23.23 34.95 19.79
N GLY B 210 23.98 34.19 19.00
CA GLY B 210 24.61 33.01 19.52
C GLY B 210 23.68 31.85 19.77
N CYS B 211 22.53 31.80 19.11
CA CYS B 211 21.68 30.64 19.22
C CYS B 211 22.16 29.54 18.27
N ARG B 212 21.68 28.32 18.50
CA ARG B 212 21.79 27.27 17.51
C ARG B 212 20.86 27.61 16.38
N TRP B 213 21.35 27.52 15.13
CA TRP B 213 20.49 27.93 14.01
C TRP B 213 20.76 27.11 12.75
N VAL B 214 19.74 27.07 11.91
CA VAL B 214 19.82 26.51 10.57
C VAL B 214 19.03 27.43 9.65
N VAL B 215 19.56 27.70 8.46
CA VAL B 215 18.83 28.45 7.43
C VAL B 215 18.81 27.59 6.18
N ILE B 216 17.65 27.47 5.54
CA ILE B 216 17.55 26.80 4.26
C ILE B 216 17.27 27.88 3.22
N GLU B 217 18.29 28.21 2.44
CA GLU B 217 18.12 29.08 1.29
C GLU B 217 17.67 28.24 0.11
N ASP B 218 17.13 28.90 -0.91
CA ASP B 218 16.64 28.20 -2.09
C ASP B 218 16.86 29.10 -3.29
N THR B 219 17.46 28.57 -4.34
CA THR B 219 17.61 29.38 -5.53
C THR B 219 16.45 29.18 -6.48
N GLY B 220 15.59 28.21 -6.19
CA GLY B 220 14.64 27.70 -7.17
C GLY B 220 13.47 28.57 -7.53
N LEU B 222 13.38 32.10 -7.76
CA LEU B 222 13.62 33.42 -8.35
C LEU B 222 13.58 33.50 -9.85
N TRP B 223 14.18 32.52 -10.50
CA TRP B 223 14.49 32.61 -11.91
C TRP B 223 13.92 31.42 -12.67
N PRO B 224 13.54 31.60 -13.91
CA PRO B 224 12.95 30.51 -14.69
C PRO B 224 14.05 29.62 -15.26
N THR B 225 14.54 28.73 -14.39
CA THR B 225 15.63 27.83 -14.73
C THR B 225 15.16 26.39 -14.92
N LEU B 226 13.88 26.17 -15.24
CA LEU B 226 13.38 24.82 -15.51
C LEU B 226 13.65 23.90 -14.33
N ASP B 227 13.49 24.45 -13.13
CA ASP B 227 13.67 23.71 -11.89
C ASP B 227 15.10 23.24 -11.66
N LEU B 228 16.06 23.85 -12.33
CA LEU B 228 17.48 23.63 -12.05
C LEU B 228 17.86 24.58 -10.93
N LYS B 229 18.21 24.05 -9.77
CA LYS B 229 18.22 24.82 -8.54
C LYS B 229 19.04 24.07 -7.50
N ALA B 230 19.26 24.71 -6.37
CA ALA B 230 19.78 24.04 -5.20
C ALA B 230 19.10 24.60 -3.96
N GLY B 231 18.88 23.73 -2.99
CA GLY B 231 18.62 24.15 -1.62
C GLY B 231 19.97 24.27 -0.93
N LEU B 232 20.12 25.32 -0.11
CA LEU B 232 21.38 25.56 0.60
C LEU B 232 21.11 25.46 2.09
N LEU B 233 21.61 24.40 2.69
CA LEU B 233 21.40 24.12 4.11
C LEU B 233 22.60 24.64 4.87
N VAL B 234 22.39 25.71 5.63
CA VAL B 234 23.42 26.45 6.32
C VAL B 234 23.18 26.24 7.81
N PHE B 235 24.22 25.93 8.58
CA PHE B 235 24.01 25.62 9.98
C PHE B 235 25.11 26.20 10.86
N SER B 236 24.74 26.53 12.09
CA SER B 236 25.69 27.04 13.07
C SER B 236 26.66 25.93 13.48
N GLU B 237 27.87 26.33 13.88
CA GLU B 237 28.87 25.32 14.25
C GLU B 237 28.38 24.44 15.38
N ASP B 238 27.58 25.00 16.28
CA ASP B 238 27.10 24.28 17.44
C ASP B 238 25.71 23.69 17.21
N ILE B 239 25.30 23.49 15.96
CA ILE B 239 23.92 23.09 15.70
C ILE B 239 23.55 21.87 16.52
N GLY B 240 24.45 20.90 16.65
CA GLY B 240 24.16 19.75 17.51
C GLY B 240 23.10 18.79 17.01
N LEU B 241 22.84 18.79 15.70
CA LEU B 241 21.99 17.88 15.00
C LEU B 241 22.82 17.18 13.94
N PRO B 242 22.49 15.97 13.56
CA PRO B 242 23.33 15.26 12.61
C PRO B 242 23.05 15.57 11.14
N VAL B 243 22.92 16.87 10.85
N VAL B 243 22.92 16.87 10.84
CA VAL B 243 22.63 17.32 9.49
CA VAL B 243 22.60 17.28 9.47
C VAL B 243 23.70 16.84 8.52
C VAL B 243 23.71 16.88 8.50
N GLU B 244 24.98 16.96 8.92
CA GLU B 244 26.07 16.61 8.00
C GLU B 244 26.07 15.11 7.68
N LYS B 245 25.82 14.25 8.68
CA LYS B 245 25.80 12.82 8.44
C LYS B 245 24.62 12.42 7.56
N ILE B 246 23.42 12.95 7.83
CA ILE B 246 22.27 12.57 7.04
C ILE B 246 22.39 13.12 5.62
N TYR B 247 22.90 14.35 5.47
CA TYR B 247 23.22 14.86 4.13
C TYR B 247 24.09 13.87 3.36
N SER B 248 25.13 13.35 4.00
CA SER B 248 26.04 12.45 3.30
C SER B 248 25.39 11.08 3.02
N ASP B 249 24.37 10.69 3.77
CA ASP B 249 23.62 9.49 3.42
C ASP B 249 22.82 9.69 2.14
N ILE B 250 22.38 10.92 1.88
CA ILE B 250 21.52 11.17 0.72
C ILE B 250 22.30 11.55 -0.53
N LEU B 251 23.36 12.37 -0.43
CA LEU B 251 24.01 12.78 -1.67
C LEU B 251 25.47 13.13 -1.45
N LEU B 252 26.24 12.93 -2.52
CA LEU B 252 27.64 13.33 -2.61
C LEU B 252 27.79 14.83 -2.89
N GLY B 253 26.76 15.43 -3.46
CA GLY B 253 26.77 16.84 -3.86
C GLY B 253 25.85 17.04 -5.05
N VAL B 254 25.74 18.29 -5.48
CA VAL B 254 24.88 18.62 -6.61
C VAL B 254 25.73 18.76 -7.87
N SER B 255 25.06 18.90 -9.00
CA SER B 255 25.76 19.02 -10.28
C SER B 255 26.61 20.30 -10.33
N PRO B 256 27.88 20.22 -10.76
CA PRO B 256 28.61 21.47 -10.99
C PRO B 256 27.96 22.38 -12.01
N LEU B 257 27.19 21.83 -12.97
CA LEU B 257 26.58 22.69 -13.97
C LEU B 257 25.47 23.54 -13.36
N ILE B 258 24.70 22.96 -12.44
CA ILE B 258 23.68 23.73 -11.76
C ILE B 258 24.32 24.82 -10.91
N LEU B 259 25.41 24.49 -10.23
CA LEU B 259 26.10 25.51 -9.43
C LEU B 259 26.63 26.63 -10.31
N ALA B 260 27.18 26.28 -11.47
CA ALA B 260 27.61 27.29 -12.43
C ALA B 260 26.43 28.14 -12.91
N LEU B 261 25.29 27.50 -13.16
CA LEU B 261 24.10 28.26 -13.57
C LEU B 261 23.68 29.22 -12.48
N ILE B 262 23.71 28.76 -11.22
CA ILE B 262 23.34 29.62 -10.11
C ILE B 262 24.29 30.81 -10.03
N ARG B 263 25.58 30.54 -10.22
CA ARG B 263 26.56 31.63 -10.25
C ARG B 263 26.23 32.65 -11.34
N GLU B 264 25.92 32.17 -12.55
CA GLU B 264 25.69 33.07 -13.67
C GLU B 264 24.38 33.83 -13.50
N PHE B 265 23.31 33.14 -13.09
CA PHE B 265 22.04 33.83 -12.86
C PHE B 265 22.15 34.85 -11.73
N SER B 266 22.90 34.52 -10.67
CA SER B 266 23.12 35.47 -9.58
C SER B 266 23.87 36.70 -10.06
N ARG B 267 24.86 36.50 -10.92
CA ARG B 267 25.62 37.65 -11.41
C ARG B 267 24.74 38.54 -12.31
N ASP B 268 23.93 37.93 -13.16
CA ASP B 268 22.99 38.70 -13.96
C ASP B 268 22.04 39.47 -13.08
N ALA B 269 21.54 38.82 -12.02
CA ALA B 269 20.66 39.49 -11.07
C ALA B 269 21.35 40.69 -10.43
N ALA B 270 22.62 40.55 -10.04
CA ALA B 270 23.34 41.66 -9.42
C ALA B 270 23.52 42.83 -10.37
N ASP B 271 23.58 42.55 -11.66
CA ASP B 271 23.84 43.54 -12.69
C ASP B 271 22.56 44.24 -13.17
N GLY B 272 21.46 44.13 -12.42
CA GLY B 272 20.19 44.74 -12.77
C GLY B 272 19.03 43.78 -12.94
N GLY B 273 19.32 42.48 -13.08
CA GLY B 273 18.26 41.50 -13.23
C GLY B 273 17.32 41.45 -12.03
N LEU B 274 17.86 41.66 -10.82
CA LEU B 274 17.00 41.56 -9.64
C LEU B 274 16.00 42.71 -9.60
N ALA B 275 16.45 43.93 -9.91
CA ALA B 275 15.51 45.03 -9.95
C ALA B 275 14.44 44.81 -11.02
N ASP B 276 14.82 44.26 -12.18
CA ASP B 276 13.85 43.95 -13.21
C ASP B 276 12.85 42.91 -12.72
N LEU B 277 13.32 41.91 -11.98
CA LEU B 277 12.43 40.90 -11.44
C LEU B 277 11.41 41.54 -10.50
N HIS B 278 11.89 42.39 -9.58
CA HIS B 278 10.97 43.06 -8.65
C HIS B 278 9.93 43.87 -9.42
N ALA B 279 10.37 44.58 -10.46
CA ALA B 279 9.43 45.35 -11.28
C ALA B 279 8.42 44.45 -11.97
N PHE B 280 8.89 43.29 -12.45
CA PHE B 280 8.04 42.35 -13.15
C PHE B 280 6.97 41.76 -12.22
N ILE B 281 7.38 41.35 -11.01
CA ILE B 281 6.41 40.81 -10.06
C ILE B 281 5.41 41.87 -9.66
N LEU B 282 5.89 43.09 -9.43
CA LEU B 282 5.00 44.21 -9.09
C LEU B 282 3.97 44.43 -10.18
N HIS B 283 4.42 44.41 -11.43
CA HIS B 283 3.50 44.55 -12.55
C HIS B 283 2.43 43.47 -12.54
N ASN B 284 2.85 42.21 -12.36
CA ASN B 284 1.91 41.10 -12.41
C ASN B 284 0.95 41.13 -11.23
N ARG B 285 1.44 41.48 -10.03
CA ARG B 285 0.52 41.69 -8.90
C ARG B 285 -0.50 42.77 -9.24
N SER B 286 -0.07 43.87 -9.87
CA SER B 286 -0.98 44.93 -10.26
C SER B 286 -2.02 44.45 -11.25
N VAL B 287 -1.65 43.60 -12.23
CA VAL B 287 -2.69 43.19 -13.17
C VAL B 287 -3.72 42.31 -12.45
N VAL B 288 -3.29 41.50 -11.48
CA VAL B 288 -4.24 40.66 -10.76
C VAL B 288 -5.19 41.52 -9.93
N ARG B 289 -4.65 42.51 -9.23
CA ARG B 289 -5.48 43.31 -8.35
C ARG B 289 -6.39 44.23 -9.15
N ARG B 290 -5.88 44.76 -10.26
CA ARG B 290 -6.71 45.57 -11.15
C ARG B 290 -7.87 44.74 -11.71
N ALA B 291 -7.62 43.49 -12.05
CA ALA B 291 -8.66 42.68 -12.69
C ALA B 291 -9.74 42.23 -11.72
N LEU B 292 -9.38 41.97 -10.47
CA LEU B 292 -10.36 41.59 -9.46
C LEU B 292 -10.81 42.81 -8.68
N ALA B 293 -10.87 43.92 -9.41
CA ALA B 293 -11.11 45.29 -8.95
C ALA B 293 -12.24 45.40 -7.95
N GLY B 294 -13.42 45.82 -8.43
CA GLY B 294 -14.59 45.77 -7.60
C GLY B 294 -14.84 44.32 -7.29
N VAL B 295 -15.41 43.60 -8.25
CA VAL B 295 -15.86 42.23 -8.08
C VAL B 295 -16.35 42.09 -6.65
N GLU B 296 -17.65 42.20 -6.44
CA GLU B 296 -18.18 42.15 -5.09
C GLU B 296 -17.65 40.90 -4.40
N GLY B 297 -17.29 41.05 -3.13
CA GLY B 297 -16.88 39.95 -2.30
C GLY B 297 -15.42 39.59 -2.34
N VAL B 298 -14.61 40.26 -3.16
CA VAL B 298 -13.21 39.90 -3.35
C VAL B 298 -12.33 40.82 -2.53
N SER B 299 -11.28 40.27 -1.93
CA SER B 299 -10.32 41.09 -1.21
C SER B 299 -8.96 40.42 -1.27
N PHE B 300 -7.93 41.23 -0.98
CA PHE B 300 -6.56 40.75 -0.97
C PHE B 300 -6.01 40.73 0.44
N PRO B 301 -5.83 39.54 1.03
CA PRO B 301 -5.42 39.48 2.44
C PRO B 301 -4.04 40.02 2.73
N ASP B 302 -3.15 40.13 1.74
CA ASP B 302 -1.75 40.50 1.97
C ASP B 302 -1.41 41.74 1.16
N PRO B 303 -1.99 42.88 1.52
CA PRO B 303 -1.81 44.10 0.70
C PRO B 303 -0.38 44.44 0.42
N GLU B 304 0.55 44.17 1.34
CA GLU B 304 1.94 44.60 1.24
C GLU B 304 2.88 43.53 0.70
N SER B 305 2.39 42.35 0.35
CA SER B 305 3.27 41.30 -0.13
C SER B 305 4.01 41.70 -1.40
N ARG B 306 5.27 41.31 -1.46
CA ARG B 306 6.10 41.41 -2.65
C ARG B 306 6.47 40.03 -3.18
N SER B 307 5.85 38.99 -2.65
CA SER B 307 6.17 37.63 -3.04
C SER B 307 5.61 37.31 -4.41
N SER B 308 6.12 36.22 -4.98
CA SER B 308 5.74 35.77 -6.31
C SER B 308 4.46 34.95 -6.32
N VAL B 309 3.79 34.86 -5.18
CA VAL B 309 2.47 34.26 -5.11
C VAL B 309 1.54 35.26 -4.44
N GLU B 310 0.24 35.11 -4.71
CA GLU B 310 -0.75 36.10 -4.30
C GLU B 310 -2.02 35.41 -3.86
N ARG B 311 -2.45 35.69 -2.63
CA ARG B 311 -3.70 35.17 -2.11
C ARG B 311 -4.85 36.09 -2.50
N VAL B 312 -5.98 35.48 -2.83
CA VAL B 312 -7.22 36.18 -3.13
C VAL B 312 -8.30 35.57 -2.26
N ALA B 313 -9.05 36.41 -1.54
CA ALA B 313 -10.14 35.96 -0.69
C ALA B 313 -11.48 36.30 -1.33
N PHE B 314 -12.49 35.50 -1.01
CA PHE B 314 -13.83 35.78 -1.49
C PHE B 314 -14.85 35.43 -0.41
N ALA B 315 -15.93 36.22 -0.36
CA ALA B 315 -17.02 35.98 0.55
C ALA B 315 -18.05 35.05 -0.09
N GLY B 316 -18.66 34.21 0.74
CA GLY B 316 -19.73 33.36 0.27
C GLY B 316 -19.34 32.38 -0.81
N ARG B 317 -18.05 32.14 -1.01
CA ARG B 317 -17.57 31.10 -1.92
C ARG B 317 -16.35 30.42 -1.30
N THR B 318 -16.19 29.14 -1.61
CA THR B 318 -15.10 28.32 -1.12
C THR B 318 -13.96 28.22 -2.14
N GLY B 319 -12.72 28.13 -1.65
CA GLY B 319 -11.59 28.08 -2.56
C GLY B 319 -11.62 26.85 -3.47
N THR B 320 -12.06 25.72 -2.92
CA THR B 320 -12.22 24.53 -3.75
C THR B 320 -13.29 24.73 -4.83
N GLU B 321 -14.39 25.41 -4.49
CA GLU B 321 -15.43 25.67 -5.48
C GLU B 321 -14.92 26.59 -6.58
N VAL B 322 -14.29 27.70 -6.19
CA VAL B 322 -13.69 28.56 -7.19
C VAL B 322 -12.71 27.77 -8.05
N TRP B 323 -11.93 26.88 -7.42
CA TRP B 323 -10.95 26.10 -8.18
C TRP B 323 -11.63 25.25 -9.24
N GLU B 324 -12.77 24.64 -8.91
CA GLU B 324 -13.43 23.75 -9.87
C GLU B 324 -14.07 24.54 -11.01
N GLU B 325 -14.71 25.66 -10.69
CA GLU B 325 -15.23 26.46 -11.77
C GLU B 325 -14.10 26.95 -12.67
N LEU B 326 -12.96 27.24 -12.07
CA LEU B 326 -11.80 27.68 -12.83
C LEU B 326 -11.28 26.57 -13.74
N GLN B 327 -11.25 25.35 -13.23
CA GLN B 327 -10.62 24.27 -13.97
C GLN B 327 -11.47 23.87 -15.18
N ARG B 328 -12.79 24.04 -15.09
CA ARG B 328 -13.63 23.83 -16.26
C ARG B 328 -13.23 24.74 -17.42
N HIS B 329 -12.57 25.85 -17.13
CA HIS B 329 -12.03 26.72 -18.18
C HIS B 329 -10.55 26.51 -18.39
N HIS B 330 -10.00 25.38 -17.91
CA HIS B 330 -8.59 25.02 -18.06
C HIS B 330 -7.66 26.00 -17.36
N VAL B 331 -8.16 26.74 -16.37
CA VAL B 331 -7.31 27.57 -15.51
C VAL B 331 -7.09 26.82 -14.21
N PHE B 332 -5.85 26.75 -13.76
CA PHE B 332 -5.48 25.96 -12.59
C PHE B 332 -4.80 26.86 -11.57
N ALA B 333 -5.48 27.14 -10.47
CA ALA B 333 -4.92 27.85 -9.33
C ALA B 333 -4.76 26.85 -8.17
N LEU B 334 -4.65 27.36 -6.94
CA LEU B 334 -4.43 26.51 -5.78
C LEU B 334 -5.38 26.90 -4.64
N PRO B 335 -6.21 26.00 -4.15
CA PRO B 335 -6.98 26.32 -2.94
C PRO B 335 -6.04 26.47 -1.76
N CYS B 336 -6.41 27.36 -0.85
CA CYS B 336 -5.50 27.71 0.23
C CYS B 336 -5.63 26.85 1.48
N ARG B 337 -6.65 25.99 1.59
CA ARG B 337 -6.88 25.24 2.83
C ARG B 337 -5.60 24.67 3.39
N GLN B 338 -4.80 24.04 2.56
CA GLN B 338 -3.73 23.22 3.11
C GLN B 338 -2.50 24.01 3.53
N PHE B 339 -2.41 25.30 3.20
CA PHE B 339 -1.37 26.11 3.84
C PHE B 339 -1.65 26.24 5.34
N HIS B 340 -2.92 26.13 5.73
CA HIS B 340 -3.29 26.25 7.14
C HIS B 340 -3.27 24.83 7.71
N TRP B 341 -2.03 24.37 7.90
CA TRP B 341 -1.73 22.96 8.17
C TRP B 341 -2.25 22.53 9.54
N ALA B 342 -2.56 23.48 10.42
CA ALA B 342 -3.12 23.15 11.71
C ALA B 342 -4.63 23.37 11.77
N GLU B 343 -5.20 24.13 10.85
CA GLU B 343 -6.63 24.43 10.87
C GLU B 343 -7.08 24.75 9.44
N PRO B 344 -7.25 23.74 8.59
CA PRO B 344 -7.43 24.03 7.14
C PRO B 344 -8.63 24.89 6.85
N SER B 345 -9.66 24.89 7.71
CA SER B 345 -10.81 25.74 7.45
C SER B 345 -10.43 27.23 7.47
N ASP B 346 -9.30 27.60 8.08
CA ASP B 346 -8.87 29.00 8.00
C ASP B 346 -8.69 29.46 6.56
N GLY B 347 -8.36 28.54 5.66
CA GLY B 347 -8.13 28.86 4.27
C GLY B 347 -9.28 28.55 3.33
N ASP B 348 -10.47 28.22 3.85
CA ASP B 348 -11.57 27.76 3.03
C ASP B 348 -12.04 28.78 2.00
N HIS B 349 -11.78 30.05 2.20
CA HIS B 349 -12.33 31.07 1.33
C HIS B 349 -11.24 31.79 0.55
N MET B 350 -10.12 31.11 0.29
CA MET B 350 -9.03 31.72 -0.45
C MET B 350 -8.47 30.77 -1.50
N VAL B 351 -7.95 31.36 -2.56
CA VAL B 351 -7.13 30.69 -3.55
C VAL B 351 -5.81 31.43 -3.64
N ARG B 352 -4.77 30.72 -4.10
CA ARG B 352 -3.47 31.32 -4.35
C ARG B 352 -3.19 31.31 -5.84
N ILE B 353 -2.61 32.40 -6.32
CA ILE B 353 -2.31 32.63 -7.74
C ILE B 353 -0.81 32.81 -7.86
N ALA B 354 -0.21 32.13 -8.82
CA ALA B 354 1.21 32.25 -9.10
C ALA B 354 1.49 33.45 -10.02
N LEU B 355 2.42 34.31 -9.59
CA LEU B 355 2.79 35.51 -10.33
C LEU B 355 4.06 35.35 -11.20
N SER B 356 4.86 34.31 -10.98
CA SER B 356 6.05 34.08 -11.81
C SER B 356 5.62 33.40 -13.10
N ARG B 357 4.97 34.20 -13.94
CA ARG B 357 4.32 33.73 -15.16
C ARG B 357 4.43 34.87 -16.16
N SER B 358 4.46 34.53 -17.44
CA SER B 358 4.32 35.58 -18.44
C SER B 358 2.99 36.32 -18.24
N THR B 359 3.00 37.62 -18.50
CA THR B 359 1.86 38.43 -18.10
C THR B 359 0.61 38.07 -18.89
N GLU B 360 0.78 37.68 -20.14
CA GLU B 360 -0.39 37.44 -20.99
C GLU B 360 -1.18 36.23 -20.54
N PRO B 361 -0.57 35.07 -20.32
CA PRO B 361 -1.33 33.95 -19.71
C PRO B 361 -1.86 34.28 -18.32
N LEU B 362 -1.10 35.02 -17.52
CA LEU B 362 -1.62 35.43 -16.22
C LEU B 362 -2.87 36.30 -16.39
N GLU B 363 -2.78 37.32 -17.25
CA GLU B 363 -3.93 38.17 -17.54
C GLU B 363 -5.14 37.35 -17.97
N LYS B 364 -4.95 36.38 -18.88
CA LYS B 364 -6.09 35.58 -19.33
C LYS B 364 -6.69 34.79 -18.17
N SER B 365 -5.85 34.19 -17.32
CA SER B 365 -6.37 33.41 -16.20
C SER B 365 -7.18 34.27 -15.24
N VAL B 366 -6.71 35.50 -14.97
CA VAL B 366 -7.40 36.35 -14.01
C VAL B 366 -8.67 36.94 -14.62
N GLN B 367 -8.72 37.14 -15.94
CA GLN B 367 -9.99 37.51 -16.56
C GLN B 367 -11.00 36.39 -16.41
N VAL B 368 -10.55 35.15 -16.57
CA VAL B 368 -11.45 34.03 -16.35
C VAL B 368 -11.95 34.04 -14.91
N LEU B 369 -11.05 34.28 -13.95
CA LEU B 369 -11.47 34.30 -12.55
C LEU B 369 -12.45 35.44 -12.28
N ARG B 370 -12.25 36.59 -12.93
CA ARG B 370 -13.22 37.68 -12.80
C ARG B 370 -14.61 37.24 -13.24
N THR B 371 -14.71 36.55 -14.36
CA THR B 371 -16.02 36.08 -14.82
C THR B 371 -16.60 35.05 -13.85
N VAL B 372 -15.84 33.99 -13.55
CA VAL B 372 -16.27 33.02 -12.55
C VAL B 372 -16.80 33.74 -11.30
N LEU B 373 -15.94 34.55 -10.69
CA LEU B 373 -16.30 35.23 -9.44
C LEU B 373 -17.46 36.20 -9.61
N GLU B 374 -18.02 36.26 -10.82
CA GLU B 374 -19.24 37.01 -11.09
C GLU B 374 -20.37 36.08 -11.53
N THR B 375 -20.33 34.83 -11.06
CA THR B 375 -21.37 33.82 -11.33
C THR B 375 -21.99 33.98 -12.73
N SER C 21 -36.31 -20.18 17.78
CA SER C 21 -37.31 -19.72 18.73
C SER C 21 -38.05 -18.49 18.21
N GLU C 22 -39.21 -18.21 18.81
CA GLU C 22 -40.07 -17.10 18.39
C GLU C 22 -39.91 -15.86 19.25
N LEU C 23 -39.83 -15.99 20.57
CA LEU C 23 -39.55 -14.85 21.44
C LEU C 23 -38.06 -14.73 21.71
N ASN C 24 -37.30 -14.75 20.62
CA ASN C 24 -35.91 -14.36 20.63
C ASN C 24 -35.80 -12.85 20.44
N ILE C 25 -35.27 -12.17 21.46
CA ILE C 25 -34.96 -10.75 21.37
C ILE C 25 -33.49 -10.61 21.71
N ALA C 26 -32.70 -11.61 21.27
CA ALA C 26 -31.29 -11.71 21.60
C ALA C 26 -30.43 -11.23 20.44
N ASP C 27 -30.27 -12.00 19.37
CA ASP C 27 -29.30 -11.59 18.37
C ASP C 27 -29.80 -10.38 17.58
N GLY C 28 -28.87 -9.56 17.14
CA GLY C 28 -29.22 -8.29 16.55
C GLY C 28 -29.62 -8.34 15.10
N HIS C 29 -29.54 -9.50 14.44
CA HIS C 29 -29.97 -9.55 13.05
C HIS C 29 -31.47 -9.29 12.93
N ALA C 30 -31.86 -8.78 11.76
CA ALA C 30 -33.24 -8.36 11.50
C ALA C 30 -34.13 -9.54 11.19
N ARG C 31 -35.25 -9.64 11.93
CA ARG C 31 -36.19 -10.75 11.84
C ARG C 31 -37.61 -10.26 11.61
N GLN C 32 -37.81 -8.96 11.44
CA GLN C 32 -39.14 -8.44 11.16
C GLN C 32 -39.53 -8.81 9.74
N ALA C 33 -40.82 -8.64 9.45
CA ALA C 33 -41.32 -8.92 8.12
C ALA C 33 -40.74 -7.95 7.10
N LEU C 34 -40.61 -8.44 5.86
CA LEU C 34 -40.31 -7.56 4.73
C LEU C 34 -41.38 -6.47 4.59
N SER C 35 -40.95 -5.27 4.24
CA SER C 35 -41.89 -4.26 3.79
C SER C 35 -42.44 -4.65 2.42
N PRO C 36 -43.51 -3.98 1.96
CA PRO C 36 -44.01 -4.29 0.60
C PRO C 36 -42.97 -4.07 -0.48
N GLY C 37 -42.21 -2.98 -0.41
CA GLY C 37 -41.17 -2.75 -1.40
C GLY C 37 -40.08 -3.81 -1.36
N GLN C 38 -39.75 -4.32 -0.17
CA GLN C 38 -38.75 -5.38 -0.10
C GLN C 38 -39.31 -6.72 -0.58
N GLN C 39 -40.58 -7.01 -0.28
CA GLN C 39 -41.15 -8.27 -0.74
C GLN C 39 -41.21 -8.30 -2.25
N LYS C 40 -41.35 -7.13 -2.88
CA LYS C 40 -41.34 -7.02 -4.35
C LYS C 40 -39.97 -7.39 -4.92
N ILE C 41 -38.89 -6.97 -4.26
CA ILE C 41 -37.56 -7.41 -4.68
C ILE C 41 -37.43 -8.92 -4.56
N VAL C 42 -37.84 -9.48 -3.41
CA VAL C 42 -37.78 -10.92 -3.22
C VAL C 42 -38.57 -11.65 -4.30
N ASN C 43 -39.76 -11.13 -4.63
CA ASN C 43 -40.56 -11.78 -5.67
C ASN C 43 -39.87 -11.74 -7.03
N GLU C 44 -38.93 -10.82 -7.23
CA GLU C 44 -38.19 -10.73 -8.48
C GLU C 44 -36.82 -11.37 -8.43
N LEU C 45 -36.55 -12.19 -7.41
CA LEU C 45 -35.26 -12.87 -7.34
C LEU C 45 -34.92 -13.64 -8.61
N PRO C 46 -35.85 -14.33 -9.26
CA PRO C 46 -35.46 -15.03 -10.50
C PRO C 46 -34.98 -14.08 -11.59
N VAL C 47 -35.44 -12.83 -11.55
CA VAL C 47 -34.99 -11.81 -12.48
C VAL C 47 -33.60 -11.34 -12.13
N LEU C 48 -33.32 -11.10 -10.84
CA LEU C 48 -31.96 -10.80 -10.42
C LEU C 48 -31.00 -11.93 -10.76
N TRP C 49 -31.48 -13.18 -10.70
CA TRP C 49 -30.66 -14.31 -11.12
C TRP C 49 -30.30 -14.20 -12.59
N ALA C 50 -31.31 -14.02 -13.47
CA ALA C 50 -31.02 -13.86 -14.89
C ALA C 50 -30.04 -12.70 -15.13
N GLU C 51 -30.23 -11.59 -14.43
CA GLU C 51 -29.32 -10.48 -14.59
C GLU C 51 -27.91 -10.87 -14.19
N SER C 52 -27.78 -11.63 -13.09
CA SER C 52 -26.47 -12.08 -12.62
C SER C 52 -25.83 -13.09 -13.57
N GLU C 53 -26.62 -13.84 -14.33
CA GLU C 53 -26.01 -14.70 -15.33
C GLU C 53 -25.55 -13.92 -16.56
N GLN C 54 -26.18 -12.79 -16.85
CA GLN C 54 -25.94 -12.08 -18.10
C GLN C 54 -24.91 -10.97 -17.98
N ARG C 55 -24.80 -10.33 -16.83
CA ARG C 55 -23.92 -9.18 -16.71
C ARG C 55 -22.66 -9.51 -15.94
N PRO C 56 -21.57 -8.77 -16.18
CA PRO C 56 -20.35 -9.01 -15.42
C PRO C 56 -20.53 -8.61 -13.95
N VAL C 57 -19.97 -9.44 -13.08
CA VAL C 57 -20.17 -9.23 -11.64
C VAL C 57 -19.61 -7.89 -11.23
N GLN C 58 -18.52 -7.45 -11.86
CA GLN C 58 -17.91 -6.18 -11.46
C GLN C 58 -18.85 -5.01 -11.67
N GLN C 59 -19.73 -5.08 -12.67
CA GLN C 59 -20.69 -3.99 -12.87
C GLN C 59 -21.79 -4.03 -11.82
N ILE C 60 -22.30 -5.23 -11.52
CA ILE C 60 -23.30 -5.35 -10.46
C ILE C 60 -22.69 -4.88 -9.14
N GLU C 61 -21.45 -5.30 -8.88
CA GLU C 61 -20.76 -4.91 -7.64
C GLU C 61 -20.63 -3.40 -7.52
N SER C 62 -20.15 -2.74 -8.57
CA SER C 62 -20.03 -1.28 -8.53
C SER C 62 -21.37 -0.62 -8.25
N GLU C 63 -22.44 -1.10 -8.88
CA GLU C 63 -23.75 -0.53 -8.65
C GLU C 63 -24.22 -0.75 -7.21
N ALA C 64 -23.93 -1.93 -6.65
CA ALA C 64 -24.32 -2.21 -5.27
C ALA C 64 -23.56 -1.31 -4.30
N HIS C 65 -22.25 -1.16 -4.49
CA HIS C 65 -21.48 -0.25 -3.63
C HIS C 65 -21.98 1.17 -3.78
N GLN C 66 -22.13 1.65 -5.03
CA GLN C 66 -22.59 3.01 -5.23
C GLN C 66 -23.91 3.27 -4.52
N ALA C 67 -24.86 2.34 -4.66
CA ALA C 67 -26.16 2.50 -4.01
C ALA C 67 -26.05 2.51 -2.48
N TYR C 68 -25.28 1.58 -1.92
CA TYR C 68 -25.19 1.49 -0.46
C TYR C 68 -24.45 2.68 0.14
N PHE C 69 -23.28 2.99 -0.39
CA PHE C 69 -22.49 4.10 0.15
C PHE C 69 -23.22 5.44 0.02
N THR C 70 -23.84 5.70 -1.13
CA THR C 70 -24.50 7.00 -1.30
C THR C 70 -25.74 7.10 -0.43
N LEU C 71 -26.46 5.99 -0.27
CA LEU C 71 -27.59 5.93 0.66
C LEU C 71 -27.23 6.51 2.02
N LEU C 72 -26.07 6.15 2.54
CA LEU C 72 -25.66 6.50 3.89
C LEU C 72 -24.68 7.65 3.93
N GLY C 73 -24.63 8.45 2.89
CA GLY C 73 -23.90 9.70 2.90
C GLY C 73 -22.41 9.59 2.67
N GLN C 74 -21.90 8.42 2.32
CA GLN C 74 -20.46 8.19 2.24
C GLN C 74 -19.95 8.43 0.81
N HIS C 75 -20.21 9.65 0.33
CA HIS C 75 -19.97 9.95 -1.07
C HIS C 75 -18.50 9.88 -1.46
N GLY C 76 -17.59 10.06 -0.51
CA GLY C 76 -16.19 10.00 -0.84
C GLY C 76 -15.57 8.63 -0.85
N TYR C 77 -16.37 7.56 -0.75
CA TYR C 77 -15.78 6.21 -0.74
C TYR C 77 -14.96 6.00 -2.01
N PRO C 78 -13.88 5.18 -1.93
CA PRO C 78 -13.05 4.92 -3.12
C PRO C 78 -13.78 3.99 -4.08
N ALA C 79 -14.17 4.56 -5.23
CA ALA C 79 -15.04 3.86 -6.17
C ALA C 79 -14.29 3.18 -7.29
N GLU C 80 -12.97 3.30 -7.34
CA GLU C 80 -12.26 2.62 -8.40
C GLU C 80 -12.32 1.11 -8.13
N PRO C 81 -12.55 0.30 -9.17
CA PRO C 81 -12.67 -1.14 -8.95
C PRO C 81 -11.47 -1.71 -8.21
N GLY C 82 -11.75 -2.53 -7.18
CA GLY C 82 -10.73 -3.14 -6.35
C GLY C 82 -10.47 -2.48 -5.02
N ARG C 83 -10.95 -1.25 -4.81
CA ARG C 83 -10.69 -0.58 -3.54
C ARG C 83 -11.64 -1.04 -2.44
N VAL C 84 -12.86 -1.43 -2.79
CA VAL C 84 -13.84 -1.91 -1.82
C VAL C 84 -13.90 -3.42 -2.02
N LEU C 85 -13.49 -4.19 -1.02
CA LEU C 85 -13.47 -5.64 -1.13
C LEU C 85 -14.74 -6.23 -0.51
N SER C 86 -15.55 -6.89 -1.33
CA SER C 86 -16.79 -7.48 -0.86
C SER C 86 -16.51 -8.82 -0.22
N CYS C 87 -16.96 -9.00 1.02
CA CYS C 87 -16.74 -10.21 1.80
C CYS C 87 -18.07 -10.86 2.15
N TYR C 88 -18.04 -12.17 2.46
CA TYR C 88 -19.28 -12.88 2.80
C TYR C 88 -19.99 -12.26 3.99
N SER C 89 -19.24 -11.68 4.92
CA SER C 89 -19.82 -11.04 6.09
C SER C 89 -18.79 -10.04 6.63
N SER C 90 -19.28 -9.17 7.50
CA SER C 90 -18.40 -8.25 8.23
C SER C 90 -17.42 -9.00 9.13
N SER C 91 -17.85 -10.12 9.72
CA SER C 91 -16.90 -10.92 10.52
C SER C 91 -15.80 -11.56 9.67
N VAL C 92 -16.10 -11.93 8.40
CA VAL C 92 -15.02 -12.38 7.51
C VAL C 92 -14.06 -11.22 7.23
N SER C 93 -14.61 -10.03 6.99
CA SER C 93 -13.78 -8.83 6.84
C SER C 93 -12.89 -8.65 8.06
N MET C 94 -13.47 -8.87 9.24
CA MET C 94 -12.71 -8.69 10.49
C MET C 94 -11.64 -9.76 10.69
N GLU C 95 -11.93 -11.01 10.29
CA GLU C 95 -10.88 -12.03 10.29
C GLU C 95 -9.71 -11.62 9.39
N ILE C 96 -10.03 -11.15 8.19
CA ILE C 96 -8.99 -10.67 7.27
C ILE C 96 -8.20 -9.55 7.91
N LEU C 97 -8.89 -8.57 8.46
CA LEU C 97 -8.20 -7.43 9.09
C LEU C 97 -7.34 -7.88 10.27
N ALA C 98 -7.91 -8.71 11.16
CA ALA C 98 -7.16 -9.18 12.33
C ALA C 98 -5.91 -9.93 11.91
N ARG C 99 -6.05 -10.85 10.95
CA ARG C 99 -4.86 -11.61 10.60
C ARG C 99 -3.85 -10.71 9.89
N SER C 100 -4.33 -9.73 9.09
CA SER C 100 -3.45 -8.76 8.44
C SER C 100 -2.69 -7.91 9.48
N LEU C 101 -3.42 -7.41 10.48
CA LEU C 101 -2.78 -6.65 11.55
C LEU C 101 -1.65 -7.44 12.19
N SER C 102 -1.86 -8.74 12.42
CA SER C 102 -0.88 -9.54 13.15
C SER C 102 0.43 -9.69 12.41
N ALA C 103 0.50 -9.37 11.12
CA ALA C 103 1.77 -9.37 10.42
C ALA C 103 2.77 -8.38 11.03
N SER C 104 2.29 -7.25 11.57
CA SER C 104 3.19 -6.20 12.02
C SER C 104 2.76 -5.53 13.32
N VAL C 105 1.60 -5.84 13.85
CA VAL C 105 1.06 -5.19 15.04
C VAL C 105 0.95 -6.23 16.15
N ASP C 106 1.30 -5.83 17.38
CA ASP C 106 1.13 -6.69 18.53
C ASP C 106 -0.01 -6.31 19.46
N ARG C 107 -0.39 -5.05 19.48
CA ARG C 107 -1.39 -4.52 20.40
C ARG C 107 -2.37 -3.60 19.69
N VAL C 108 -3.65 -3.69 20.08
CA VAL C 108 -4.72 -2.91 19.51
C VAL C 108 -5.46 -2.23 20.65
N ALA C 109 -5.72 -0.92 20.49
CA ALA C 109 -6.65 -0.20 21.36
C ALA C 109 -8.07 -0.38 20.81
N LEU C 110 -8.96 -0.91 21.63
CA LEU C 110 -10.32 -1.27 21.21
C LEU C 110 -11.35 -0.63 22.15
N VAL C 111 -12.41 -0.04 21.57
CA VAL C 111 -13.46 0.58 22.37
C VAL C 111 -14.13 -0.47 23.24
N HIS C 112 -14.49 -0.05 24.44
CA HIS C 112 -14.97 -0.93 25.50
C HIS C 112 -16.17 -0.23 26.15
N PRO C 113 -17.35 -0.88 26.20
CA PRO C 113 -17.71 -2.18 25.65
C PRO C 113 -17.84 -2.11 24.15
N THR C 114 -17.87 -3.27 23.52
CA THR C 114 -18.25 -3.39 22.12
C THR C 114 -18.66 -4.82 21.88
N PHE C 115 -19.09 -5.09 20.64
CA PHE C 115 -19.42 -6.42 20.20
C PHE C 115 -18.21 -7.33 20.42
N ASP C 116 -18.38 -8.34 21.26
CA ASP C 116 -17.21 -9.06 21.78
C ASP C 116 -16.53 -9.93 20.74
N ASN C 117 -17.22 -10.25 19.64
CA ASN C 117 -16.59 -11.03 18.59
C ASN C 117 -15.37 -10.31 18.03
N ILE C 118 -15.39 -8.98 18.01
CA ILE C 118 -14.23 -8.23 17.56
C ILE C 118 -13.04 -8.56 18.43
N ALA C 119 -13.24 -8.58 19.74
CA ALA C 119 -12.14 -8.92 20.62
C ALA C 119 -11.66 -10.35 20.41
N ASP C 120 -12.59 -11.28 20.20
CA ASP C 120 -12.21 -12.68 20.01
C ASP C 120 -11.43 -12.89 18.71
N LEU C 121 -11.83 -12.19 17.65
CA LEU C 121 -11.09 -12.33 16.38
C LEU C 121 -9.71 -11.69 16.48
N LEU C 122 -9.60 -10.54 17.15
CA LEU C 122 -8.28 -9.95 17.36
C LEU C 122 -7.40 -10.84 18.22
N ARG C 123 -7.89 -11.22 19.41
N ARG C 123 -7.90 -11.26 19.39
CA ARG C 123 -7.10 -12.10 20.27
CA ARG C 123 -7.07 -12.09 20.27
C ARG C 123 -6.70 -13.36 19.53
C ARG C 123 -6.76 -13.46 19.67
N GLY C 124 -7.66 -14.02 18.88
CA GLY C 124 -7.39 -15.29 18.24
C GLY C 124 -6.34 -15.19 17.17
N ASN C 125 -6.12 -14.00 16.62
CA ASN C 125 -5.05 -13.77 15.65
C ASN C 125 -3.78 -13.23 16.30
N GLY C 126 -3.70 -13.27 17.62
CA GLY C 126 -2.48 -12.98 18.33
C GLY C 126 -2.32 -11.54 18.76
N LEU C 127 -3.38 -10.75 18.70
CA LEU C 127 -3.28 -9.36 19.11
C LEU C 127 -3.65 -9.23 20.58
N ASP C 128 -2.91 -8.42 21.33
CA ASP C 128 -3.19 -8.09 22.72
C ASP C 128 -3.98 -6.79 22.75
N LEU C 129 -4.99 -6.71 23.60
CA LEU C 129 -5.99 -5.65 23.56
C LEU C 129 -5.84 -4.66 24.72
N VAL C 130 -5.97 -3.38 24.41
CA VAL C 130 -6.00 -2.32 25.41
C VAL C 130 -7.38 -1.67 25.34
N PRO C 131 -8.19 -1.75 26.39
CA PRO C 131 -9.51 -1.15 26.32
C PRO C 131 -9.44 0.36 26.38
N VAL C 132 -10.34 0.99 25.63
CA VAL C 132 -10.57 2.43 25.74
C VAL C 132 -12.04 2.63 26.06
N GLU C 133 -12.32 3.23 27.21
CA GLU C 133 -13.71 3.46 27.57
C GLU C 133 -14.31 4.54 26.67
N GLU C 134 -15.64 4.49 26.54
CA GLU C 134 -16.32 5.36 25.60
C GLU C 134 -16.12 6.83 25.91
N ASP C 135 -16.26 7.21 27.19
CA ASP C 135 -16.16 8.62 27.51
C ASP C 135 -14.79 9.15 27.18
N ALA C 136 -13.76 8.32 27.38
CA ALA C 136 -12.40 8.73 27.07
C ALA C 136 -12.18 8.80 25.56
N LEU C 137 -12.67 7.81 24.81
CA LEU C 137 -12.53 7.84 23.36
C LEU C 137 -13.19 9.08 22.74
N HIS C 138 -14.42 9.38 23.17
CA HIS C 138 -15.18 10.46 22.54
C HIS C 138 -14.85 11.82 23.12
N GLY C 139 -14.41 11.87 24.38
CA GLY C 139 -14.36 13.15 25.06
C GLY C 139 -13.01 13.84 25.10
N ALA C 140 -11.93 13.15 24.75
CA ALA C 140 -10.60 13.70 24.88
C ALA C 140 -9.67 13.00 23.90
N ASP C 141 -8.58 13.68 23.58
CA ASP C 141 -7.53 13.06 22.78
C ASP C 141 -7.02 11.80 23.45
N LEU C 142 -6.56 10.86 22.64
CA LEU C 142 -5.79 9.73 23.16
C LEU C 142 -4.41 10.20 23.60
N SER C 143 -3.86 9.57 24.63
CA SER C 143 -2.52 9.93 25.10
C SER C 143 -1.44 9.40 24.16
N ALA C 144 -0.32 10.12 24.13
CA ALA C 144 0.87 9.65 23.42
C ALA C 144 1.37 8.32 23.96
N GLU C 145 1.15 8.05 25.24
CA GLU C 145 1.62 6.78 25.75
C GLU C 145 0.75 5.64 25.21
N LEU C 146 -0.53 5.90 24.96
CA LEU C 146 -1.36 4.85 24.35
C LEU C 146 -0.94 4.64 22.91
N LEU C 147 -0.73 5.73 22.17
CA LEU C 147 -0.42 5.59 20.75
C LEU C 147 0.99 5.02 20.50
N SER C 148 1.93 5.12 21.44
CA SER C 148 3.20 4.43 21.32
C SER C 148 3.10 2.97 21.73
N SER C 149 1.98 2.55 22.30
CA SER C 149 1.81 1.20 22.79
C SER C 149 0.92 0.31 21.92
N VAL C 150 0.28 0.87 20.91
CA VAL C 150 -0.61 0.10 20.03
C VAL C 150 -0.31 0.47 18.58
N GLY C 151 -0.56 -0.49 17.70
CA GLY C 151 -0.42 -0.24 16.29
C GLY C 151 -1.73 -0.01 15.56
N CYS C 152 -2.86 -0.08 16.26
CA CYS C 152 -4.18 0.14 15.67
C CYS C 152 -5.13 0.61 16.76
N VAL C 153 -6.01 1.53 16.39
CA VAL C 153 -7.14 1.97 17.21
C VAL C 153 -8.39 1.51 16.48
N PHE C 154 -9.24 0.77 17.18
CA PHE C 154 -10.42 0.15 16.57
C PHE C 154 -11.67 0.69 17.24
N VAL C 155 -12.53 1.34 16.45
CA VAL C 155 -13.76 1.94 16.96
C VAL C 155 -14.96 1.42 16.20
N THR C 156 -15.92 0.88 16.93
CA THR C 156 -17.22 0.48 16.39
C THR C 156 -18.12 1.72 16.49
N THR C 157 -18.62 2.20 15.35
CA THR C 157 -19.48 3.37 15.38
C THR C 157 -20.54 3.32 14.27
N PRO C 158 -21.84 3.44 14.61
CA PRO C 158 -22.37 3.52 15.97
C PRO C 158 -22.00 2.27 16.75
N ASN C 159 -21.71 2.44 18.03
CA ASN C 159 -21.26 1.30 18.80
C ASN C 159 -22.41 0.32 19.07
N ASN C 160 -22.05 -0.95 19.16
CA ASN C 160 -22.92 -2.04 19.60
C ASN C 160 -22.25 -2.50 20.88
N PRO C 161 -22.93 -2.37 22.04
CA PRO C 161 -24.38 -2.25 22.29
C PRO C 161 -24.92 -0.86 22.63
N THR C 162 -24.10 0.18 22.66
CA THR C 162 -24.52 1.43 23.27
C THR C 162 -25.16 2.40 22.29
N GLY C 163 -24.96 2.20 21.00
CA GLY C 163 -25.46 3.12 20.01
C GLY C 163 -24.66 4.39 19.89
N ARG C 164 -23.59 4.54 20.65
CA ARG C 164 -22.86 5.79 20.67
C ARG C 164 -22.20 6.06 19.32
N VAL C 165 -22.37 7.27 18.81
CA VAL C 165 -21.87 7.62 17.48
C VAL C 165 -20.63 8.48 17.62
N LEU C 166 -19.58 8.09 16.92
CA LEU C 166 -18.36 8.89 16.86
C LEU C 166 -18.60 10.11 16.01
N ALA C 167 -18.59 11.29 16.64
CA ALA C 167 -18.89 12.52 15.93
C ALA C 167 -17.75 12.94 15.00
N GLU C 168 -18.11 13.70 13.97
CA GLU C 168 -17.15 14.07 12.93
C GLU C 168 -15.92 14.76 13.51
N GLU C 169 -16.11 15.68 14.46
CA GLU C 169 -14.96 16.38 14.99
C GLU C 169 -14.01 15.44 15.72
N ARG C 170 -14.54 14.47 16.45
CA ARG C 170 -13.67 13.53 17.14
C ARG C 170 -13.06 12.53 16.16
N LEU C 171 -13.83 12.07 15.16
CA LEU C 171 -13.21 11.21 14.16
C LEU C 171 -12.04 11.92 13.49
N ARG C 172 -12.19 13.22 13.21
CA ARG C 172 -11.09 13.95 12.57
C ARG C 172 -9.86 14.01 13.48
N ARG C 173 -10.06 14.36 14.75
CA ARG C 173 -8.92 14.44 15.67
C ARG C 173 -8.28 13.06 15.85
N LEU C 174 -9.10 12.02 15.97
CA LEU C 174 -8.54 10.68 16.13
C LEU C 174 -7.72 10.29 14.91
N ALA C 175 -8.24 10.55 13.72
CA ALA C 175 -7.51 10.26 12.49
C ALA C 175 -6.21 11.05 12.42
N GLU C 176 -6.25 12.33 12.83
CA GLU C 176 -5.02 13.12 12.85
C GLU C 176 -4.03 12.54 13.83
N GLN C 177 -4.50 12.11 15.02
CA GLN C 177 -3.55 11.53 15.98
C GLN C 177 -2.95 10.24 15.45
N CYS C 178 -3.77 9.41 14.80
CA CYS C 178 -3.23 8.19 14.22
C CYS C 178 -2.21 8.51 13.14
N ALA C 179 -2.47 9.52 12.31
CA ALA C 179 -1.52 9.92 11.26
C ALA C 179 -0.19 10.35 11.86
N GLU C 180 -0.23 11.05 12.99
CA GLU C 180 0.99 11.55 13.62
C GLU C 180 1.83 10.39 14.15
N HIS C 181 1.19 9.29 14.57
CA HIS C 181 1.89 8.18 15.20
C HIS C 181 2.06 6.96 14.30
N GLY C 182 1.62 6.99 13.05
CA GLY C 182 1.76 5.83 12.20
C GLY C 182 0.78 4.71 12.51
N THR C 183 -0.27 5.01 13.29
CA THR C 183 -1.25 4.04 13.78
C THR C 183 -2.33 3.80 12.75
N VAL C 184 -2.76 2.54 12.61
CA VAL C 184 -3.95 2.21 11.83
C VAL C 184 -5.21 2.60 12.59
N LEU C 185 -6.09 3.36 11.95
CA LEU C 185 -7.41 3.63 12.49
C LEU C 185 -8.42 2.73 11.78
N ALA C 186 -9.10 1.86 12.53
CA ALA C 186 -10.05 0.90 11.99
C ALA C 186 -11.42 1.22 12.54
N LEU C 187 -12.42 1.30 11.66
CA LEU C 187 -13.81 1.55 12.04
C LEU C 187 -14.70 0.38 11.64
N ASP C 188 -15.58 -0.03 12.55
CA ASP C 188 -16.64 -1.01 12.24
C ASP C 188 -17.95 -0.25 12.21
N THR C 189 -18.54 -0.12 11.02
CA THR C 189 -19.70 0.75 10.81
C THR C 189 -20.95 -0.04 10.45
N SER C 190 -21.06 -1.25 10.99
CA SER C 190 -22.21 -2.11 10.76
C SER C 190 -23.54 -1.43 11.05
N PHE C 191 -23.61 -0.62 12.10
CA PHE C 191 -24.86 0.04 12.50
C PHE C 191 -25.09 1.39 11.80
N ARG C 192 -24.24 1.76 10.85
CA ARG C 192 -24.31 3.09 10.26
C ARG C 192 -25.73 3.43 9.78
N GLY C 193 -26.40 2.49 9.12
CA GLY C 193 -27.67 2.81 8.49
C GLY C 193 -28.74 3.25 9.45
N PHE C 194 -28.64 2.89 10.73
CA PHE C 194 -29.70 3.19 11.68
C PHE C 194 -29.71 4.64 12.17
N ASP C 195 -28.58 5.34 12.12
CA ASP C 195 -28.45 6.61 12.82
C ASP C 195 -27.88 7.66 11.88
N ALA C 196 -28.72 8.64 11.52
CA ALA C 196 -28.30 9.72 10.63
C ALA C 196 -27.11 10.49 11.14
N ALA C 197 -26.84 10.46 12.45
CA ALA C 197 -25.65 11.14 12.99
C ALA C 197 -24.36 10.51 12.46
N ALA C 198 -24.45 9.28 11.96
CA ALA C 198 -23.31 8.59 11.37
C ALA C 198 -23.28 8.70 9.86
N HIS C 199 -24.08 9.57 9.25
CA HIS C 199 -24.13 9.66 7.79
C HIS C 199 -23.34 10.85 7.25
N TYR C 200 -22.60 11.57 8.11
CA TYR C 200 -21.59 12.44 7.55
C TYR C 200 -20.50 11.59 6.89
N ASP C 201 -19.78 12.20 5.94
CA ASP C 201 -18.91 11.42 5.05
C ASP C 201 -17.66 11.05 5.82
N HIS C 202 -17.57 9.78 6.25
CA HIS C 202 -16.39 9.32 6.99
C HIS C 202 -15.15 9.24 6.10
N TYR C 203 -15.34 8.82 4.84
CA TYR C 203 -14.20 8.65 3.95
C TYR C 203 -13.53 9.98 3.66
N ALA C 204 -14.33 11.03 3.53
CA ALA C 204 -13.78 12.37 3.36
C ALA C 204 -12.89 12.77 4.54
N VAL C 205 -13.31 12.47 5.76
CA VAL C 205 -12.48 12.92 6.86
C VAL C 205 -11.24 12.05 6.99
N LEU C 206 -11.38 10.74 6.76
CA LEU C 206 -10.23 9.85 6.81
C LEU C 206 -9.21 10.21 5.74
N GLN C 207 -9.67 10.44 4.52
CA GLN C 207 -8.76 10.79 3.43
C GLN C 207 -8.09 12.14 3.66
N GLU C 208 -8.81 13.10 4.23
CA GLU C 208 -8.18 14.40 4.50
C GLU C 208 -7.15 14.31 5.62
N ALA C 209 -7.44 13.54 6.67
CA ALA C 209 -6.47 13.39 7.75
C ALA C 209 -5.24 12.62 7.31
N GLY C 210 -5.40 11.71 6.35
CA GLY C 210 -4.29 11.00 5.79
C GLY C 210 -3.66 9.96 6.69
N CYS C 211 -4.40 9.40 7.64
CA CYS C 211 -3.86 8.28 8.40
C CYS C 211 -4.00 6.98 7.60
N ARG C 212 -3.32 5.95 8.07
CA ARG C 212 -3.63 4.58 7.62
C ARG C 212 -5.00 4.22 8.18
N TRP C 213 -5.90 3.74 7.32
CA TRP C 213 -7.26 3.48 7.79
C TRP C 213 -7.88 2.28 7.11
N VAL C 214 -8.86 1.71 7.81
CA VAL C 214 -9.67 0.61 7.36
C VAL C 214 -11.07 0.86 7.88
N VAL C 215 -12.07 0.65 7.02
CA VAL C 215 -13.48 0.69 7.41
C VAL C 215 -14.11 -0.64 6.99
N ILE C 216 -14.84 -1.27 7.91
CA ILE C 216 -15.69 -2.41 7.57
C ILE C 216 -17.14 -1.96 7.61
N GLU C 217 -17.75 -1.81 6.45
CA GLU C 217 -19.18 -1.63 6.36
C GLU C 217 -19.86 -2.99 6.37
N ASP C 218 -21.15 -2.98 6.62
CA ASP C 218 -21.90 -4.22 6.75
C ASP C 218 -23.32 -3.93 6.30
N THR C 219 -23.85 -4.73 5.38
CA THR C 219 -25.25 -4.57 5.00
C THR C 219 -26.17 -5.42 5.85
N GLY C 220 -25.60 -6.29 6.68
CA GLY C 220 -26.33 -7.41 7.25
C GLY C 220 -27.35 -7.08 8.32
N LEU C 222 -29.31 -4.22 8.67
CA LEU C 222 -30.41 -3.30 8.33
C LEU C 222 -31.71 -3.97 7.94
N TRP C 223 -31.59 -5.07 7.22
CA TRP C 223 -32.74 -5.58 6.51
C TRP C 223 -32.92 -7.08 6.74
N PRO C 224 -34.19 -7.57 6.71
CA PRO C 224 -34.44 -9.00 6.93
C PRO C 224 -34.22 -9.77 5.65
N THR C 225 -32.95 -10.05 5.34
CA THR C 225 -32.57 -10.71 4.10
C THR C 225 -32.08 -12.14 4.31
N LEU C 226 -32.53 -12.80 5.38
CA LEU C 226 -32.14 -14.18 5.64
C LEU C 226 -30.62 -14.34 5.62
N ASP C 227 -29.93 -13.34 6.17
CA ASP C 227 -28.48 -13.33 6.30
C ASP C 227 -27.77 -13.27 4.95
N LEU C 228 -28.46 -12.92 3.87
CA LEU C 228 -27.80 -12.60 2.62
C LEU C 228 -27.30 -11.17 2.69
N LYS C 229 -25.99 -11.00 2.60
CA LYS C 229 -25.36 -9.77 3.05
C LYS C 229 -23.94 -9.74 2.54
N ALA C 230 -23.29 -8.60 2.78
CA ALA C 230 -21.86 -8.49 2.55
C ALA C 230 -21.23 -7.57 3.58
N GLY C 231 -20.02 -7.93 3.99
CA GLY C 231 -19.14 -6.98 4.62
C GLY C 231 -18.32 -6.30 3.54
N LEU C 232 -18.15 -5.00 3.66
CA LEU C 232 -17.40 -4.22 2.69
C LEU C 232 -16.12 -3.73 3.35
N LEU C 233 -14.99 -4.26 2.92
CA LEU C 233 -13.70 -3.98 3.52
C LEU C 233 -13.02 -2.92 2.68
N VAL C 234 -12.80 -1.74 3.25
CA VAL C 234 -12.27 -0.59 2.53
C VAL C 234 -11.03 -0.13 3.28
N PHE C 235 -9.97 0.21 2.56
CA PHE C 235 -8.77 0.64 3.27
C PHE C 235 -7.99 1.64 2.44
N SER C 236 -7.11 2.35 3.14
CA SER C 236 -6.32 3.39 2.52
C SER C 236 -5.25 2.79 1.61
N GLU C 237 -4.81 3.58 0.63
CA GLU C 237 -3.77 3.08 -0.27
C GLU C 237 -2.42 2.90 0.43
N ASP C 238 -2.25 3.42 1.64
CA ASP C 238 -1.00 3.26 2.38
C ASP C 238 -1.21 2.38 3.62
N ILE C 239 -2.14 1.43 3.53
CA ILE C 239 -2.54 0.69 4.71
C ILE C 239 -1.34 -0.04 5.31
N GLY C 240 -0.44 -0.55 4.47
CA GLY C 240 0.77 -1.14 5.01
C GLY C 240 0.56 -2.50 5.67
N LEU C 241 -0.57 -3.14 5.40
CA LEU C 241 -0.92 -4.47 5.88
C LEU C 241 -1.24 -5.35 4.68
N PRO C 242 -1.06 -6.68 4.78
CA PRO C 242 -1.34 -7.56 3.65
C PRO C 242 -2.83 -7.89 3.47
N VAL C 243 -3.69 -6.88 3.56
CA VAL C 243 -5.13 -7.11 3.50
C VAL C 243 -5.56 -7.62 2.12
N GLU C 244 -5.00 -7.10 1.03
CA GLU C 244 -5.45 -7.58 -0.27
C GLU C 244 -5.07 -9.05 -0.46
N LYS C 245 -3.88 -9.41 -0.03
CA LYS C 245 -3.41 -10.79 -0.19
C LYS C 245 -4.28 -11.74 0.63
N ILE C 246 -4.51 -11.40 1.91
CA ILE C 246 -5.28 -12.31 2.76
C ILE C 246 -6.74 -12.38 2.31
N TYR C 247 -7.33 -11.27 1.86
CA TYR C 247 -8.66 -11.32 1.25
C TYR C 247 -8.69 -12.33 0.12
N SER C 248 -7.72 -12.24 -0.78
CA SER C 248 -7.73 -13.10 -1.96
C SER C 248 -7.43 -14.54 -1.61
N ASP C 249 -6.80 -14.78 -0.46
CA ASP C 249 -6.58 -16.16 -0.02
C ASP C 249 -7.89 -16.78 0.48
N ILE C 250 -8.80 -15.95 0.96
CA ILE C 250 -10.05 -16.43 1.50
C ILE C 250 -11.16 -16.47 0.46
N LEU C 251 -11.22 -15.52 -0.49
CA LEU C 251 -12.32 -15.53 -1.44
C LEU C 251 -11.99 -14.69 -2.68
N LEU C 252 -12.69 -15.02 -3.76
CA LEU C 252 -12.62 -14.26 -5.01
C LEU C 252 -13.63 -13.13 -5.05
N GLY C 253 -14.69 -13.24 -4.28
CA GLY C 253 -15.74 -12.23 -4.30
C GLY C 253 -17.00 -12.87 -3.78
N VAL C 254 -18.08 -12.10 -3.80
CA VAL C 254 -19.36 -12.56 -3.30
C VAL C 254 -20.30 -12.76 -4.50
N SER C 255 -21.36 -13.47 -4.25
CA SER C 255 -22.31 -13.83 -5.31
C SER C 255 -22.86 -12.57 -5.97
N PRO C 256 -22.91 -12.51 -7.29
CA PRO C 256 -23.63 -11.40 -7.94
C PRO C 256 -25.08 -11.30 -7.54
N LEU C 257 -25.72 -12.41 -7.15
CA LEU C 257 -27.11 -12.33 -6.74
C LEU C 257 -27.26 -11.57 -5.43
N ILE C 258 -26.34 -11.78 -4.49
CA ILE C 258 -26.37 -11.04 -3.24
C ILE C 258 -26.04 -9.56 -3.48
N LEU C 259 -25.08 -9.28 -4.37
CA LEU C 259 -24.78 -7.90 -4.68
C LEU C 259 -25.97 -7.22 -5.32
N ALA C 260 -26.65 -7.94 -6.21
CA ALA C 260 -27.83 -7.34 -6.82
C ALA C 260 -28.91 -7.09 -5.76
N LEU C 261 -29.08 -8.04 -4.85
CA LEU C 261 -30.02 -7.86 -3.75
C LEU C 261 -29.67 -6.64 -2.92
N ILE C 262 -28.39 -6.46 -2.59
CA ILE C 262 -27.97 -5.29 -1.84
C ILE C 262 -28.29 -4.04 -2.61
N ARG C 263 -27.99 -4.03 -3.90
CA ARG C 263 -28.31 -2.86 -4.70
C ARG C 263 -29.80 -2.52 -4.63
N GLU C 264 -30.65 -3.52 -4.84
CA GLU C 264 -32.10 -3.28 -4.86
C GLU C 264 -32.61 -2.85 -3.49
N PHE C 265 -32.18 -3.51 -2.42
CA PHE C 265 -32.59 -3.08 -1.08
C PHE C 265 -32.10 -1.68 -0.76
N SER C 266 -30.91 -1.33 -1.28
CA SER C 266 -30.38 0.01 -1.05
C SER C 266 -31.22 1.06 -1.78
N ARG C 267 -31.62 0.75 -3.02
CA ARG C 267 -32.47 1.66 -3.79
C ARG C 267 -33.85 1.82 -3.14
N ASP C 268 -34.43 0.71 -2.68
CA ASP C 268 -35.67 0.81 -1.93
C ASP C 268 -35.50 1.68 -0.68
N ALA C 269 -34.37 1.52 0.03
CA ALA C 269 -34.12 2.34 1.19
C ALA C 269 -34.01 3.81 0.80
N ALA C 270 -33.33 4.08 -0.32
CA ALA C 270 -33.20 5.46 -0.76
C ALA C 270 -34.55 6.06 -1.14
N ASP C 271 -35.51 5.22 -1.57
CA ASP C 271 -36.83 5.68 -2.02
C ASP C 271 -37.83 5.84 -0.89
N GLY C 272 -37.39 5.84 0.36
CA GLY C 272 -38.26 5.99 1.51
C GLY C 272 -38.16 4.86 2.49
N GLY C 273 -37.55 3.72 2.09
CA GLY C 273 -37.44 2.60 2.99
C GLY C 273 -36.60 2.92 4.22
N LEU C 274 -35.56 3.74 4.06
CA LEU C 274 -34.71 4.02 5.23
C LEU C 274 -35.44 4.88 6.24
N ALA C 275 -36.20 5.88 5.78
CA ALA C 275 -37.03 6.64 6.71
C ALA C 275 -38.02 5.72 7.41
N ASP C 276 -38.63 4.79 6.66
CA ASP C 276 -39.55 3.84 7.28
C ASP C 276 -38.84 2.97 8.31
N LEU C 277 -37.64 2.52 7.99
CA LEU C 277 -36.85 1.74 8.95
C LEU C 277 -36.59 2.52 10.23
N HIS C 278 -36.16 3.78 10.10
CA HIS C 278 -35.91 4.59 11.30
C HIS C 278 -37.17 4.74 12.15
N ALA C 279 -38.32 4.92 11.49
CA ALA C 279 -39.57 5.06 12.24
C ALA C 279 -39.94 3.75 12.92
N PHE C 280 -39.69 2.61 12.26
CA PHE C 280 -39.98 1.32 12.83
C PHE C 280 -39.12 1.04 14.06
N ILE C 281 -37.82 1.31 13.96
CA ILE C 281 -36.92 1.10 15.10
C ILE C 281 -37.30 2.04 16.23
N LEU C 282 -37.58 3.30 15.90
CA LEU C 282 -38.02 4.26 16.92
C LEU C 282 -39.28 3.77 17.62
N HIS C 283 -40.25 3.28 16.84
CA HIS C 283 -41.46 2.69 17.41
C HIS C 283 -41.15 1.56 18.36
N ASN C 284 -40.26 0.64 17.96
CA ASN C 284 -39.99 -0.51 18.82
C ASN C 284 -39.22 -0.10 20.06
N ARG C 285 -38.30 0.87 19.94
CA ARG C 285 -37.64 1.40 21.11
C ARG C 285 -38.66 2.00 22.05
N SER C 286 -39.67 2.67 21.49
CA SER C 286 -40.71 3.29 22.33
C SER C 286 -41.55 2.25 23.04
N VAL C 287 -41.89 1.17 22.36
CA VAL C 287 -42.57 0.05 23.00
C VAL C 287 -41.80 -0.41 24.24
N VAL C 288 -40.48 -0.60 24.08
CA VAL C 288 -39.68 -1.10 25.19
C VAL C 288 -39.69 -0.11 26.33
N ARG C 289 -39.43 1.15 26.02
CA ARG C 289 -39.29 2.13 27.08
C ARG C 289 -40.64 2.41 27.73
N ARG C 290 -41.70 2.53 26.92
CA ARG C 290 -43.03 2.72 27.51
C ARG C 290 -43.39 1.58 28.44
N ALA C 291 -43.04 0.34 28.05
CA ALA C 291 -43.41 -0.83 28.84
C ALA C 291 -42.68 -0.90 30.17
N LEU C 292 -41.43 -0.41 30.23
CA LEU C 292 -40.61 -0.56 31.43
C LEU C 292 -40.39 0.74 32.18
N ALA C 293 -40.84 1.86 31.62
CA ALA C 293 -40.69 3.20 32.19
C ALA C 293 -40.81 3.24 33.70
N GLY C 294 -42.00 2.93 34.22
CA GLY C 294 -42.27 3.15 35.63
C GLY C 294 -42.00 1.95 36.51
N VAL C 295 -41.08 1.07 36.12
CA VAL C 295 -40.70 -0.06 36.96
C VAL C 295 -39.56 0.40 37.87
N GLU C 296 -39.70 0.11 39.16
CA GLU C 296 -38.70 0.52 40.15
C GLU C 296 -37.32 0.02 39.74
N GLY C 297 -36.36 0.93 39.69
CA GLY C 297 -34.99 0.55 39.47
C GLY C 297 -34.60 0.32 38.04
N VAL C 298 -35.46 0.63 37.07
CA VAL C 298 -35.14 0.46 35.66
C VAL C 298 -34.68 1.79 35.10
N SER C 299 -33.62 1.78 34.31
CA SER C 299 -33.20 2.96 33.59
C SER C 299 -32.70 2.57 32.19
N PHE C 300 -32.56 3.56 31.34
CA PHE C 300 -32.07 3.34 29.98
C PHE C 300 -30.76 4.11 29.77
N PRO C 301 -29.61 3.42 29.76
CA PRO C 301 -28.33 4.15 29.75
C PRO C 301 -28.06 4.95 28.50
N ASP C 302 -28.72 4.67 27.38
CA ASP C 302 -28.40 5.32 26.10
C ASP C 302 -29.63 6.02 25.56
N PRO C 303 -30.05 7.11 26.23
CA PRO C 303 -31.30 7.78 25.81
C PRO C 303 -31.35 8.13 24.35
N GLU C 304 -30.22 8.51 23.76
CA GLU C 304 -30.16 9.00 22.40
C GLU C 304 -29.86 7.90 21.36
N SER C 305 -29.69 6.65 21.76
CA SER C 305 -29.39 5.61 20.79
C SER C 305 -30.51 5.47 19.78
N ARG C 306 -30.14 5.32 18.50
CA ARG C 306 -31.07 4.93 17.46
C ARG C 306 -30.75 3.56 16.88
N SER C 307 -29.88 2.81 17.53
CA SER C 307 -29.51 1.52 16.99
C SER C 307 -30.62 0.50 17.20
N SER C 308 -30.47 -0.63 16.51
CA SER C 308 -31.46 -1.69 16.55
C SER C 308 -31.33 -2.62 17.74
N VAL C 309 -30.48 -2.27 18.70
CA VAL C 309 -30.43 -2.96 19.98
C VAL C 309 -30.52 -1.93 21.09
N GLU C 310 -31.02 -2.38 22.25
CA GLU C 310 -31.34 -1.46 23.33
C GLU C 310 -30.87 -2.06 24.64
N ARG C 311 -30.09 -1.28 25.39
CA ARG C 311 -29.65 -1.67 26.72
C ARG C 311 -30.69 -1.24 27.76
N VAL C 312 -30.92 -2.10 28.76
CA VAL C 312 -31.78 -1.76 29.89
C VAL C 312 -31.02 -2.06 31.17
N ALA C 313 -30.95 -1.09 32.07
CA ALA C 313 -30.23 -1.23 33.33
C ALA C 313 -31.21 -1.42 34.49
N PHE C 314 -30.79 -2.20 35.49
CA PHE C 314 -31.57 -2.34 36.71
C PHE C 314 -30.67 -2.18 37.94
N ALA C 315 -31.21 -1.53 38.95
CA ALA C 315 -30.61 -1.56 40.27
C ALA C 315 -31.26 -2.68 41.05
N GLY C 316 -30.44 -3.51 41.68
CA GLY C 316 -30.92 -4.56 42.54
C GLY C 316 -30.94 -5.94 41.92
N ARG C 317 -30.63 -6.08 40.64
CA ARG C 317 -30.65 -7.36 39.96
C ARG C 317 -29.53 -7.37 38.94
N THR C 318 -28.92 -8.55 38.75
CA THR C 318 -27.91 -8.71 37.72
C THR C 318 -28.56 -9.08 36.41
N GLY C 319 -27.98 -8.60 35.31
CA GLY C 319 -28.49 -8.99 34.01
C GLY C 319 -28.52 -10.48 33.83
N THR C 320 -27.58 -11.19 34.45
CA THR C 320 -27.59 -12.65 34.34
C THR C 320 -28.83 -13.23 35.02
N GLU C 321 -29.20 -12.70 36.19
CA GLU C 321 -30.39 -13.20 36.86
C GLU C 321 -31.64 -12.92 36.05
N VAL C 322 -31.75 -11.70 35.53
CA VAL C 322 -32.90 -11.35 34.69
C VAL C 322 -32.97 -12.27 33.48
N TRP C 323 -31.83 -12.52 32.85
CA TRP C 323 -31.79 -13.38 31.68
C TRP C 323 -32.22 -14.81 32.02
N GLU C 324 -31.79 -15.32 33.18
CA GLU C 324 -32.23 -16.64 33.63
C GLU C 324 -33.74 -16.69 33.79
N GLU C 325 -34.28 -15.77 34.60
CA GLU C 325 -35.71 -15.69 34.84
C GLU C 325 -36.48 -15.61 33.53
N LEU C 326 -36.12 -14.63 32.69
CA LEU C 326 -36.74 -14.49 31.37
C LEU C 326 -36.75 -15.82 30.62
N GLN C 327 -35.69 -16.60 30.72
CA GLN C 327 -35.59 -17.84 29.97
C GLN C 327 -36.63 -18.86 30.42
N ARG C 328 -36.90 -18.91 31.74
CA ARG C 328 -37.94 -19.81 32.24
C ARG C 328 -39.29 -19.49 31.61
N HIS C 329 -39.52 -18.21 31.29
CA HIS C 329 -40.72 -17.80 30.57
C HIS C 329 -40.51 -17.81 29.06
N HIS C 330 -39.47 -18.48 28.57
CA HIS C 330 -39.25 -18.70 27.15
C HIS C 330 -38.94 -17.42 26.37
N VAL C 331 -38.40 -16.40 27.04
CA VAL C 331 -37.97 -15.17 26.39
C VAL C 331 -36.45 -15.13 26.45
N PHE C 332 -35.81 -14.83 25.31
CA PHE C 332 -34.36 -14.93 25.16
C PHE C 332 -33.78 -13.57 24.78
N ALA C 333 -33.23 -12.87 25.77
CA ALA C 333 -32.52 -11.62 25.61
C ALA C 333 -31.02 -11.91 25.75
N LEU C 334 -30.23 -10.89 26.15
CA LEU C 334 -28.79 -11.08 26.41
C LEU C 334 -28.37 -10.34 27.67
N PRO C 335 -27.63 -10.97 28.58
CA PRO C 335 -26.91 -10.20 29.60
C PRO C 335 -25.78 -9.42 28.96
N CYS C 336 -25.43 -8.28 29.55
CA CYS C 336 -24.47 -7.37 28.95
C CYS C 336 -23.02 -7.64 29.33
N ARG C 337 -22.75 -8.56 30.28
CA ARG C 337 -21.38 -8.82 30.71
C ARG C 337 -20.44 -9.03 29.52
N GLN C 338 -20.87 -9.83 28.54
CA GLN C 338 -19.99 -10.24 27.44
C GLN C 338 -19.49 -9.05 26.61
N PHE C 339 -20.27 -7.96 26.53
CA PHE C 339 -19.85 -6.79 25.74
C PHE C 339 -18.72 -6.04 26.42
N HIS C 340 -18.60 -6.20 27.72
CA HIS C 340 -17.51 -5.59 28.48
C HIS C 340 -16.37 -6.60 28.56
N TRP C 341 -15.71 -6.74 27.40
CA TRP C 341 -14.75 -7.79 27.15
C TRP C 341 -13.49 -7.67 27.98
N ALA C 342 -13.29 -6.52 28.63
CA ALA C 342 -12.14 -6.32 29.50
C ALA C 342 -12.51 -6.28 30.98
N GLU C 343 -13.77 -6.01 31.31
CA GLU C 343 -14.19 -5.80 32.68
C GLU C 343 -15.67 -6.16 32.75
N PRO C 344 -15.97 -7.46 32.73
CA PRO C 344 -17.37 -7.91 32.60
C PRO C 344 -18.28 -7.40 33.67
N SER C 345 -17.77 -7.17 34.90
CA SER C 345 -18.64 -6.67 35.94
C SER C 345 -19.22 -5.29 35.60
N ASP C 346 -18.61 -4.55 34.67
CA ASP C 346 -19.20 -3.27 34.26
C ASP C 346 -20.60 -3.44 33.68
N GLY C 347 -20.88 -4.60 33.09
CA GLY C 347 -22.19 -4.84 32.52
C GLY C 347 -23.08 -5.77 33.33
N ASP C 348 -22.75 -5.94 34.61
CA ASP C 348 -23.46 -6.93 35.43
C ASP C 348 -24.91 -6.55 35.70
N HIS C 349 -25.28 -5.29 35.49
CA HIS C 349 -26.62 -4.82 35.83
C HIS C 349 -27.40 -4.39 34.59
N MET C 350 -27.14 -5.00 33.44
CA MET C 350 -27.85 -4.63 32.24
C MET C 350 -28.15 -5.86 31.41
N VAL C 351 -29.21 -5.75 30.60
CA VAL C 351 -29.51 -6.70 29.53
C VAL C 351 -29.62 -5.91 28.23
N ARG C 352 -29.47 -6.62 27.12
CA ARG C 352 -29.65 -6.05 25.78
C ARG C 352 -30.81 -6.72 25.09
N ILE C 353 -31.64 -5.90 24.43
CA ILE C 353 -32.87 -6.32 23.75
C ILE C 353 -32.72 -5.98 22.27
N ALA C 354 -33.04 -6.95 21.41
CA ALA C 354 -33.02 -6.73 19.98
C ALA C 354 -34.32 -6.08 19.50
N LEU C 355 -34.19 -5.00 18.74
CA LEU C 355 -35.36 -4.27 18.22
C LEU C 355 -35.73 -4.62 16.78
N SER C 356 -34.85 -5.27 16.01
CA SER C 356 -35.19 -5.58 14.62
C SER C 356 -36.04 -6.85 14.62
N ARG C 357 -37.30 -6.67 15.03
CA ARG C 357 -38.26 -7.72 15.28
C ARG C 357 -39.64 -7.18 14.96
N SER C 358 -40.54 -8.06 14.53
CA SER C 358 -41.93 -7.63 14.40
C SER C 358 -42.43 -7.10 15.75
N THR C 359 -43.23 -6.04 15.70
CA THR C 359 -43.57 -5.32 16.92
C THR C 359 -44.33 -6.21 17.89
N GLU C 360 -45.20 -7.10 17.39
CA GLU C 360 -46.03 -7.92 18.26
C GLU C 360 -45.21 -8.87 19.13
N PRO C 361 -44.36 -9.74 18.57
CA PRO C 361 -43.53 -10.59 19.45
C PRO C 361 -42.61 -9.80 20.34
N LEU C 362 -42.12 -8.65 19.90
CA LEU C 362 -41.33 -7.82 20.77
C LEU C 362 -42.16 -7.35 21.96
N GLU C 363 -43.40 -6.93 21.71
CA GLU C 363 -44.29 -6.50 22.79
C GLU C 363 -44.51 -7.62 23.79
N LYS C 364 -44.76 -8.84 23.30
CA LYS C 364 -44.94 -9.97 24.22
C LYS C 364 -43.70 -10.13 25.10
N SER C 365 -42.52 -10.13 24.47
CA SER C 365 -41.28 -10.31 25.23
C SER C 365 -41.13 -9.26 26.32
N VAL C 366 -41.34 -7.99 25.95
CA VAL C 366 -41.13 -6.91 26.90
C VAL C 366 -42.23 -6.93 27.94
N GLN C 367 -43.40 -7.42 27.57
CA GLN C 367 -44.46 -7.70 28.54
C GLN C 367 -43.94 -8.60 29.64
N VAL C 368 -43.41 -9.77 29.25
CA VAL C 368 -42.85 -10.72 30.21
C VAL C 368 -41.78 -10.05 31.06
N LEU C 369 -40.81 -9.40 30.40
CA LEU C 369 -39.77 -8.72 31.15
C LEU C 369 -40.34 -7.78 32.20
N ARG C 370 -41.36 -6.99 31.83
CA ARG C 370 -41.95 -6.07 32.79
C ARG C 370 -42.48 -6.81 34.02
N THR C 371 -43.21 -7.89 33.82
CA THR C 371 -43.78 -8.56 34.97
C THR C 371 -42.69 -9.24 35.80
N VAL C 372 -41.63 -9.72 35.15
CA VAL C 372 -40.46 -10.25 35.87
C VAL C 372 -39.87 -9.18 36.78
N LEU C 373 -39.64 -7.98 36.24
CA LEU C 373 -39.01 -6.94 37.03
C LEU C 373 -39.94 -6.39 38.10
N GLU C 374 -41.25 -6.52 37.91
CA GLU C 374 -42.22 -6.00 38.87
C GLU C 374 -42.35 -6.92 40.07
N THR C 375 -42.28 -8.24 39.86
CA THR C 375 -42.26 -9.18 40.97
C THR C 375 -40.91 -9.14 41.68
N LEU D 23 -14.14 -14.61 -22.81
CA LEU D 23 -13.84 -16.04 -22.88
C LEU D 23 -12.97 -16.50 -21.71
N ASN D 24 -13.58 -16.60 -20.53
CA ASN D 24 -12.89 -16.99 -19.31
C ASN D 24 -12.93 -18.51 -19.20
N ILE D 25 -11.75 -19.15 -19.24
CA ILE D 25 -11.66 -20.59 -18.98
C ILE D 25 -10.66 -20.80 -17.85
N ALA D 26 -10.64 -19.85 -16.91
CA ALA D 26 -9.67 -19.86 -15.82
C ALA D 26 -10.31 -20.33 -14.52
N ASP D 27 -11.27 -19.58 -13.99
CA ASP D 27 -11.83 -19.88 -12.68
C ASP D 27 -12.62 -21.20 -12.70
N GLY D 28 -12.45 -21.99 -11.63
CA GLY D 28 -13.05 -23.30 -11.63
C GLY D 28 -14.54 -23.34 -11.37
N HIS D 29 -15.15 -22.24 -10.92
CA HIS D 29 -16.56 -22.30 -10.60
C HIS D 29 -17.39 -22.48 -11.86
N ALA D 30 -18.63 -22.92 -11.65
CA ALA D 30 -19.47 -23.40 -12.75
C ALA D 30 -20.21 -22.21 -13.35
N ARG D 31 -20.08 -22.02 -14.67
CA ARG D 31 -20.72 -20.93 -15.39
C ARG D 31 -21.58 -21.39 -16.55
N GLN D 32 -21.80 -22.69 -16.70
CA GLN D 32 -22.66 -23.15 -17.77
C GLN D 32 -24.13 -22.80 -17.45
N ALA D 33 -24.98 -22.94 -18.46
CA ALA D 33 -26.40 -22.71 -18.27
C ALA D 33 -26.99 -23.68 -17.26
N LEU D 34 -27.98 -23.19 -16.51
CA LEU D 34 -28.82 -24.07 -15.71
C LEU D 34 -29.49 -25.11 -16.58
N SER D 35 -29.65 -26.32 -16.03
CA SER D 35 -30.55 -27.29 -16.63
C SER D 35 -32.00 -26.84 -16.45
N PRO D 36 -32.92 -27.38 -17.25
CA PRO D 36 -34.34 -27.07 -17.03
C PRO D 36 -34.79 -27.37 -15.61
N GLY D 37 -34.31 -28.47 -15.02
CA GLY D 37 -34.68 -28.79 -13.65
C GLY D 37 -34.11 -27.81 -12.65
N GLN D 38 -32.92 -27.28 -12.93
CA GLN D 38 -32.34 -26.29 -12.03
C GLN D 38 -33.01 -24.93 -12.20
N GLN D 39 -33.43 -24.59 -13.41
CA GLN D 39 -34.15 -23.34 -13.59
C GLN D 39 -35.48 -23.35 -12.83
N LYS D 40 -36.13 -24.53 -12.74
CA LYS D 40 -37.35 -24.65 -11.95
C LYS D 40 -37.10 -24.28 -10.50
N ILE D 41 -35.91 -24.64 -9.99
CA ILE D 41 -35.57 -24.27 -8.62
C ILE D 41 -35.44 -22.76 -8.48
N VAL D 42 -34.74 -22.14 -9.43
CA VAL D 42 -34.54 -20.69 -9.38
C VAL D 42 -35.88 -19.97 -9.47
N ASN D 43 -36.80 -20.48 -10.28
CA ASN D 43 -38.12 -19.87 -10.39
C ASN D 43 -38.88 -19.92 -9.08
N GLU D 44 -38.58 -20.91 -8.22
CA GLU D 44 -39.23 -21.07 -6.92
C GLU D 44 -38.52 -20.35 -5.78
N LEU D 45 -37.53 -19.52 -6.08
CA LEU D 45 -36.83 -18.81 -5.01
C LEU D 45 -37.77 -18.05 -4.09
N PRO D 46 -38.81 -17.35 -4.56
CA PRO D 46 -39.69 -16.68 -3.60
C PRO D 46 -40.40 -17.63 -2.67
N VAL D 47 -40.70 -18.85 -3.12
CA VAL D 47 -41.29 -19.84 -2.24
C VAL D 47 -40.27 -20.36 -1.24
N LEU D 48 -39.05 -20.61 -1.71
CA LEU D 48 -37.97 -21.01 -0.80
C LEU D 48 -37.68 -19.93 0.23
N TRP D 49 -37.79 -18.66 -0.17
CA TRP D 49 -37.66 -17.56 0.80
C TRP D 49 -38.73 -17.66 1.88
N ALA D 50 -39.98 -17.82 1.47
CA ALA D 50 -41.07 -17.92 2.44
C ALA D 50 -40.83 -19.08 3.39
N GLU D 51 -40.43 -20.24 2.84
CA GLU D 51 -40.07 -21.37 3.69
C GLU D 51 -38.96 -20.99 4.66
N SER D 52 -37.93 -20.29 4.17
CA SER D 52 -36.80 -19.94 5.02
C SER D 52 -37.20 -18.96 6.11
N GLU D 53 -38.21 -18.13 5.86
CA GLU D 53 -38.74 -17.25 6.89
C GLU D 53 -39.52 -18.02 7.94
N GLN D 54 -40.19 -19.09 7.54
CA GLN D 54 -41.15 -19.76 8.40
C GLN D 54 -40.53 -20.84 9.27
N ARG D 55 -39.59 -21.65 8.72
CA ARG D 55 -39.11 -22.82 9.43
C ARG D 55 -37.84 -22.53 10.20
N PRO D 56 -37.55 -23.33 11.23
CA PRO D 56 -36.25 -23.22 11.90
C PRO D 56 -35.13 -23.55 10.92
N VAL D 57 -34.06 -22.75 10.98
CA VAL D 57 -32.95 -22.93 10.05
C VAL D 57 -32.32 -24.30 10.23
N GLN D 58 -32.33 -24.81 11.47
CA GLN D 58 -31.75 -26.11 11.76
C GLN D 58 -32.42 -27.21 10.96
N GLN D 59 -33.74 -27.13 10.79
CA GLN D 59 -34.44 -28.14 10.01
C GLN D 59 -34.05 -28.07 8.54
N ILE D 60 -33.99 -26.86 7.97
CA ILE D 60 -33.56 -26.72 6.59
C ILE D 60 -32.11 -27.18 6.46
N GLU D 61 -31.27 -26.83 7.45
CA GLU D 61 -29.87 -27.24 7.41
C GLU D 61 -29.74 -28.75 7.40
N SER D 62 -30.47 -29.44 8.29
N SER D 62 -30.47 -29.43 8.29
CA SER D 62 -30.39 -30.90 8.36
CA SER D 62 -30.39 -30.90 8.36
C SER D 62 -30.82 -31.53 7.04
C SER D 62 -30.81 -31.53 7.04
N GLU D 63 -31.84 -30.96 6.38
CA GLU D 63 -32.31 -31.50 5.12
C GLU D 63 -31.29 -31.29 4.01
N ALA D 64 -30.63 -30.12 4.01
CA ALA D 64 -29.60 -29.85 3.00
C ALA D 64 -28.43 -30.80 3.17
N HIS D 65 -27.96 -30.99 4.40
CA HIS D 65 -26.86 -31.91 4.62
C HIS D 65 -27.25 -33.31 4.21
N GLN D 66 -28.42 -33.78 4.65
CA GLN D 66 -28.84 -35.12 4.31
C GLN D 66 -28.90 -35.31 2.79
N ALA D 67 -29.47 -34.36 2.06
CA ALA D 67 -29.56 -34.47 0.61
C ALA D 67 -28.18 -34.51 -0.04
N TYR D 68 -27.28 -33.61 0.37
CA TYR D 68 -25.97 -33.54 -0.25
C TYR D 68 -25.11 -34.75 0.09
N PHE D 69 -25.02 -35.11 1.37
CA PHE D 69 -24.16 -36.24 1.72
C PHE D 69 -24.68 -37.53 1.10
N THR D 70 -26.00 -37.77 1.13
CA THR D 70 -26.50 -39.04 0.62
C THR D 70 -26.36 -39.10 -0.90
N LEU D 71 -26.61 -37.96 -1.57
CA LEU D 71 -26.35 -37.85 -3.01
C LEU D 71 -24.99 -38.40 -3.40
N LEU D 72 -23.97 -38.13 -2.59
CA LEU D 72 -22.60 -38.46 -2.94
C LEU D 72 -22.07 -39.68 -2.17
N GLY D 73 -22.97 -40.50 -1.63
CA GLY D 73 -22.58 -41.77 -1.03
C GLY D 73 -22.06 -41.71 0.39
N GLN D 74 -22.14 -40.55 1.04
CA GLN D 74 -21.50 -40.36 2.35
C GLN D 74 -22.50 -40.63 3.48
N HIS D 75 -23.02 -41.85 3.47
CA HIS D 75 -24.16 -42.18 4.33
C HIS D 75 -23.83 -42.10 5.80
N GLY D 76 -22.58 -42.36 6.15
CA GLY D 76 -22.13 -42.41 7.52
C GLY D 76 -21.75 -41.08 8.12
N TYR D 77 -22.04 -39.97 7.44
CA TYR D 77 -21.69 -38.67 8.00
C TYR D 77 -22.38 -38.50 9.35
N PRO D 78 -21.76 -37.78 10.27
CA PRO D 78 -22.38 -37.54 11.58
C PRO D 78 -23.52 -36.56 11.48
N ALA D 79 -24.73 -37.04 11.74
CA ALA D 79 -25.94 -36.28 11.48
C ALA D 79 -26.47 -35.57 12.72
N GLU D 80 -25.82 -35.71 13.85
CA GLU D 80 -26.26 -34.99 15.03
C GLU D 80 -26.02 -33.48 14.83
N PRO D 81 -26.92 -32.62 15.30
CA PRO D 81 -26.69 -31.17 15.12
C PRO D 81 -25.39 -30.73 15.78
N GLY D 82 -24.68 -29.84 15.09
CA GLY D 82 -23.42 -29.32 15.55
C GLY D 82 -22.21 -30.06 15.03
N ARG D 83 -22.39 -31.24 14.44
CA ARG D 83 -21.24 -31.99 13.96
C ARG D 83 -20.83 -31.59 12.56
N VAL D 84 -21.74 -31.06 11.76
CA VAL D 84 -21.42 -30.49 10.46
C VAL D 84 -21.64 -28.99 10.58
N LEU D 85 -20.56 -28.21 10.47
CA LEU D 85 -20.61 -26.75 10.58
C LEU D 85 -20.70 -26.16 9.18
N SER D 86 -21.81 -25.49 8.88
CA SER D 86 -21.99 -24.90 7.55
C SER D 86 -21.31 -23.54 7.54
N CYS D 87 -20.41 -23.35 6.59
CA CYS D 87 -19.60 -22.14 6.44
C CYS D 87 -19.95 -21.45 5.13
N TYR D 88 -19.64 -20.16 5.06
CA TYR D 88 -19.92 -19.40 3.82
C TYR D 88 -19.27 -20.02 2.61
N SER D 89 -18.13 -20.66 2.78
CA SER D 89 -17.38 -21.25 1.68
C SER D 89 -16.43 -22.28 2.26
N SER D 90 -15.90 -23.11 1.36
CA SER D 90 -14.87 -24.07 1.74
C SER D 90 -13.59 -23.36 2.19
N SER D 91 -13.25 -22.22 1.59
CA SER D 91 -12.05 -21.51 2.04
C SER D 91 -12.27 -20.87 3.41
N VAL D 92 -13.50 -20.47 3.75
CA VAL D 92 -13.74 -20.04 5.12
C VAL D 92 -13.55 -21.23 6.07
N SER D 93 -14.07 -22.41 5.71
CA SER D 93 -13.84 -23.61 6.52
C SER D 93 -12.35 -23.84 6.69
N MET D 94 -11.60 -23.64 5.60
CA MET D 94 -10.16 -23.86 5.61
C MET D 94 -9.44 -22.84 6.50
N GLU D 95 -9.86 -21.58 6.49
CA GLU D 95 -9.32 -20.59 7.43
C GLU D 95 -9.55 -21.01 8.88
N ILE D 96 -10.75 -21.48 9.18
CA ILE D 96 -11.06 -21.97 10.53
C ILE D 96 -10.14 -23.13 10.89
N LEU D 97 -10.01 -24.09 10.00
CA LEU D 97 -9.15 -25.24 10.22
C LEU D 97 -7.72 -24.82 10.42
N ALA D 98 -7.21 -23.95 9.55
CA ALA D 98 -5.81 -23.54 9.61
C ALA D 98 -5.52 -22.82 10.92
N ARG D 99 -6.40 -21.88 11.30
CA ARG D 99 -6.15 -21.20 12.56
C ARG D 99 -6.30 -22.16 13.73
N SER D 100 -7.20 -23.13 13.64
CA SER D 100 -7.33 -24.13 14.71
C SER D 100 -6.07 -24.99 14.81
N LEU D 101 -5.55 -25.43 13.66
CA LEU D 101 -4.31 -26.21 13.66
C LEU D 101 -3.18 -25.46 14.34
N SER D 102 -3.09 -24.14 14.14
CA SER D 102 -1.95 -23.40 14.63
C SER D 102 -1.92 -23.38 16.15
N ALA D 103 -3.01 -23.78 16.82
CA ALA D 103 -3.00 -23.85 18.29
C ALA D 103 -2.05 -24.92 18.81
N SER D 104 -1.83 -26.01 18.04
CA SER D 104 -1.06 -27.15 18.53
C SER D 104 -0.19 -27.82 17.49
N VAL D 105 -0.13 -27.31 16.27
CA VAL D 105 0.57 -27.95 15.18
C VAL D 105 1.55 -26.94 14.58
N ASP D 106 2.76 -27.38 14.27
CA ASP D 106 3.77 -26.54 13.66
C ASP D 106 3.94 -26.78 12.17
N ARG D 107 3.71 -28.01 11.73
CA ARG D 107 4.03 -28.42 10.38
C ARG D 107 2.94 -29.35 9.86
N VAL D 108 2.62 -29.18 8.57
CA VAL D 108 1.54 -29.92 7.90
C VAL D 108 2.10 -30.56 6.64
N ALA D 109 1.81 -31.84 6.43
CA ALA D 109 2.12 -32.51 5.18
C ALA D 109 0.96 -32.28 4.21
N LEU D 110 1.24 -31.77 3.02
CA LEU D 110 0.21 -31.33 2.10
C LEU D 110 0.48 -31.87 0.71
N VAL D 111 -0.56 -32.43 0.09
CA VAL D 111 -0.37 -33.01 -1.23
C VAL D 111 0.08 -31.91 -2.20
N HIS D 112 0.93 -32.30 -3.15
CA HIS D 112 1.54 -31.36 -4.07
C HIS D 112 1.52 -31.99 -5.46
N PRO D 113 1.01 -31.29 -6.48
CA PRO D 113 0.36 -29.97 -6.48
C PRO D 113 -1.00 -30.04 -5.84
N THR D 114 -1.57 -28.90 -5.48
CA THR D 114 -2.98 -28.83 -5.11
C THR D 114 -3.43 -27.39 -5.26
N PHE D 115 -4.69 -27.16 -4.89
CA PHE D 115 -5.35 -25.86 -4.90
C PHE D 115 -4.53 -24.93 -3.99
N ASP D 116 -3.92 -23.88 -4.52
CA ASP D 116 -2.86 -23.22 -3.75
C ASP D 116 -3.41 -22.43 -2.57
N ASN D 117 -4.70 -22.08 -2.56
CA ASN D 117 -5.25 -21.38 -1.41
C ASN D 117 -5.08 -22.18 -0.13
N ILE D 118 -5.07 -23.53 -0.23
CA ILE D 118 -4.87 -24.33 0.97
C ILE D 118 -3.51 -24.02 1.58
N ALA D 119 -2.48 -24.02 0.73
CA ALA D 119 -1.14 -23.72 1.21
C ALA D 119 -1.08 -22.30 1.73
N ASP D 120 -1.72 -21.36 1.04
CA ASP D 120 -1.64 -19.98 1.49
C ASP D 120 -2.33 -19.76 2.83
N LEU D 121 -3.47 -20.43 3.06
CA LEU D 121 -4.16 -20.30 4.34
C LEU D 121 -3.38 -20.96 5.46
N LEU D 122 -2.83 -22.15 5.21
CA LEU D 122 -1.97 -22.79 6.20
C LEU D 122 -0.73 -21.94 6.52
N ARG D 123 -0.01 -21.51 5.50
N ARG D 123 0.01 -21.54 5.50
CA ARG D 123 1.17 -20.69 5.70
CA ARG D 123 1.18 -20.68 5.71
C ARG D 123 0.82 -19.38 6.40
C ARG D 123 0.79 -19.40 6.45
N GLY D 124 -0.31 -18.77 6.05
CA GLY D 124 -0.67 -17.50 6.65
C GLY D 124 -1.01 -17.61 8.12
N ASN D 125 -1.43 -18.79 8.57
CA ASN D 125 -1.71 -19.02 9.97
C ASN D 125 -0.52 -19.62 10.69
N GLY D 126 0.66 -19.55 10.09
CA GLY D 126 1.88 -19.88 10.78
C GLY D 126 2.33 -21.31 10.64
N LEU D 127 1.71 -22.11 9.77
CA LEU D 127 2.10 -23.53 9.62
C LEU D 127 3.22 -23.65 8.59
N ASP D 128 4.24 -24.45 8.92
CA ASP D 128 5.22 -24.85 7.92
C ASP D 128 4.63 -26.00 7.10
N LEU D 129 5.05 -26.11 5.86
CA LEU D 129 4.44 -27.06 4.93
C LEU D 129 5.49 -28.03 4.44
N VAL D 130 5.10 -29.29 4.32
CA VAL D 130 5.96 -30.32 3.76
C VAL D 130 5.21 -30.92 2.58
N PRO D 131 5.73 -30.83 1.35
CA PRO D 131 4.97 -31.38 0.21
C PRO D 131 5.05 -32.89 0.16
N VAL D 132 3.93 -33.48 -0.20
CA VAL D 132 3.85 -34.91 -0.50
C VAL D 132 3.41 -35.05 -1.95
N GLU D 133 4.27 -35.61 -2.79
CA GLU D 133 3.89 -35.78 -4.20
C GLU D 133 2.82 -36.86 -4.30
N GLU D 134 2.06 -36.81 -5.40
CA GLU D 134 0.95 -37.74 -5.53
C GLU D 134 1.40 -39.18 -5.60
N ASP D 135 2.56 -39.47 -6.22
CA ASP D 135 2.99 -40.86 -6.29
C ASP D 135 3.23 -41.42 -4.89
N ALA D 136 3.86 -40.63 -4.03
CA ALA D 136 4.10 -41.09 -2.67
C ALA D 136 2.80 -41.24 -1.89
N LEU D 137 1.86 -40.29 -2.08
CA LEU D 137 0.64 -40.29 -1.29
C LEU D 137 -0.22 -41.51 -1.63
N HIS D 138 -0.38 -41.78 -2.91
CA HIS D 138 -1.26 -42.86 -3.34
C HIS D 138 -0.59 -44.21 -3.34
N GLY D 139 0.71 -44.25 -3.58
CA GLY D 139 1.41 -45.47 -3.88
C GLY D 139 1.97 -46.21 -2.69
N ALA D 140 2.22 -45.52 -1.57
CA ALA D 140 2.92 -46.17 -0.46
C ALA D 140 2.48 -45.54 0.87
N ASP D 141 2.63 -46.32 1.94
CA ASP D 141 2.46 -45.73 3.28
C ASP D 141 3.36 -44.53 3.41
N LEU D 142 2.89 -43.52 4.16
CA LEU D 142 3.78 -42.41 4.45
C LEU D 142 4.86 -42.90 5.41
N SER D 143 6.05 -42.33 5.30
CA SER D 143 7.16 -42.79 6.13
C SER D 143 6.95 -42.37 7.58
N ALA D 144 7.53 -43.17 8.48
CA ALA D 144 7.52 -42.81 9.90
C ALA D 144 8.24 -41.49 10.12
N GLU D 145 9.31 -41.25 9.36
CA GLU D 145 10.02 -39.99 9.52
C GLU D 145 9.12 -38.79 9.19
N LEU D 146 8.36 -38.89 8.09
CA LEU D 146 7.44 -37.79 7.75
C LEU D 146 6.37 -37.63 8.84
N LEU D 147 5.69 -38.71 9.21
CA LEU D 147 4.60 -38.57 10.17
C LEU D 147 5.10 -38.12 11.52
N SER D 148 6.35 -38.45 11.86
CA SER D 148 6.89 -38.00 13.13
C SER D 148 7.24 -36.53 13.12
N SER D 149 7.12 -35.86 11.97
CA SER D 149 7.55 -34.50 11.83
C SER D 149 6.39 -33.54 11.54
N VAL D 150 5.15 -34.03 11.41
CA VAL D 150 3.99 -33.18 11.11
C VAL D 150 2.87 -33.52 12.08
N GLY D 151 2.00 -32.56 12.31
CA GLY D 151 0.84 -32.77 13.15
C GLY D 151 -0.46 -32.97 12.36
N CYS D 152 -0.38 -32.89 11.04
CA CYS D 152 -1.55 -33.01 10.19
C CYS D 152 -1.09 -33.42 8.80
N VAL D 153 -1.87 -34.29 8.15
CA VAL D 153 -1.71 -34.69 6.75
C VAL D 153 -2.97 -34.19 6.06
N PHE D 154 -2.80 -33.43 4.97
CA PHE D 154 -3.91 -32.76 4.28
C PHE D 154 -3.98 -33.25 2.84
N VAL D 155 -5.09 -33.85 2.47
CA VAL D 155 -5.28 -34.41 1.13
C VAL D 155 -6.51 -33.80 0.48
N THR D 156 -6.33 -33.24 -0.70
CA THR D 156 -7.42 -32.83 -1.56
C THR D 156 -7.80 -34.02 -2.44
N THR D 157 -9.04 -34.47 -2.34
CA THR D 157 -9.48 -35.62 -3.16
C THR D 157 -10.95 -35.50 -3.51
N PRO D 158 -11.29 -35.57 -4.83
CA PRO D 158 -10.39 -35.59 -5.98
C PRO D 158 -9.50 -34.38 -6.00
N ASN D 159 -8.24 -34.53 -6.39
CA ASN D 159 -7.34 -33.40 -6.29
C ASN D 159 -7.65 -32.38 -7.37
N ASN D 160 -7.40 -31.13 -7.02
CA ASN D 160 -7.43 -29.98 -7.95
C ASN D 160 -5.99 -29.55 -8.01
N PRO D 161 -5.35 -29.65 -9.20
CA PRO D 161 -5.91 -29.72 -10.55
C PRO D 161 -5.89 -31.09 -11.25
N THR D 162 -5.42 -32.14 -10.58
CA THR D 162 -5.10 -33.37 -11.29
C THR D 162 -6.26 -34.33 -11.45
N GLY D 163 -7.31 -34.15 -10.65
CA GLY D 163 -8.43 -35.09 -10.63
C GLY D 163 -8.13 -36.40 -9.95
N ARG D 164 -6.93 -36.58 -9.40
CA ARG D 164 -6.56 -37.87 -8.82
C ARG D 164 -7.41 -38.13 -7.57
N VAL D 165 -7.96 -39.33 -7.49
CA VAL D 165 -8.85 -39.72 -6.39
C VAL D 165 -8.11 -40.65 -5.44
N LEU D 166 -8.16 -40.34 -4.15
CA LEU D 166 -7.65 -41.22 -3.10
C LEU D 166 -8.59 -42.41 -2.95
N ALA D 167 -8.09 -43.58 -3.32
CA ALA D 167 -8.88 -44.81 -3.27
C ALA D 167 -9.16 -45.25 -1.84
N GLU D 168 -10.25 -46.00 -1.67
CA GLU D 168 -10.71 -46.38 -0.34
C GLU D 168 -9.62 -47.14 0.43
N GLU D 169 -8.90 -48.03 -0.24
CA GLU D 169 -7.89 -48.81 0.46
C GLU D 169 -6.76 -47.93 0.99
N ARG D 170 -6.37 -46.92 0.21
CA ARG D 170 -5.32 -46.01 0.65
C ARG D 170 -5.83 -45.05 1.71
N LEU D 171 -7.08 -44.57 1.58
CA LEU D 171 -7.65 -43.78 2.68
C LEU D 171 -7.66 -44.56 3.99
N ARG D 172 -8.07 -45.83 3.95
CA ARG D 172 -8.09 -46.63 5.16
C ARG D 172 -6.70 -46.75 5.77
N ARG D 173 -5.69 -47.07 4.94
CA ARG D 173 -4.34 -47.19 5.46
C ARG D 173 -3.83 -45.87 6.01
N LEU D 174 -4.09 -44.78 5.29
CA LEU D 174 -3.64 -43.46 5.75
C LEU D 174 -4.29 -43.06 7.07
N ALA D 175 -5.59 -43.32 7.18
CA ALA D 175 -6.30 -43.06 8.43
C ALA D 175 -5.76 -43.93 9.56
N GLU D 176 -5.44 -45.19 9.26
CA GLU D 176 -4.83 -46.05 10.27
C GLU D 176 -3.46 -45.51 10.69
N GLN D 177 -2.67 -45.03 9.72
CA GLN D 177 -1.36 -44.47 10.06
C GLN D 177 -1.51 -43.26 10.94
N CYS D 178 -2.43 -42.36 10.57
CA CYS D 178 -2.63 -41.16 11.38
C CYS D 178 -3.10 -41.53 12.79
N ALA D 179 -3.96 -42.54 12.91
CA ALA D 179 -4.43 -42.95 14.23
C ALA D 179 -3.26 -43.39 15.10
N GLU D 180 -2.34 -44.18 14.52
CA GLU D 180 -1.17 -44.70 15.25
C GLU D 180 -0.22 -43.59 15.67
N HIS D 181 -0.07 -42.58 14.81
CA HIS D 181 0.90 -41.53 15.01
C HIS D 181 0.35 -40.32 15.74
N GLY D 182 -0.95 -40.30 16.04
CA GLY D 182 -1.56 -39.17 16.70
C GLY D 182 -1.79 -37.97 15.80
N THR D 183 -1.78 -38.13 14.49
CA THR D 183 -1.81 -36.97 13.60
C THR D 183 -3.20 -36.79 13.02
N VAL D 184 -3.51 -35.53 12.74
CA VAL D 184 -4.80 -35.17 12.18
C VAL D 184 -4.79 -35.49 10.70
N LEU D 185 -5.82 -36.18 10.24
CA LEU D 185 -6.04 -36.37 8.81
C LEU D 185 -7.15 -35.42 8.34
N ALA D 186 -6.81 -34.53 7.41
CA ALA D 186 -7.74 -33.54 6.90
C ALA D 186 -7.94 -33.78 5.41
N LEU D 187 -9.19 -33.80 4.97
CA LEU D 187 -9.51 -33.96 3.55
C LEU D 187 -10.30 -32.78 3.04
N ASP D 188 -9.95 -32.32 1.82
CA ASP D 188 -10.71 -31.32 1.07
C ASP D 188 -11.40 -32.04 -0.10
N THR D 189 -12.73 -32.13 -0.07
CA THR D 189 -13.47 -32.96 -1.00
C THR D 189 -14.39 -32.12 -1.89
N SER D 190 -13.95 -30.91 -2.21
CA SER D 190 -14.74 -30.03 -3.08
C SER D 190 -15.14 -30.68 -4.40
N PHE D 191 -14.26 -31.48 -5.00
CA PHE D 191 -14.56 -32.08 -6.32
C PHE D 191 -15.28 -33.41 -6.22
N ARG D 192 -15.71 -33.80 -5.02
CA ARG D 192 -16.32 -35.12 -4.83
C ARG D 192 -17.40 -35.42 -5.87
N GLY D 193 -18.30 -34.47 -6.09
CA GLY D 193 -19.44 -34.72 -6.94
C GLY D 193 -19.10 -35.10 -8.37
N PHE D 194 -17.94 -34.70 -8.88
CA PHE D 194 -17.61 -34.97 -10.27
C PHE D 194 -17.20 -36.42 -10.54
N ASP D 195 -16.73 -37.16 -9.55
CA ASP D 195 -16.10 -38.45 -9.81
C ASP D 195 -16.69 -39.51 -8.89
N ALA D 196 -17.39 -40.49 -9.48
CA ALA D 196 -18.04 -41.53 -8.68
C ALA D 196 -17.04 -42.37 -7.92
N ALA D 197 -15.78 -42.35 -8.35
CA ALA D 197 -14.76 -43.07 -7.59
C ALA D 197 -14.57 -42.47 -6.20
N ALA D 198 -15.00 -41.23 -6.00
CA ALA D 198 -14.94 -40.58 -4.70
C ALA D 198 -16.23 -40.72 -3.92
N HIS D 199 -17.14 -41.60 -4.34
CA HIS D 199 -18.44 -41.73 -3.67
C HIS D 199 -18.54 -42.93 -2.75
N TYR D 200 -17.46 -43.69 -2.57
CA TYR D 200 -17.44 -44.60 -1.45
C TYR D 200 -17.54 -43.79 -0.18
N ASP D 201 -18.03 -44.41 0.89
CA ASP D 201 -18.33 -43.67 2.12
C ASP D 201 -17.02 -43.38 2.89
N HIS D 202 -16.58 -42.12 2.82
CA HIS D 202 -15.35 -41.71 3.50
C HIS D 202 -15.52 -41.68 5.01
N TYR D 203 -16.71 -41.29 5.48
CA TYR D 203 -16.96 -41.17 6.90
C TYR D 203 -16.93 -42.54 7.58
N ALA D 204 -17.39 -43.57 6.88
CA ALA D 204 -17.30 -44.92 7.43
C ALA D 204 -15.85 -45.32 7.62
N VAL D 205 -15.00 -45.06 6.61
CA VAL D 205 -13.58 -45.37 6.70
C VAL D 205 -12.94 -44.64 7.88
N LEU D 206 -13.18 -43.33 7.97
CA LEU D 206 -12.53 -42.53 8.99
C LEU D 206 -13.00 -42.93 10.38
N GLN D 207 -14.30 -43.14 10.54
CA GLN D 207 -14.82 -43.51 11.85
C GLN D 207 -14.35 -44.90 12.26
N GLU D 208 -14.18 -45.81 11.29
CA GLU D 208 -13.67 -47.14 11.63
C GLU D 208 -12.18 -47.11 11.99
N ALA D 209 -11.39 -46.25 11.33
CA ALA D 209 -9.98 -46.15 11.69
C ALA D 209 -9.78 -45.45 13.03
N GLY D 210 -10.66 -44.52 13.36
CA GLY D 210 -10.54 -43.87 14.64
C GLY D 210 -9.41 -42.86 14.75
N CYS D 211 -8.92 -42.32 13.64
CA CYS D 211 -7.98 -41.21 13.74
C CYS D 211 -8.72 -39.90 14.00
N ARG D 212 -7.95 -38.89 14.41
CA ARG D 212 -8.47 -37.53 14.44
C ARG D 212 -8.64 -37.07 13.01
N TRP D 213 -9.83 -36.60 12.64
CA TRP D 213 -10.06 -36.26 11.24
C TRP D 213 -10.95 -35.05 11.10
N VAL D 214 -10.78 -34.38 9.96
CA VAL D 214 -11.60 -33.26 9.53
C VAL D 214 -11.81 -33.44 8.03
N VAL D 215 -13.03 -33.22 7.56
CA VAL D 215 -13.34 -33.19 6.13
C VAL D 215 -14.03 -31.87 5.82
N ILE D 216 -13.58 -31.20 4.77
CA ILE D 216 -14.23 -29.99 4.30
C ILE D 216 -14.91 -30.33 2.98
N GLU D 217 -16.24 -30.48 3.01
CA GLU D 217 -17.04 -30.60 1.79
C GLU D 217 -17.29 -29.22 1.23
N ASP D 218 -17.68 -29.18 -0.04
CA ASP D 218 -17.92 -27.91 -0.71
C ASP D 218 -19.03 -28.14 -1.72
N THR D 219 -20.08 -27.33 -1.67
CA THR D 219 -21.10 -27.42 -2.72
C THR D 219 -20.79 -26.50 -3.88
N GLY D 220 -19.79 -25.64 -3.73
CA GLY D 220 -19.61 -24.52 -4.65
C GLY D 220 -19.12 -24.80 -6.07
N LEU D 222 -19.86 -27.61 -8.03
CA LEU D 222 -20.70 -28.54 -8.80
C LEU D 222 -21.66 -27.92 -9.77
N TRP D 223 -22.38 -26.92 -9.29
CA TRP D 223 -23.54 -26.41 -9.99
C TRP D 223 -23.39 -24.91 -10.24
N PRO D 224 -23.99 -24.41 -11.27
CA PRO D 224 -23.86 -22.96 -11.56
C PRO D 224 -24.87 -22.16 -10.75
N THR D 225 -24.52 -21.95 -9.48
CA THR D 225 -25.40 -21.28 -8.54
C THR D 225 -24.95 -19.87 -8.21
N LEU D 226 -24.21 -19.22 -9.11
CA LEU D 226 -23.80 -17.82 -8.91
C LEU D 226 -23.04 -17.69 -7.61
N ASP D 227 -22.22 -18.69 -7.31
CA ASP D 227 -21.39 -18.67 -6.10
C ASP D 227 -22.20 -18.71 -4.80
N LEU D 228 -23.45 -19.14 -4.87
CA LEU D 228 -24.26 -19.42 -3.69
C LEU D 228 -23.96 -20.86 -3.27
N LYS D 229 -23.41 -21.02 -2.06
CA LYS D 229 -22.74 -22.27 -1.75
C LYS D 229 -22.50 -22.34 -0.25
N ALA D 230 -22.00 -23.48 0.20
CA ALA D 230 -21.48 -23.60 1.55
C ALA D 230 -20.29 -24.54 1.57
N GLY D 231 -19.34 -24.24 2.45
CA GLY D 231 -18.38 -25.24 2.89
C GLY D 231 -18.95 -25.95 4.11
N LEU D 232 -18.75 -27.25 4.17
CA LEU D 232 -19.25 -28.04 5.29
C LEU D 232 -18.06 -28.62 6.04
N LEU D 233 -17.80 -28.10 7.24
CA LEU D 233 -16.67 -28.51 8.05
C LEU D 233 -17.14 -29.60 8.99
N VAL D 234 -16.65 -30.82 8.78
CA VAL D 234 -17.02 -32.00 9.56
C VAL D 234 -15.79 -32.50 10.30
N PHE D 235 -15.97 -32.89 11.56
CA PHE D 235 -14.79 -33.24 12.35
C PHE D 235 -15.12 -34.36 13.33
N SER D 236 -14.10 -35.13 13.65
CA SER D 236 -14.24 -36.20 14.63
C SER D 236 -14.46 -35.61 16.02
N GLU D 237 -15.15 -36.38 16.86
CA GLU D 237 -15.42 -35.92 18.22
C GLU D 237 -14.14 -35.62 18.98
N ASP D 238 -13.07 -36.37 18.72
CA ASP D 238 -11.79 -36.22 19.37
C ASP D 238 -10.79 -35.41 18.54
N ILE D 239 -11.28 -34.53 17.67
CA ILE D 239 -10.38 -33.80 16.79
C ILE D 239 -9.32 -33.07 17.59
N GLY D 240 -9.67 -32.58 18.77
CA GLY D 240 -8.70 -31.93 19.64
C GLY D 240 -8.11 -30.65 19.10
N LEU D 241 -8.86 -29.93 18.28
CA LEU D 241 -8.54 -28.61 17.76
C LEU D 241 -9.73 -27.71 18.05
N PRO D 242 -9.52 -26.40 18.22
CA PRO D 242 -10.64 -25.52 18.58
C PRO D 242 -11.50 -25.07 17.41
N VAL D 243 -11.86 -26.01 16.53
N VAL D 243 -11.88 -26.03 16.56
CA VAL D 243 -12.62 -25.63 15.34
CA VAL D 243 -12.62 -25.71 15.34
C VAL D 243 -13.98 -25.05 15.71
C VAL D 243 -14.00 -25.13 15.66
N GLU D 244 -14.68 -25.65 16.68
CA GLU D 244 -16.03 -25.14 17.00
C GLU D 244 -15.97 -23.72 17.55
N LYS D 245 -15.00 -23.43 18.41
CA LYS D 245 -14.89 -22.09 18.98
C LYS D 245 -14.54 -21.08 17.91
N ILE D 246 -13.56 -21.40 17.06
CA ILE D 246 -13.15 -20.45 16.02
C ILE D 246 -14.26 -20.26 15.00
N TYR D 247 -14.93 -21.35 14.61
CA TYR D 247 -16.11 -21.23 13.76
C TYR D 247 -17.06 -20.18 14.32
N SER D 248 -17.37 -20.28 15.61
CA SER D 248 -18.37 -19.38 16.20
C SER D 248 -17.88 -17.95 16.30
N ASP D 249 -16.56 -17.72 16.26
CA ASP D 249 -16.06 -16.36 16.18
C ASP D 249 -16.30 -15.76 14.81
N ILE D 250 -16.42 -16.58 13.78
CA ILE D 250 -16.57 -16.08 12.42
C ILE D 250 -18.04 -16.04 11.98
N LEU D 251 -18.86 -17.03 12.32
CA LEU D 251 -20.26 -16.94 11.93
C LEU D 251 -21.08 -17.85 12.83
N LEU D 252 -22.37 -17.54 12.92
CA LEU D 252 -23.38 -18.39 13.54
C LEU D 252 -23.92 -19.44 12.59
N GLY D 253 -23.91 -19.16 11.31
CA GLY D 253 -24.45 -20.08 10.34
C GLY D 253 -24.61 -19.37 9.02
N VAL D 254 -25.07 -20.13 8.03
CA VAL D 254 -25.24 -19.61 6.70
C VAL D 254 -26.72 -19.36 6.45
N SER D 255 -27.01 -18.64 5.39
CA SER D 255 -28.38 -18.27 5.06
C SER D 255 -29.27 -19.50 4.90
N PRO D 256 -30.48 -19.52 5.50
CA PRO D 256 -31.37 -20.64 5.22
C PRO D 256 -31.75 -20.71 3.76
N LEU D 257 -31.72 -19.59 3.03
CA LEU D 257 -32.07 -19.65 1.62
C LEU D 257 -31.03 -20.44 0.85
N ILE D 258 -29.75 -20.29 1.20
CA ILE D 258 -28.71 -21.02 0.52
C ILE D 258 -28.79 -22.49 0.89
N LEU D 259 -29.08 -22.79 2.16
CA LEU D 259 -29.26 -24.18 2.55
C LEU D 259 -30.44 -24.81 1.81
N ALA D 260 -31.52 -24.05 1.63
CA ALA D 260 -32.66 -24.57 0.88
C ALA D 260 -32.28 -24.82 -0.56
N LEU D 261 -31.50 -23.92 -1.16
CA LEU D 261 -31.03 -24.11 -2.52
C LEU D 261 -30.13 -25.35 -2.65
N ILE D 262 -29.22 -25.56 -1.68
CA ILE D 262 -28.41 -26.77 -1.72
C ILE D 262 -29.29 -28.00 -1.64
N ARG D 263 -30.27 -28.00 -0.73
CA ARG D 263 -31.21 -29.11 -0.64
C ARG D 263 -31.84 -29.40 -1.99
N GLU D 264 -32.33 -28.36 -2.67
CA GLU D 264 -33.06 -28.56 -3.92
C GLU D 264 -32.15 -28.98 -5.05
N PHE D 265 -30.98 -28.35 -5.18
CA PHE D 265 -30.04 -28.75 -6.22
C PHE D 265 -29.56 -30.18 -5.99
N SER D 266 -29.35 -30.59 -4.73
CA SER D 266 -28.97 -31.97 -4.46
C SER D 266 -30.07 -32.94 -4.85
N ARG D 267 -31.33 -32.58 -4.58
CA ARG D 267 -32.42 -33.49 -4.93
C ARG D 267 -32.56 -33.60 -6.44
N ASP D 268 -32.38 -32.49 -7.14
CA ASP D 268 -32.39 -32.53 -8.59
C ASP D 268 -31.26 -33.40 -9.10
N ALA D 269 -30.10 -33.28 -8.47
CA ALA D 269 -28.95 -34.09 -8.84
C ALA D 269 -29.25 -35.57 -8.63
N ALA D 270 -29.91 -35.90 -7.51
CA ALA D 270 -30.21 -37.29 -7.21
C ALA D 270 -31.20 -37.87 -8.21
N ASP D 271 -32.07 -37.05 -8.79
CA ASP D 271 -33.07 -37.52 -9.74
C ASP D 271 -32.58 -37.53 -11.18
N GLY D 272 -31.27 -37.60 -11.39
CA GLY D 272 -30.69 -37.67 -12.72
C GLY D 272 -29.83 -36.49 -13.10
N GLY D 273 -29.87 -35.39 -12.35
CA GLY D 273 -29.03 -34.25 -12.69
C GLY D 273 -27.54 -34.55 -12.57
N LEU D 274 -27.16 -35.40 -11.62
CA LEU D 274 -25.73 -35.69 -11.45
C LEU D 274 -25.20 -36.49 -12.61
N ALA D 275 -25.98 -37.47 -13.11
CA ALA D 275 -25.55 -38.17 -14.31
C ALA D 275 -25.45 -37.20 -15.48
N ASP D 276 -26.39 -36.26 -15.59
CA ASP D 276 -26.32 -35.29 -16.69
C ASP D 276 -25.09 -34.42 -16.56
N LEU D 277 -24.71 -34.04 -15.33
CA LEU D 277 -23.51 -33.24 -15.14
C LEU D 277 -22.27 -34.04 -15.56
N HIS D 278 -22.17 -35.29 -15.12
CA HIS D 278 -21.05 -36.13 -15.54
C HIS D 278 -20.94 -36.21 -17.04
N ALA D 279 -22.08 -36.41 -17.73
CA ALA D 279 -22.03 -36.50 -19.18
C ALA D 279 -21.59 -35.18 -19.79
N PHE D 280 -22.03 -34.07 -19.21
CA PHE D 280 -21.67 -32.75 -19.68
C PHE D 280 -20.17 -32.49 -19.55
N ILE D 281 -19.61 -32.76 -18.36
CA ILE D 281 -18.17 -32.56 -18.18
C ILE D 281 -17.38 -33.49 -19.11
N LEU D 282 -17.83 -34.72 -19.28
CA LEU D 282 -17.14 -35.63 -20.18
C LEU D 282 -17.15 -35.10 -21.62
N HIS D 283 -18.30 -34.59 -22.05
CA HIS D 283 -18.40 -33.97 -23.37
C HIS D 283 -17.40 -32.83 -23.51
N ASN D 284 -17.36 -31.92 -22.53
CA ASN D 284 -16.45 -30.79 -22.64
C ASN D 284 -15.00 -31.23 -22.58
N ARG D 285 -14.68 -32.21 -21.73
CA ARG D 285 -13.33 -32.75 -21.73
C ARG D 285 -12.97 -33.26 -23.13
N SER D 286 -13.89 -33.99 -23.74
CA SER D 286 -13.68 -34.49 -25.09
C SER D 286 -13.48 -33.37 -26.11
N VAL D 287 -14.23 -32.27 -26.01
CA VAL D 287 -14.04 -31.24 -27.03
C VAL D 287 -12.67 -30.60 -26.88
N VAL D 288 -12.21 -30.43 -25.64
CA VAL D 288 -10.86 -29.89 -25.40
C VAL D 288 -9.81 -30.77 -26.06
N ARG D 289 -9.86 -32.07 -25.77
CA ARG D 289 -8.82 -32.95 -26.27
C ARG D 289 -8.93 -33.08 -27.79
N ARG D 290 -10.15 -33.12 -28.31
CA ARG D 290 -10.33 -33.17 -29.76
C ARG D 290 -9.69 -31.96 -30.41
N ALA D 291 -9.93 -30.78 -29.84
CA ALA D 291 -9.43 -29.55 -30.44
C ALA D 291 -7.91 -29.46 -30.39
N LEU D 292 -7.30 -30.04 -29.35
CA LEU D 292 -5.86 -29.94 -29.17
C LEU D 292 -5.17 -31.22 -29.59
N ALA D 293 -5.96 -32.17 -30.10
CA ALA D 293 -5.57 -33.40 -30.80
C ALA D 293 -4.19 -33.38 -31.42
N GLY D 294 -4.09 -32.83 -32.63
CA GLY D 294 -2.81 -32.72 -33.29
C GLY D 294 -1.91 -31.85 -32.45
N VAL D 295 -1.51 -30.72 -33.01
CA VAL D 295 -0.62 -29.79 -32.30
C VAL D 295 0.56 -30.55 -31.74
N GLU D 296 1.71 -30.44 -32.42
CA GLU D 296 2.91 -31.10 -31.95
C GLU D 296 3.20 -30.68 -30.51
N GLY D 297 3.63 -31.66 -29.71
CA GLY D 297 4.14 -31.40 -28.38
C GLY D 297 3.09 -31.31 -27.28
N VAL D 298 1.80 -31.47 -27.61
CA VAL D 298 0.72 -31.34 -26.64
C VAL D 298 0.38 -32.70 -26.04
N SER D 299 0.16 -32.74 -24.74
CA SER D 299 -0.26 -33.97 -24.08
C SER D 299 -1.19 -33.62 -22.92
N PHE D 300 -1.89 -34.63 -22.44
CA PHE D 300 -2.86 -34.47 -21.36
C PHE D 300 -2.39 -35.27 -20.17
N PRO D 301 -1.86 -34.59 -19.13
CA PRO D 301 -1.21 -35.32 -18.03
C PRO D 301 -2.14 -36.16 -17.17
N ASP D 302 -3.45 -35.96 -17.23
CA ASP D 302 -4.40 -36.68 -16.37
C ASP D 302 -5.43 -37.38 -17.24
N PRO D 303 -5.03 -38.46 -17.92
CA PRO D 303 -5.93 -39.08 -18.90
C PRO D 303 -7.25 -39.54 -18.31
N GLU D 304 -7.27 -39.96 -17.06
CA GLU D 304 -8.49 -40.50 -16.46
C GLU D 304 -9.23 -39.49 -15.59
N SER D 305 -8.77 -38.25 -15.48
CA SER D 305 -9.51 -37.29 -14.66
C SER D 305 -10.97 -37.15 -15.09
N ARG D 306 -11.86 -37.03 -14.11
CA ARG D 306 -13.25 -36.65 -14.35
C ARG D 306 -13.58 -35.29 -13.76
N SER D 307 -12.57 -34.53 -13.34
CA SER D 307 -12.87 -33.29 -12.64
C SER D 307 -13.25 -32.23 -13.65
N SER D 308 -13.76 -31.11 -13.14
CA SER D 308 -14.23 -30.02 -13.98
C SER D 308 -13.13 -29.08 -14.44
N VAL D 309 -11.87 -29.39 -14.18
CA VAL D 309 -10.75 -28.66 -14.74
C VAL D 309 -9.83 -29.64 -15.45
N GLU D 310 -9.07 -29.12 -16.41
CA GLU D 310 -8.27 -29.96 -17.31
C GLU D 310 -6.89 -29.35 -17.49
N ARG D 311 -5.86 -30.16 -17.23
CA ARG D 311 -4.48 -29.75 -17.47
C ARG D 311 -4.09 -30.10 -18.90
N VAL D 312 -3.31 -29.21 -19.53
CA VAL D 312 -2.76 -29.42 -20.86
C VAL D 312 -1.26 -29.10 -20.79
N ALA D 313 -0.44 -30.03 -21.25
CA ALA D 313 1.00 -29.86 -21.27
C ALA D 313 1.45 -29.61 -22.71
N PHE D 314 2.56 -28.90 -22.84
CA PHE D 314 3.12 -28.56 -24.16
C PHE D 314 4.63 -28.46 -24.01
N ALA D 315 5.32 -28.45 -25.14
CA ALA D 315 6.78 -28.34 -25.15
C ALA D 315 7.20 -27.01 -25.75
N GLY D 316 8.42 -26.60 -25.42
CA GLY D 316 9.00 -25.40 -26.00
C GLY D 316 8.35 -24.09 -25.63
N ARG D 317 7.43 -24.08 -24.66
CA ARG D 317 6.86 -22.84 -24.15
C ARG D 317 6.50 -23.06 -22.69
N THR D 318 6.52 -21.97 -21.90
CA THR D 318 6.01 -22.06 -20.53
C THR D 318 4.52 -21.72 -20.50
N GLY D 319 3.85 -22.21 -19.45
CA GLY D 319 2.45 -21.85 -19.25
C GLY D 319 2.25 -20.37 -19.07
N THR D 320 3.24 -19.69 -18.50
CA THR D 320 3.15 -18.23 -18.39
C THR D 320 3.12 -17.60 -19.77
N GLU D 321 3.99 -18.06 -20.67
CA GLU D 321 4.03 -17.55 -22.04
C GLU D 321 2.72 -17.84 -22.77
N VAL D 322 2.19 -19.05 -22.64
CA VAL D 322 0.89 -19.35 -23.24
C VAL D 322 -0.19 -18.45 -22.67
N TRP D 323 -0.13 -18.21 -21.36
CA TRP D 323 -1.13 -17.36 -20.72
C TRP D 323 -1.07 -15.93 -21.26
N GLU D 324 0.13 -15.37 -21.42
CA GLU D 324 0.26 -14.02 -21.94
C GLU D 324 -0.24 -13.95 -23.39
N GLU D 325 0.08 -14.96 -24.19
CA GLU D 325 -0.36 -14.97 -25.58
C GLU D 325 -1.88 -15.03 -25.68
N LEU D 326 -2.50 -15.88 -24.86
CA LEU D 326 -3.95 -16.04 -24.90
C LEU D 326 -4.67 -14.75 -24.53
N GLN D 327 -4.14 -14.01 -23.57
CA GLN D 327 -4.85 -12.83 -23.05
C GLN D 327 -5.06 -11.78 -24.13
N ARG D 328 -4.10 -11.64 -25.03
CA ARG D 328 -4.27 -10.67 -26.11
C ARG D 328 -5.39 -11.06 -27.06
N HIS D 329 -5.73 -12.35 -27.12
CA HIS D 329 -6.95 -12.78 -27.78
C HIS D 329 -8.15 -12.75 -26.85
N HIS D 330 -8.02 -12.14 -25.68
CA HIS D 330 -9.11 -12.08 -24.70
C HIS D 330 -9.57 -13.48 -24.32
N VAL D 331 -8.62 -14.40 -24.21
CA VAL D 331 -8.86 -15.73 -23.64
C VAL D 331 -8.06 -15.82 -22.36
N PHE D 332 -8.71 -16.27 -21.29
CA PHE D 332 -8.10 -16.31 -19.96
C PHE D 332 -8.12 -17.75 -19.46
N ALA D 333 -6.93 -18.35 -19.41
CA ALA D 333 -6.67 -19.65 -18.79
C ALA D 333 -5.68 -19.44 -17.64
N LEU D 334 -5.36 -20.51 -16.91
CA LEU D 334 -4.45 -20.38 -15.80
C LEU D 334 -3.14 -21.10 -16.10
N PRO D 335 -1.99 -20.47 -15.91
CA PRO D 335 -0.75 -21.25 -15.82
C PRO D 335 -0.81 -22.19 -14.63
N CYS D 336 -0.09 -23.29 -14.73
CA CYS D 336 -0.11 -24.27 -13.65
C CYS D 336 0.92 -24.04 -12.56
N ARG D 337 1.83 -23.07 -12.71
CA ARG D 337 2.85 -22.84 -11.68
C ARG D 337 2.23 -22.76 -10.29
N GLN D 338 1.13 -22.02 -10.14
CA GLN D 338 0.62 -21.74 -8.80
C GLN D 338 0.17 -23.02 -8.06
N PHE D 339 -0.22 -24.06 -8.79
CA PHE D 339 -0.65 -25.28 -8.10
C PHE D 339 0.53 -26.07 -7.53
N HIS D 340 1.73 -25.90 -8.07
CA HIS D 340 2.92 -26.53 -7.54
C HIS D 340 3.52 -25.58 -6.50
N TRP D 341 2.80 -25.51 -5.38
CA TRP D 341 3.03 -24.51 -4.34
C TRP D 341 4.38 -24.66 -3.65
N ALA D 342 5.04 -25.81 -3.78
CA ALA D 342 6.36 -26.03 -3.19
C ALA D 342 7.50 -25.93 -4.20
N GLU D 343 7.24 -26.21 -5.47
CA GLU D 343 8.25 -26.13 -6.51
C GLU D 343 7.56 -25.70 -7.79
N PRO D 344 7.33 -24.38 -7.96
CA PRO D 344 6.46 -23.94 -9.06
C PRO D 344 6.94 -24.31 -10.44
N SER D 345 8.25 -24.48 -10.64
CA SER D 345 8.71 -24.82 -11.98
C SER D 345 8.21 -26.19 -12.42
N ASP D 346 7.81 -27.04 -11.47
CA ASP D 346 7.15 -28.29 -11.82
C ASP D 346 5.97 -28.09 -12.75
N GLY D 347 5.29 -26.95 -12.66
CA GLY D 347 4.12 -26.66 -13.46
C GLY D 347 4.40 -25.77 -14.66
N ASP D 348 5.67 -25.54 -15.00
CA ASP D 348 6.02 -24.55 -16.02
C ASP D 348 5.53 -24.88 -17.42
N HIS D 349 5.23 -26.14 -17.74
CA HIS D 349 4.88 -26.44 -19.12
C HIS D 349 3.44 -26.94 -19.22
N MET D 350 2.58 -26.38 -18.37
CA MET D 350 1.17 -26.72 -18.37
C MET D 350 0.32 -25.50 -18.12
N VAL D 351 -0.92 -25.56 -18.64
CA VAL D 351 -1.98 -24.62 -18.30
C VAL D 351 -3.19 -25.44 -17.88
N ARG D 352 -4.09 -24.80 -17.15
CA ARG D 352 -5.32 -25.45 -16.69
C ARG D 352 -6.51 -24.75 -17.33
N ILE D 353 -7.47 -25.56 -17.77
CA ILE D 353 -8.65 -25.10 -18.50
C ILE D 353 -9.89 -25.47 -17.69
N ALA D 354 -10.80 -24.51 -17.53
CA ALA D 354 -12.03 -24.76 -16.79
C ALA D 354 -13.08 -25.37 -17.72
N LEU D 355 -13.69 -26.47 -17.28
CA LEU D 355 -14.66 -27.19 -18.10
C LEU D 355 -16.11 -26.89 -17.75
N SER D 356 -16.36 -26.30 -16.58
CA SER D 356 -17.72 -25.98 -16.17
C SER D 356 -18.12 -24.69 -16.89
N ARG D 357 -18.37 -24.85 -18.19
CA ARG D 357 -18.63 -23.74 -19.10
C ARG D 357 -19.60 -24.23 -20.15
N SER D 358 -20.39 -23.32 -20.72
CA SER D 358 -21.13 -23.68 -21.91
C SER D 358 -20.17 -24.14 -23.00
N THR D 359 -20.56 -25.20 -23.71
CA THR D 359 -19.63 -25.81 -24.67
C THR D 359 -19.22 -24.83 -25.75
N GLU D 360 -20.14 -24.00 -26.25
CA GLU D 360 -19.79 -23.10 -27.35
C GLU D 360 -18.64 -22.17 -27.01
N PRO D 361 -18.71 -21.33 -25.97
CA PRO D 361 -17.52 -20.53 -25.61
C PRO D 361 -16.29 -21.35 -25.29
N LEU D 362 -16.48 -22.50 -24.67
CA LEU D 362 -15.34 -23.38 -24.39
C LEU D 362 -14.63 -23.73 -25.69
N GLU D 363 -15.39 -24.15 -26.71
CA GLU D 363 -14.77 -24.55 -27.96
C GLU D 363 -14.02 -23.38 -28.60
N LYS D 364 -14.62 -22.19 -28.60
CA LYS D 364 -13.93 -21.02 -29.16
C LYS D 364 -12.60 -20.81 -28.47
N SER D 365 -12.60 -20.85 -27.13
CA SER D 365 -11.37 -20.59 -26.39
C SER D 365 -10.29 -21.58 -26.75
N VAL D 366 -10.65 -22.87 -26.86
CA VAL D 366 -9.64 -23.88 -27.12
C VAL D 366 -9.17 -23.84 -28.57
N GLN D 367 -9.99 -23.38 -29.50
CA GLN D 367 -9.47 -23.17 -30.85
C GLN D 367 -8.49 -22.00 -30.86
N VAL D 368 -8.76 -20.97 -30.07
CA VAL D 368 -7.77 -19.91 -29.93
C VAL D 368 -6.49 -20.46 -29.30
N LEU D 369 -6.61 -21.32 -28.28
CA LEU D 369 -5.42 -21.93 -27.69
C LEU D 369 -4.67 -22.78 -28.71
N ARG D 370 -5.41 -23.47 -29.58
CA ARG D 370 -4.75 -24.22 -30.65
C ARG D 370 -3.89 -23.30 -31.52
N THR D 371 -4.46 -22.19 -32.00
CA THR D 371 -3.67 -21.27 -32.82
C THR D 371 -2.43 -20.80 -32.06
N VAL D 372 -2.57 -20.54 -30.76
CA VAL D 372 -1.43 -20.12 -29.95
C VAL D 372 -0.37 -21.21 -29.92
N LEU D 373 -0.78 -22.46 -29.72
CA LEU D 373 0.18 -23.53 -29.49
C LEU D 373 0.86 -24.03 -30.75
N GLU D 374 0.44 -23.56 -31.93
CA GLU D 374 1.16 -23.81 -33.17
C GLU D 374 1.86 -22.55 -33.67
N THR D 375 2.20 -21.65 -32.76
CA THR D 375 2.77 -20.36 -33.12
C THR D 375 1.90 -19.66 -34.15
#